data_2BK8
# 
_entry.id   2BK8 
# 
_audit_conform.dict_name       mmcif_pdbx.dic 
_audit_conform.dict_version    5.391 
_audit_conform.dict_location   http://mmcif.pdb.org/dictionaries/ascii/mmcif_pdbx.dic 
# 
loop_
_database_2.database_id 
_database_2.database_code 
_database_2.pdbx_database_accession 
_database_2.pdbx_DOI 
PDB   2BK8         pdb_00002bk8 10.2210/pdb2bk8/pdb 
PDBE  EBI-22938    ?            ?                   
WWPDB D_1290022938 ?            ?                   
# 
loop_
_pdbx_audit_revision_history.ordinal 
_pdbx_audit_revision_history.data_content_type 
_pdbx_audit_revision_history.major_revision 
_pdbx_audit_revision_history.minor_revision 
_pdbx_audit_revision_history.revision_date 
1 'Structure model' 1 0 2006-08-09 
2 'Structure model' 1 1 2011-07-13 
3 'Structure model' 1 2 2017-07-12 
4 'Structure model' 1 3 2019-07-24 
5 'Structure model' 1 4 2024-05-01 
# 
_pdbx_audit_revision_details.ordinal             1 
_pdbx_audit_revision_details.revision_ordinal    1 
_pdbx_audit_revision_details.data_content_type   'Structure model' 
_pdbx_audit_revision_details.provider            repository 
_pdbx_audit_revision_details.type                'Initial release' 
_pdbx_audit_revision_details.description         ? 
_pdbx_audit_revision_details.details             ? 
# 
loop_
_pdbx_audit_revision_group.ordinal 
_pdbx_audit_revision_group.revision_ordinal 
_pdbx_audit_revision_group.data_content_type 
_pdbx_audit_revision_group.group 
1 2 'Structure model' Advisory                    
2 2 'Structure model' 'Version format compliance' 
3 3 'Structure model' 'Refinement description'    
4 4 'Structure model' 'Data collection'           
5 5 'Structure model' 'Data collection'           
6 5 'Structure model' 'Database references'       
7 5 'Structure model' Other                       
8 5 'Structure model' 'Refinement description'    
# 
loop_
_pdbx_audit_revision_category.ordinal 
_pdbx_audit_revision_category.revision_ordinal 
_pdbx_audit_revision_category.data_content_type 
_pdbx_audit_revision_category.category 
1 3 'Structure model' software                      
2 4 'Structure model' diffrn_source                 
3 5 'Structure model' chem_comp_atom                
4 5 'Structure model' chem_comp_bond                
5 5 'Structure model' database_2                    
6 5 'Structure model' pdbx_database_status          
7 5 'Structure model' pdbx_initial_refinement_model 
# 
loop_
_pdbx_audit_revision_item.ordinal 
_pdbx_audit_revision_item.revision_ordinal 
_pdbx_audit_revision_item.data_content_type 
_pdbx_audit_revision_item.item 
1 3 'Structure model' '_software.name'                       
2 4 'Structure model' '_diffrn_source.pdbx_synchrotron_site' 
3 5 'Structure model' '_database_2.pdbx_DOI'                 
4 5 'Structure model' '_database_2.pdbx_database_accession'  
5 5 'Structure model' '_pdbx_database_status.status_code_sf' 
# 
_pdbx_database_status.status_code                     REL 
_pdbx_database_status.entry_id                        2BK8 
_pdbx_database_status.deposit_site                    PDBE 
_pdbx_database_status.process_site                    PDBE 
_pdbx_database_status.SG_entry                        . 
_pdbx_database_status.recvd_initial_deposition_date   2005-02-11 
_pdbx_database_status.pdb_format_compatible           Y 
_pdbx_database_status.status_code_sf                  REL 
_pdbx_database_status.status_code_mr                  ? 
_pdbx_database_status.status_code_cs                  ? 
_pdbx_database_status.methods_development_category    ? 
_pdbx_database_status.status_code_nmr_data            ? 
# 
loop_
_pdbx_database_related.db_name 
_pdbx_database_related.db_id 
_pdbx_database_related.content_type 
_pdbx_database_related.details 
PDB 1TNM unspecified 'TITIN MODULE M5 (CONNECTIN) (NMR, MINIMIZED AVERAGE STRUCTURE)' 
PDB 1TNN unspecified 'TITIN MODULE M5 (CONNECTIN) (NMR, 16 STRUCTURES)'               
# 
loop_
_audit_author.name 
_audit_author.pdbx_ordinal 
'Mueller, S.'  1 
'Kursula, I.'  2 
'Wilmanns, M.' 3 
# 
_citation.id                        primary 
_citation.title                     'Structure of M1 Domain from Titin' 
_citation.journal_abbrev            'To be Published' 
_citation.journal_volume            ? 
_citation.page_first                ? 
_citation.page_last                 ? 
_citation.year                      ? 
_citation.journal_id_ASTM           ? 
_citation.country                   ? 
_citation.journal_id_ISSN           ? 
_citation.journal_id_CSD            0353 
_citation.book_publisher            ? 
_citation.pdbx_database_id_PubMed   ? 
_citation.pdbx_database_id_DOI      ? 
# 
loop_
_citation_author.citation_id 
_citation_author.name 
_citation_author.ordinal 
_citation_author.identifier_ORCID 
primary 'Mueller, S.'  1 ? 
primary 'Kursula, I.'  2 ? 
primary 'Wilmanns, M.' 3 ? 
# 
loop_
_entity.id 
_entity.type 
_entity.src_method 
_entity.pdbx_description 
_entity.formula_weight 
_entity.pdbx_number_of_molecules 
_entity.pdbx_ec 
_entity.pdbx_mutation 
_entity.pdbx_fragment 
_entity.details 
1 polymer man 'TITIN HEART ISOFORM N2-B' 11043.252 1   2.7.1.- ? 'RESIDUES 25073-25166 (IG-LIKE DOMAIN)' ? 
2 water   nat water                      18.015    129 ?       ? ?                                       ? 
# 
_entity_name_com.entity_id   1 
_entity_name_com.name        'CONNECTIN, M1' 
# 
_entity_poly.entity_id                      1 
_entity_poly.type                           'polypeptide(L)' 
_entity_poly.nstd_linkage                   no 
_entity_poly.nstd_monomer                   no 
_entity_poly.pdbx_seq_one_letter_code       
;GAMVSGQIMHAVGEEGGHVKYVCKIENYDQSTQVTWYFGVRQLENSEKYEITYEDGVAILYVKDITKLDDGTYRCKVVND
YGEDSSYAELFVKGVRE
;
_entity_poly.pdbx_seq_one_letter_code_can   
;GAMVSGQIMHAVGEEGGHVKYVCKIENYDQSTQVTWYFGVRQLENSEKYEITYEDGVAILYVKDITKLDDGTYRCKVVND
YGEDSSYAELFVKGVRE
;
_entity_poly.pdbx_strand_id                 A 
_entity_poly.pdbx_target_identifier         ? 
# 
_pdbx_entity_nonpoly.entity_id   2 
_pdbx_entity_nonpoly.name        water 
_pdbx_entity_nonpoly.comp_id     HOH 
# 
loop_
_entity_poly_seq.entity_id 
_entity_poly_seq.num 
_entity_poly_seq.mon_id 
_entity_poly_seq.hetero 
1 1  GLY n 
1 2  ALA n 
1 3  MET n 
1 4  VAL n 
1 5  SER n 
1 6  GLY n 
1 7  GLN n 
1 8  ILE n 
1 9  MET n 
1 10 HIS n 
1 11 ALA n 
1 12 VAL n 
1 13 GLY n 
1 14 GLU n 
1 15 GLU n 
1 16 GLY n 
1 17 GLY n 
1 18 HIS n 
1 19 VAL n 
1 20 LYS n 
1 21 TYR n 
1 22 VAL n 
1 23 CYS n 
1 24 LYS n 
1 25 ILE n 
1 26 GLU n 
1 27 ASN n 
1 28 TYR n 
1 29 ASP n 
1 30 GLN n 
1 31 SER n 
1 32 THR n 
1 33 GLN n 
1 34 VAL n 
1 35 THR n 
1 36 TRP n 
1 37 TYR n 
1 38 PHE n 
1 39 GLY n 
1 40 VAL n 
1 41 ARG n 
1 42 GLN n 
1 43 LEU n 
1 44 GLU n 
1 45 ASN n 
1 46 SER n 
1 47 GLU n 
1 48 LYS n 
1 49 TYR n 
1 50 GLU n 
1 51 ILE n 
1 52 THR n 
1 53 TYR n 
1 54 GLU n 
1 55 ASP n 
1 56 GLY n 
1 57 VAL n 
1 58 ALA n 
1 59 ILE n 
1 60 LEU n 
1 61 TYR n 
1 62 VAL n 
1 63 LYS n 
1 64 ASP n 
1 65 ILE n 
1 66 THR n 
1 67 LYS n 
1 68 LEU n 
1 69 ASP n 
1 70 ASP n 
1 71 GLY n 
1 72 THR n 
1 73 TYR n 
1 74 ARG n 
1 75 CYS n 
1 76 LYS n 
1 77 VAL n 
1 78 VAL n 
1 79 ASN n 
1 80 ASP n 
1 81 TYR n 
1 82 GLY n 
1 83 GLU n 
1 84 ASP n 
1 85 SER n 
1 86 SER n 
1 87 TYR n 
1 88 ALA n 
1 89 GLU n 
1 90 LEU n 
1 91 PHE n 
1 92 VAL n 
1 93 LYS n 
1 94 GLY n 
1 95 VAL n 
1 96 ARG n 
1 97 GLU n 
# 
_entity_src_gen.entity_id                          1 
_entity_src_gen.pdbx_src_id                        1 
_entity_src_gen.pdbx_alt_source_flag               sample 
_entity_src_gen.pdbx_seq_type                      ? 
_entity_src_gen.pdbx_beg_seq_num                   ? 
_entity_src_gen.pdbx_end_seq_num                   ? 
_entity_src_gen.gene_src_common_name               HUMAN 
_entity_src_gen.gene_src_genus                     ? 
_entity_src_gen.pdbx_gene_src_gene                 ? 
_entity_src_gen.gene_src_species                   ? 
_entity_src_gen.gene_src_strain                    ? 
_entity_src_gen.gene_src_tissue                    MUSCLE 
_entity_src_gen.gene_src_tissue_fraction           ? 
_entity_src_gen.gene_src_details                   ? 
_entity_src_gen.pdbx_gene_src_fragment             ? 
_entity_src_gen.pdbx_gene_src_scientific_name      'HOMO SAPIENS' 
_entity_src_gen.pdbx_gene_src_ncbi_taxonomy_id     9606 
_entity_src_gen.pdbx_gene_src_variant              ? 
_entity_src_gen.pdbx_gene_src_cell_line            ? 
_entity_src_gen.pdbx_gene_src_atcc                 ? 
_entity_src_gen.pdbx_gene_src_organ                ? 
_entity_src_gen.pdbx_gene_src_organelle            ? 
_entity_src_gen.pdbx_gene_src_cell                 ? 
_entity_src_gen.pdbx_gene_src_cellular_location    ? 
_entity_src_gen.host_org_common_name               ? 
_entity_src_gen.pdbx_host_org_scientific_name      'ESCHERICHIA COLI' 
_entity_src_gen.pdbx_host_org_ncbi_taxonomy_id     469008 
_entity_src_gen.host_org_genus                     ? 
_entity_src_gen.pdbx_host_org_gene                 ? 
_entity_src_gen.pdbx_host_org_organ                ? 
_entity_src_gen.host_org_species                   ? 
_entity_src_gen.pdbx_host_org_tissue               ? 
_entity_src_gen.pdbx_host_org_tissue_fraction      ? 
_entity_src_gen.pdbx_host_org_strain               'BL21(DE3)' 
_entity_src_gen.pdbx_host_org_variant              ? 
_entity_src_gen.pdbx_host_org_cell_line            ? 
_entity_src_gen.pdbx_host_org_atcc                 ? 
_entity_src_gen.pdbx_host_org_culture_collection   ? 
_entity_src_gen.pdbx_host_org_cell                 ? 
_entity_src_gen.pdbx_host_org_organelle            ? 
_entity_src_gen.pdbx_host_org_cellular_location    ? 
_entity_src_gen.pdbx_host_org_vector_type          PLASMID 
_entity_src_gen.pdbx_host_org_vector               ? 
_entity_src_gen.host_org_details                   ? 
_entity_src_gen.expression_system_id               ? 
_entity_src_gen.plasmid_name                       PETM11 
_entity_src_gen.plasmid_details                    ? 
_entity_src_gen.pdbx_description                   ? 
# 
loop_
_chem_comp.id 
_chem_comp.type 
_chem_comp.mon_nstd_flag 
_chem_comp.name 
_chem_comp.pdbx_synonyms 
_chem_comp.formula 
_chem_comp.formula_weight 
ALA 'L-peptide linking' y ALANINE         ? 'C3 H7 N O2'     89.093  
ARG 'L-peptide linking' y ARGININE        ? 'C6 H15 N4 O2 1' 175.209 
ASN 'L-peptide linking' y ASPARAGINE      ? 'C4 H8 N2 O3'    132.118 
ASP 'L-peptide linking' y 'ASPARTIC ACID' ? 'C4 H7 N O4'     133.103 
CYS 'L-peptide linking' y CYSTEINE        ? 'C3 H7 N O2 S'   121.158 
GLN 'L-peptide linking' y GLUTAMINE       ? 'C5 H10 N2 O3'   146.144 
GLU 'L-peptide linking' y 'GLUTAMIC ACID' ? 'C5 H9 N O4'     147.129 
GLY 'peptide linking'   y GLYCINE         ? 'C2 H5 N O2'     75.067  
HIS 'L-peptide linking' y HISTIDINE       ? 'C6 H10 N3 O2 1' 156.162 
HOH non-polymer         . WATER           ? 'H2 O'           18.015  
ILE 'L-peptide linking' y ISOLEUCINE      ? 'C6 H13 N O2'    131.173 
LEU 'L-peptide linking' y LEUCINE         ? 'C6 H13 N O2'    131.173 
LYS 'L-peptide linking' y LYSINE          ? 'C6 H15 N2 O2 1' 147.195 
MET 'L-peptide linking' y METHIONINE      ? 'C5 H11 N O2 S'  149.211 
PHE 'L-peptide linking' y PHENYLALANINE   ? 'C9 H11 N O2'    165.189 
SER 'L-peptide linking' y SERINE          ? 'C3 H7 N O3'     105.093 
THR 'L-peptide linking' y THREONINE       ? 'C4 H9 N O3'     119.119 
TRP 'L-peptide linking' y TRYPTOPHAN      ? 'C11 H12 N2 O2'  204.225 
TYR 'L-peptide linking' y TYROSINE        ? 'C9 H11 N O3'    181.189 
VAL 'L-peptide linking' y VALINE          ? 'C5 H11 N O2'    117.146 
# 
loop_
_pdbx_poly_seq_scheme.asym_id 
_pdbx_poly_seq_scheme.entity_id 
_pdbx_poly_seq_scheme.seq_id 
_pdbx_poly_seq_scheme.mon_id 
_pdbx_poly_seq_scheme.ndb_seq_num 
_pdbx_poly_seq_scheme.pdb_seq_num 
_pdbx_poly_seq_scheme.auth_seq_num 
_pdbx_poly_seq_scheme.pdb_mon_id 
_pdbx_poly_seq_scheme.auth_mon_id 
_pdbx_poly_seq_scheme.pdb_strand_id 
_pdbx_poly_seq_scheme.pdb_ins_code 
_pdbx_poly_seq_scheme.hetero 
A 1 1  GLY 1  0  0  GLY GLY A . n 
A 1 2  ALA 2  1  1  ALA ALA A . n 
A 1 3  MET 3  2  2  MET MET A . n 
A 1 4  VAL 4  3  3  VAL VAL A . n 
A 1 5  SER 5  4  4  SER SER A . n 
A 1 6  GLY 6  5  5  GLY GLY A . n 
A 1 7  GLN 7  6  6  GLN GLN A . n 
A 1 8  ILE 8  7  7  ILE ILE A . n 
A 1 9  MET 9  8  8  MET MET A . n 
A 1 10 HIS 10 9  9  HIS HIS A . n 
A 1 11 ALA 11 10 10 ALA ALA A . n 
A 1 12 VAL 12 11 11 VAL VAL A . n 
A 1 13 GLY 13 12 12 GLY GLY A . n 
A 1 14 GLU 14 13 13 GLU GLU A . n 
A 1 15 GLU 15 14 14 GLU GLU A . n 
A 1 16 GLY 16 15 15 GLY GLY A . n 
A 1 17 GLY 17 16 16 GLY GLY A . n 
A 1 18 HIS 18 17 17 HIS HIS A . n 
A 1 19 VAL 19 18 18 VAL VAL A . n 
A 1 20 LYS 20 19 19 LYS LYS A . n 
A 1 21 TYR 21 20 20 TYR TYR A . n 
A 1 22 VAL 22 21 21 VAL VAL A . n 
A 1 23 CYS 23 22 22 CYS CYS A . n 
A 1 24 LYS 24 23 23 LYS LYS A . n 
A 1 25 ILE 25 24 24 ILE ILE A . n 
A 1 26 GLU 26 25 25 GLU GLU A . n 
A 1 27 ASN 27 26 26 ASN ASN A . n 
A 1 28 TYR 28 27 27 TYR TYR A . n 
A 1 29 ASP 29 28 28 ASP ASP A . n 
A 1 30 GLN 30 29 29 GLN GLN A . n 
A 1 31 SER 31 30 30 SER SER A . n 
A 1 32 THR 32 31 31 THR THR A . n 
A 1 33 GLN 33 32 32 GLN GLN A . n 
A 1 34 VAL 34 33 33 VAL VAL A . n 
A 1 35 THR 35 34 34 THR THR A . n 
A 1 36 TRP 36 35 35 TRP TRP A . n 
A 1 37 TYR 37 36 36 TYR TYR A . n 
A 1 38 PHE 38 37 37 PHE PHE A . n 
A 1 39 GLY 39 38 38 GLY GLY A . n 
A 1 40 VAL 40 39 39 VAL VAL A . n 
A 1 41 ARG 41 40 40 ARG ARG A . n 
A 1 42 GLN 42 41 41 GLN GLN A . n 
A 1 43 LEU 43 42 42 LEU LEU A . n 
A 1 44 GLU 44 43 43 GLU GLU A . n 
A 1 45 ASN 45 44 44 ASN ASN A . n 
A 1 46 SER 46 45 45 SER SER A . n 
A 1 47 GLU 47 46 46 GLU GLU A . n 
A 1 48 LYS 48 47 47 LYS LYS A . n 
A 1 49 TYR 49 48 48 TYR TYR A . n 
A 1 50 GLU 50 49 49 GLU GLU A . n 
A 1 51 ILE 51 50 50 ILE ILE A . n 
A 1 52 THR 52 51 51 THR THR A . n 
A 1 53 TYR 53 52 52 TYR TYR A . n 
A 1 54 GLU 54 53 53 GLU GLU A . n 
A 1 55 ASP 55 54 54 ASP ASP A . n 
A 1 56 GLY 56 55 55 GLY GLY A . n 
A 1 57 VAL 57 56 56 VAL VAL A . n 
A 1 58 ALA 58 57 57 ALA ALA A . n 
A 1 59 ILE 59 58 58 ILE ILE A . n 
A 1 60 LEU 60 59 59 LEU LEU A . n 
A 1 61 TYR 61 60 60 TYR TYR A . n 
A 1 62 VAL 62 61 61 VAL VAL A . n 
A 1 63 LYS 63 62 62 LYS LYS A . n 
A 1 64 ASP 64 63 63 ASP ASP A . n 
A 1 65 ILE 65 64 64 ILE ILE A . n 
A 1 66 THR 66 65 65 THR THR A . n 
A 1 67 LYS 67 66 66 LYS LYS A . n 
A 1 68 LEU 68 67 67 LEU LEU A . n 
A 1 69 ASP 69 68 68 ASP ASP A . n 
A 1 70 ASP 70 69 69 ASP ASP A . n 
A 1 71 GLY 71 70 70 GLY GLY A . n 
A 1 72 THR 72 71 71 THR THR A . n 
A 1 73 TYR 73 72 72 TYR TYR A . n 
A 1 74 ARG 74 73 73 ARG ARG A . n 
A 1 75 CYS 75 74 74 CYS CYS A . n 
A 1 76 LYS 76 75 75 LYS LYS A . n 
A 1 77 VAL 77 76 76 VAL VAL A . n 
A 1 78 VAL 78 77 77 VAL VAL A . n 
A 1 79 ASN 79 78 78 ASN ASN A . n 
A 1 80 ASP 80 79 79 ASP ASP A . n 
A 1 81 TYR 81 80 80 TYR TYR A . n 
A 1 82 GLY 82 81 81 GLY GLY A . n 
A 1 83 GLU 83 82 82 GLU GLU A . n 
A 1 84 ASP 84 83 83 ASP ASP A . n 
A 1 85 SER 85 84 84 SER SER A . n 
A 1 86 SER 86 85 85 SER SER A . n 
A 1 87 TYR 87 86 86 TYR TYR A . n 
A 1 88 ALA 88 87 87 ALA ALA A . n 
A 1 89 GLU 89 88 88 GLU GLU A . n 
A 1 90 LEU 90 89 89 LEU LEU A . n 
A 1 91 PHE 91 90 90 PHE PHE A . n 
A 1 92 VAL 92 91 91 VAL VAL A . n 
A 1 93 LYS 93 92 92 LYS LYS A . n 
A 1 94 GLY 94 93 93 GLY GLY A . n 
A 1 95 VAL 95 94 94 VAL VAL A . n 
A 1 96 ARG 96 95 95 ARG ARG A . n 
A 1 97 GLU 97 96 96 GLU GLU A . n 
# 
loop_
_pdbx_nonpoly_scheme.asym_id 
_pdbx_nonpoly_scheme.entity_id 
_pdbx_nonpoly_scheme.mon_id 
_pdbx_nonpoly_scheme.ndb_seq_num 
_pdbx_nonpoly_scheme.pdb_seq_num 
_pdbx_nonpoly_scheme.auth_seq_num 
_pdbx_nonpoly_scheme.pdb_mon_id 
_pdbx_nonpoly_scheme.auth_mon_id 
_pdbx_nonpoly_scheme.pdb_strand_id 
_pdbx_nonpoly_scheme.pdb_ins_code 
B 2 HOH 1   2001 2001 HOH HOH A . 
B 2 HOH 2   2002 2002 HOH HOH A . 
B 2 HOH 3   2003 2003 HOH HOH A . 
B 2 HOH 4   2004 2004 HOH HOH A . 
B 2 HOH 5   2005 2005 HOH HOH A . 
B 2 HOH 6   2006 2006 HOH HOH A . 
B 2 HOH 7   2007 2007 HOH HOH A . 
B 2 HOH 8   2008 2008 HOH HOH A . 
B 2 HOH 9   2009 2009 HOH HOH A . 
B 2 HOH 10  2010 2010 HOH HOH A . 
B 2 HOH 11  2011 2011 HOH HOH A . 
B 2 HOH 12  2012 2012 HOH HOH A . 
B 2 HOH 13  2013 2013 HOH HOH A . 
B 2 HOH 14  2014 2014 HOH HOH A . 
B 2 HOH 15  2015 2015 HOH HOH A . 
B 2 HOH 16  2016 2016 HOH HOH A . 
B 2 HOH 17  2017 2017 HOH HOH A . 
B 2 HOH 18  2018 2018 HOH HOH A . 
B 2 HOH 19  2019 2019 HOH HOH A . 
B 2 HOH 20  2020 2020 HOH HOH A . 
B 2 HOH 21  2021 2021 HOH HOH A . 
B 2 HOH 22  2022 2022 HOH HOH A . 
B 2 HOH 23  2023 2023 HOH HOH A . 
B 2 HOH 24  2024 2024 HOH HOH A . 
B 2 HOH 25  2025 2025 HOH HOH A . 
B 2 HOH 26  2026 2026 HOH HOH A . 
B 2 HOH 27  2027 2027 HOH HOH A . 
B 2 HOH 28  2028 2028 HOH HOH A . 
B 2 HOH 29  2029 2029 HOH HOH A . 
B 2 HOH 30  2030 2030 HOH HOH A . 
B 2 HOH 31  2031 2031 HOH HOH A . 
B 2 HOH 32  2032 2032 HOH HOH A . 
B 2 HOH 33  2033 2033 HOH HOH A . 
B 2 HOH 34  2034 2034 HOH HOH A . 
B 2 HOH 35  2035 2035 HOH HOH A . 
B 2 HOH 36  2036 2036 HOH HOH A . 
B 2 HOH 37  2037 2037 HOH HOH A . 
B 2 HOH 38  2038 2038 HOH HOH A . 
B 2 HOH 39  2039 2039 HOH HOH A . 
B 2 HOH 40  2040 2040 HOH HOH A . 
B 2 HOH 41  2041 2041 HOH HOH A . 
B 2 HOH 42  2042 2042 HOH HOH A . 
B 2 HOH 43  2043 2043 HOH HOH A . 
B 2 HOH 44  2044 2044 HOH HOH A . 
B 2 HOH 45  2045 2045 HOH HOH A . 
B 2 HOH 46  2046 2046 HOH HOH A . 
B 2 HOH 47  2047 2047 HOH HOH A . 
B 2 HOH 48  2048 2048 HOH HOH A . 
B 2 HOH 49  2049 2049 HOH HOH A . 
B 2 HOH 50  2050 2050 HOH HOH A . 
B 2 HOH 51  2051 2051 HOH HOH A . 
B 2 HOH 52  2052 2052 HOH HOH A . 
B 2 HOH 53  2053 2053 HOH HOH A . 
B 2 HOH 54  2054 2054 HOH HOH A . 
B 2 HOH 55  2055 2055 HOH HOH A . 
B 2 HOH 56  2056 2056 HOH HOH A . 
B 2 HOH 57  2057 2057 HOH HOH A . 
B 2 HOH 58  2058 2058 HOH HOH A . 
B 2 HOH 59  2059 2059 HOH HOH A . 
B 2 HOH 60  2060 2060 HOH HOH A . 
B 2 HOH 61  2061 2061 HOH HOH A . 
B 2 HOH 62  2062 2062 HOH HOH A . 
B 2 HOH 63  2063 2063 HOH HOH A . 
B 2 HOH 64  2064 2064 HOH HOH A . 
B 2 HOH 65  2065 2065 HOH HOH A . 
B 2 HOH 66  2066 2066 HOH HOH A . 
B 2 HOH 67  2067 2067 HOH HOH A . 
B 2 HOH 68  2068 2068 HOH HOH A . 
B 2 HOH 69  2069 2069 HOH HOH A . 
B 2 HOH 70  2070 2070 HOH HOH A . 
B 2 HOH 71  2071 2071 HOH HOH A . 
B 2 HOH 72  2072 2072 HOH HOH A . 
B 2 HOH 73  2073 2073 HOH HOH A . 
B 2 HOH 74  2074 2074 HOH HOH A . 
B 2 HOH 75  2075 2075 HOH HOH A . 
B 2 HOH 76  2076 2076 HOH HOH A . 
B 2 HOH 77  2077 2077 HOH HOH A . 
B 2 HOH 78  2078 2078 HOH HOH A . 
B 2 HOH 79  2079 2079 HOH HOH A . 
B 2 HOH 80  2080 2080 HOH HOH A . 
B 2 HOH 81  2081 2081 HOH HOH A . 
B 2 HOH 82  2082 2082 HOH HOH A . 
B 2 HOH 83  2083 2083 HOH HOH A . 
B 2 HOH 84  2084 2084 HOH HOH A . 
B 2 HOH 85  2085 2085 HOH HOH A . 
B 2 HOH 86  2086 2086 HOH HOH A . 
B 2 HOH 87  2087 2087 HOH HOH A . 
B 2 HOH 88  2088 2088 HOH HOH A . 
B 2 HOH 89  2089 2089 HOH HOH A . 
B 2 HOH 90  2090 2090 HOH HOH A . 
B 2 HOH 91  2091 2091 HOH HOH A . 
B 2 HOH 92  2092 2092 HOH HOH A . 
B 2 HOH 93  2093 2093 HOH HOH A . 
B 2 HOH 94  2094 2094 HOH HOH A . 
B 2 HOH 95  2095 2095 HOH HOH A . 
B 2 HOH 96  2096 2096 HOH HOH A . 
B 2 HOH 97  2097 2097 HOH HOH A . 
B 2 HOH 98  2098 2098 HOH HOH A . 
B 2 HOH 99  2099 2099 HOH HOH A . 
B 2 HOH 100 2100 2100 HOH HOH A . 
B 2 HOH 101 2101 2101 HOH HOH A . 
B 2 HOH 102 2102 2102 HOH HOH A . 
B 2 HOH 103 2103 2103 HOH HOH A . 
B 2 HOH 104 2104 2104 HOH HOH A . 
B 2 HOH 105 2105 2105 HOH HOH A . 
B 2 HOH 106 2106 2106 HOH HOH A . 
B 2 HOH 107 2107 2107 HOH HOH A . 
B 2 HOH 108 2108 2108 HOH HOH A . 
B 2 HOH 109 2109 2109 HOH HOH A . 
B 2 HOH 110 2110 2110 HOH HOH A . 
B 2 HOH 111 2111 2111 HOH HOH A . 
B 2 HOH 112 2112 2112 HOH HOH A . 
B 2 HOH 113 2113 2113 HOH HOH A . 
B 2 HOH 114 2114 2114 HOH HOH A . 
B 2 HOH 115 2115 2115 HOH HOH A . 
B 2 HOH 116 2116 2116 HOH HOH A . 
B 2 HOH 117 2117 2117 HOH HOH A . 
B 2 HOH 118 2118 2118 HOH HOH A . 
B 2 HOH 119 2119 2119 HOH HOH A . 
B 2 HOH 120 2120 2120 HOH HOH A . 
B 2 HOH 121 2121 2121 HOH HOH A . 
B 2 HOH 122 2122 2122 HOH HOH A . 
B 2 HOH 123 2123 2123 HOH HOH A . 
B 2 HOH 124 2124 2124 HOH HOH A . 
B 2 HOH 125 2125 2125 HOH HOH A . 
B 2 HOH 126 2126 2126 HOH HOH A . 
B 2 HOH 127 2127 2127 HOH HOH A . 
B 2 HOH 128 2128 2128 HOH HOH A . 
B 2 HOH 129 2129 2129 HOH HOH A . 
# 
loop_
_software.name 
_software.classification 
_software.version 
_software.citation_id 
_software.pdbx_ordinal 
XDS    'data reduction' .        ? 1 
XSCALE 'data scaling'   .        ? 2 
AMoRE  phasing          .        ? 3 
CaspR  phasing          .        ? 4 
REFMAC refinement       5.2.0005 ? 5 
# 
_cell.entry_id           2BK8 
_cell.length_a           68.780 
_cell.length_b           68.780 
_cell.length_c           48.180 
_cell.angle_alpha        90.00 
_cell.angle_beta         90.00 
_cell.angle_gamma        90.00 
_cell.Z_PDB              8 
_cell.pdbx_unique_axis   ? 
# 
_symmetry.entry_id                         2BK8 
_symmetry.space_group_name_H-M             'I 41' 
_symmetry.pdbx_full_space_group_name_H-M   ? 
_symmetry.cell_setting                     ? 
_symmetry.Int_Tables_number                80 
# 
_exptl.entry_id          2BK8 
_exptl.method            'X-RAY DIFFRACTION' 
_exptl.crystals_number   1 
# 
_exptl_crystal.id                    1 
_exptl_crystal.density_meas          ? 
_exptl_crystal.density_Matthews      2.21 
_exptl_crystal.density_percent_sol   44 
_exptl_crystal.description           ? 
# 
_exptl_crystal_grow.crystal_id      1 
_exptl_crystal_grow.method          ? 
_exptl_crystal_grow.temp            ? 
_exptl_crystal_grow.temp_details    ? 
_exptl_crystal_grow.pH              7.00 
_exptl_crystal_grow.pdbx_pH_range   ? 
_exptl_crystal_grow.pdbx_details    '2.2 M AMMONIUM SULFATE 0.1 M BIS TRIS PH 7.0' 
# 
_diffrn.id                     1 
_diffrn.ambient_temp           100.0 
_diffrn.ambient_temp_details   ? 
_diffrn.crystal_id             1 
# 
_diffrn_detector.diffrn_id              1 
_diffrn_detector.detector               CCD 
_diffrn_detector.type                   MARRESEARCH 
_diffrn_detector.pdbx_collection_date   2004-11-16 
_diffrn_detector.details                MIRRORS 
# 
_diffrn_radiation.diffrn_id                        1 
_diffrn_radiation.wavelength_id                    1 
_diffrn_radiation.pdbx_monochromatic_or_laue_m_l   M 
_diffrn_radiation.monochromator                    'TRIANGULAR MONOCHROMATOR' 
_diffrn_radiation.pdbx_diffrn_protocol             'SINGLE WAVELENGTH' 
_diffrn_radiation.pdbx_scattering_type             x-ray 
# 
_diffrn_radiation_wavelength.id           1 
_diffrn_radiation_wavelength.wavelength   0.8128 
_diffrn_radiation_wavelength.wt           1.0 
# 
_diffrn_source.diffrn_id                   1 
_diffrn_source.source                      SYNCHROTRON 
_diffrn_source.type                        'EMBL/DESY, HAMBURG BEAMLINE X11' 
_diffrn_source.pdbx_synchrotron_site       'EMBL/DESY, HAMBURG' 
_diffrn_source.pdbx_synchrotron_beamline   X11 
_diffrn_source.pdbx_wavelength             0.8128 
_diffrn_source.pdbx_wavelength_list        ? 
# 
_reflns.pdbx_diffrn_id               1 
_reflns.pdbx_ordinal                 1 
_reflns.entry_id                     2BK8 
_reflns.observed_criterion_sigma_I   -3.000 
_reflns.observed_criterion_sigma_F   ? 
_reflns.d_resolution_low             17.740 
_reflns.d_resolution_high            1.690 
_reflns.number_obs                   24619 
_reflns.number_all                   ? 
_reflns.percent_possible_obs         99.6 
_reflns.pdbx_Rmerge_I_obs            0.04000 
_reflns.pdbx_Rsym_value              ? 
_reflns.pdbx_netI_over_sigmaI        18.1000 
_reflns.B_iso_Wilson_estimate        ? 
_reflns.pdbx_redundancy              3.800 
# 
_reflns_shell.pdbx_diffrn_id         1 
_reflns_shell.pdbx_ordinal           1 
_reflns_shell.d_res_high             1.69 
_reflns_shell.d_res_low              1.80 
_reflns_shell.percent_possible_all   100.0 
_reflns_shell.Rmerge_I_obs           0.41000 
_reflns_shell.pdbx_Rsym_value        ? 
_reflns_shell.meanI_over_sigI_obs    3.890 
_reflns_shell.pdbx_redundancy        3.80 
# 
_refine.pdbx_refine_id                           'X-RAY DIFFRACTION' 
_refine.entry_id                                 2BK8 
_refine.pdbx_diffrn_id                           1 
_refine.pdbx_TLS_residual_ADP_flag               'LIKELY RESIDUAL' 
_refine.ls_number_reflns_obs                     11995 
_refine.ls_number_reflns_all                     ? 
_refine.pdbx_ls_sigma_I                          ? 
_refine.pdbx_ls_sigma_F                          ? 
_refine.pdbx_data_cutoff_high_absF               ? 
_refine.pdbx_data_cutoff_low_absF                ? 
_refine.pdbx_data_cutoff_high_rms_absF           ? 
_refine.ls_d_res_low                             17.74 
_refine.ls_d_res_high                            1.69 
_refine.ls_percent_reflns_obs                    99.6 
_refine.ls_R_factor_obs                          0.191 
_refine.ls_R_factor_all                          ? 
_refine.ls_R_factor_R_work                       0.189 
_refine.ls_R_factor_R_free                       0.234 
_refine.ls_R_factor_R_free_error                 ? 
_refine.ls_R_factor_R_free_error_details         ? 
_refine.ls_percent_reflns_R_free                 5.000 
_refine.ls_number_reflns_R_free                  632 
_refine.ls_number_parameters                     ? 
_refine.ls_number_restraints                     ? 
_refine.occupancy_min                            ? 
_refine.occupancy_max                            ? 
_refine.correlation_coeff_Fo_to_Fc               0.962 
_refine.correlation_coeff_Fo_to_Fc_free          0.939 
_refine.B_iso_mean                               37.37 
_refine.aniso_B[1][1]                            -1.83000 
_refine.aniso_B[2][2]                            -1.83000 
_refine.aniso_B[3][3]                            3.67000 
_refine.aniso_B[1][2]                            0.00000 
_refine.aniso_B[1][3]                            0.00000 
_refine.aniso_B[2][3]                            0.00000 
_refine.solvent_model_details                    'BABINET MODEL WITH MASK' 
_refine.solvent_model_param_ksol                 ? 
_refine.solvent_model_param_bsol                 ? 
_refine.pdbx_solvent_vdw_probe_radii             1.20 
_refine.pdbx_solvent_ion_probe_radii             0.80 
_refine.pdbx_solvent_shrinkage_radii             0.80 
_refine.pdbx_ls_cross_valid_method               THROUGHOUT 
_refine.details                                  
'HYDROGENS HAVE BEEN ADDED IN THE RIDING POSITIONS. ATOM RECORD CONTAINS RESIDUAL B FACTORS ONLY' 
_refine.pdbx_starting_model                      'HOMOLOGY MODEL' 
_refine.pdbx_method_to_determine_struct          'MOLECULAR REPLACEMENT' 
_refine.pdbx_isotropic_thermal_model             ? 
_refine.pdbx_stereochemistry_target_values       'MAXIMUM LIKELIHOOD' 
_refine.pdbx_stereochem_target_val_spec_case     ? 
_refine.pdbx_R_Free_selection_details            RANDOM 
_refine.pdbx_overall_ESU_R                       0.108 
_refine.pdbx_overall_ESU_R_Free                  0.111 
_refine.overall_SU_ML                            0.085 
_refine.pdbx_overall_phase_error                 ? 
_refine.overall_SU_B                             ? 
_refine.overall_SU_R_Cruickshank_DPI             ? 
_refine.pdbx_overall_SU_R_free_Cruickshank_DPI   ? 
_refine.pdbx_overall_SU_R_Blow_DPI               ? 
_refine.pdbx_overall_SU_R_free_Blow_DPI          ? 
# 
_refine_hist.pdbx_refine_id                   'X-RAY DIFFRACTION' 
_refine_hist.cycle_id                         LAST 
_refine_hist.pdbx_number_atoms_protein        776 
_refine_hist.pdbx_number_atoms_nucleic_acid   0 
_refine_hist.pdbx_number_atoms_ligand         0 
_refine_hist.number_atoms_solvent             129 
_refine_hist.number_atoms_total               905 
_refine_hist.d_res_high                       1.69 
_refine_hist.d_res_low                        17.74 
# 
loop_
_refine_ls_restr.type 
_refine_ls_restr.dev_ideal 
_refine_ls_restr.dev_ideal_target 
_refine_ls_restr.weight 
_refine_ls_restr.number 
_refine_ls_restr.pdbx_refine_id 
_refine_ls_restr.pdbx_restraint_function 
r_bond_refined_d             0.015  0.022  ? 803  'X-RAY DIFFRACTION' ? 
r_bond_other_d               ?      ?      ? ?    'X-RAY DIFFRACTION' ? 
r_angle_refined_deg          1.393  1.948  ? 1081 'X-RAY DIFFRACTION' ? 
r_angle_other_deg            ?      ?      ? ?    'X-RAY DIFFRACTION' ? 
r_dihedral_angle_1_deg       7.045  5.000  ? 96   'X-RAY DIFFRACTION' ? 
r_dihedral_angle_2_deg       37.227 25.122 ? 41   'X-RAY DIFFRACTION' ? 
r_dihedral_angle_3_deg       15.057 15.000 ? 148  'X-RAY DIFFRACTION' ? 
r_dihedral_angle_4_deg       24.415 15.000 ? 3    'X-RAY DIFFRACTION' ? 
r_chiral_restr               0.104  0.200  ? 115  'X-RAY DIFFRACTION' ? 
r_gen_planes_refined         0.007  0.020  ? 607  'X-RAY DIFFRACTION' ? 
r_gen_planes_other           ?      ?      ? ?    'X-RAY DIFFRACTION' ? 
r_nbd_refined                0.253  0.200  ? 305  'X-RAY DIFFRACTION' ? 
r_nbd_other                  ?      ?      ? ?    'X-RAY DIFFRACTION' ? 
r_nbtor_refined              0.302  0.200  ? 513  'X-RAY DIFFRACTION' ? 
r_nbtor_other                ?      ?      ? ?    'X-RAY DIFFRACTION' ? 
r_xyhbond_nbd_refined        0.182  0.200  ? 69   'X-RAY DIFFRACTION' ? 
r_xyhbond_nbd_other          ?      ?      ? ?    'X-RAY DIFFRACTION' ? 
r_metal_ion_refined          ?      ?      ? ?    'X-RAY DIFFRACTION' ? 
r_metal_ion_other            ?      ?      ? ?    'X-RAY DIFFRACTION' ? 
r_symmetry_vdw_refined       0.461  0.200  ? 20   'X-RAY DIFFRACTION' ? 
r_symmetry_vdw_other         ?      ?      ? ?    'X-RAY DIFFRACTION' ? 
r_symmetry_hbond_refined     0.040  0.200  ? 6    'X-RAY DIFFRACTION' ? 
r_symmetry_hbond_other       ?      ?      ? ?    'X-RAY DIFFRACTION' ? 
r_symmetry_metal_ion_refined ?      ?      ? ?    'X-RAY DIFFRACTION' ? 
r_symmetry_metal_ion_other   ?      ?      ? ?    'X-RAY DIFFRACTION' ? 
r_mcbond_it                  1.884  3.000  ? 502  'X-RAY DIFFRACTION' ? 
r_mcbond_other               ?      ?      ? ?    'X-RAY DIFFRACTION' ? 
r_mcangle_it                 2.379  4.000  ? 770  'X-RAY DIFFRACTION' ? 
r_mcangle_other              ?      ?      ? ?    'X-RAY DIFFRACTION' ? 
r_scbond_it                  2.960  4.000  ? 364  'X-RAY DIFFRACTION' ? 
r_scbond_other               ?      ?      ? ?    'X-RAY DIFFRACTION' ? 
r_scangle_it                 3.393  5.000  ? 311  'X-RAY DIFFRACTION' ? 
r_scangle_other              ?      ?      ? ?    'X-RAY DIFFRACTION' ? 
r_long_range_B_refined       ?      ?      ? ?    'X-RAY DIFFRACTION' ? 
r_long_range_B_other         ?      ?      ? ?    'X-RAY DIFFRACTION' ? 
r_rigid_bond_restr           ?      ?      ? ?    'X-RAY DIFFRACTION' ? 
r_sphericity_free            ?      ?      ? ?    'X-RAY DIFFRACTION' ? 
r_sphericity_bonded          ?      ?      ? ?    'X-RAY DIFFRACTION' ? 
# 
_refine_ls_shell.pdbx_refine_id                   'X-RAY DIFFRACTION' 
_refine_ls_shell.pdbx_total_number_of_bins_used   20 
_refine_ls_shell.d_res_high                       1.69 
_refine_ls_shell.d_res_low                        1.73 
_refine_ls_shell.number_reflns_R_work             871 
_refine_ls_shell.R_factor_R_work                  0.2350 
_refine_ls_shell.percent_reflns_obs               ? 
_refine_ls_shell.R_factor_R_free                  0.2720 
_refine_ls_shell.R_factor_R_free_error            ? 
_refine_ls_shell.percent_reflns_R_free            ? 
_refine_ls_shell.number_reflns_R_free             46 
_refine_ls_shell.number_reflns_all                ? 
_refine_ls_shell.R_factor_all                     ? 
# 
_struct.entry_id                  2BK8 
_struct.title                     'M1 domain from titin' 
_struct.pdbx_model_details        ? 
_struct.pdbx_CASP_flag            ? 
_struct.pdbx_model_type_details   ? 
# 
_struct_keywords.entry_id        2BK8 
_struct_keywords.pdbx_keywords   'IG DOMAIN' 
_struct_keywords.text            'IG DOMAIN, TITIN, M-BAND, STRUCTURAL PROTEIN, MUSCLE, ANTIBODY' 
# 
loop_
_struct_asym.id 
_struct_asym.pdbx_blank_PDB_chainid_flag 
_struct_asym.pdbx_modified 
_struct_asym.entity_id 
_struct_asym.details 
A N N 1 ? 
B N N 2 ? 
# 
loop_
_struct_ref.id 
_struct_ref.db_name 
_struct_ref.db_code 
_struct_ref.entity_id 
_struct_ref.pdbx_seq_one_letter_code 
_struct_ref.pdbx_align_begin 
_struct_ref.pdbx_db_accession 
_struct_ref.pdbx_db_isoform 
1 PDB 2BK8        1 ? ? 2BK8   ? 
2 UNP TITIN_HUMAN 1 ? ? Q8WZ42 ? 
# 
loop_
_struct_ref_seq.align_id 
_struct_ref_seq.ref_id 
_struct_ref_seq.pdbx_PDB_id_code 
_struct_ref_seq.pdbx_strand_id 
_struct_ref_seq.seq_align_beg 
_struct_ref_seq.pdbx_seq_align_beg_ins_code 
_struct_ref_seq.seq_align_end 
_struct_ref_seq.pdbx_seq_align_end_ins_code 
_struct_ref_seq.pdbx_db_accession 
_struct_ref_seq.db_align_beg 
_struct_ref_seq.pdbx_db_align_beg_ins_code 
_struct_ref_seq.db_align_end 
_struct_ref_seq.pdbx_db_align_end_ins_code 
_struct_ref_seq.pdbx_auth_seq_align_beg 
_struct_ref_seq.pdbx_auth_seq_align_end 
1 1 2BK8 A 1 ? 3  ? 2BK8   0     ? 2     ? 0 2  
2 2 2BK8 A 4 ? 97 ? Q8WZ42 32497 ? 32590 ? 3 96 
# 
_pdbx_struct_assembly.id                   1 
_pdbx_struct_assembly.details              author_and_software_defined_assembly 
_pdbx_struct_assembly.method_details       PQS 
_pdbx_struct_assembly.oligomeric_details   monomeric 
_pdbx_struct_assembly.oligomeric_count     1 
# 
_pdbx_struct_assembly_gen.assembly_id       1 
_pdbx_struct_assembly_gen.oper_expression   1 
_pdbx_struct_assembly_gen.asym_id_list      A,B 
# 
_pdbx_struct_oper_list.id                   1 
_pdbx_struct_oper_list.type                 'identity operation' 
_pdbx_struct_oper_list.name                 1_555 
_pdbx_struct_oper_list.symmetry_operation   x,y,z 
_pdbx_struct_oper_list.matrix[1][1]         1.0000000000 
_pdbx_struct_oper_list.matrix[1][2]         0.0000000000 
_pdbx_struct_oper_list.matrix[1][3]         0.0000000000 
_pdbx_struct_oper_list.vector[1]            0.0000000000 
_pdbx_struct_oper_list.matrix[2][1]         0.0000000000 
_pdbx_struct_oper_list.matrix[2][2]         1.0000000000 
_pdbx_struct_oper_list.matrix[2][3]         0.0000000000 
_pdbx_struct_oper_list.vector[2]            0.0000000000 
_pdbx_struct_oper_list.matrix[3][1]         0.0000000000 
_pdbx_struct_oper_list.matrix[3][2]         0.0000000000 
_pdbx_struct_oper_list.matrix[3][3]         1.0000000000 
_pdbx_struct_oper_list.vector[3]            0.0000000000 
# 
_struct_biol.id   1 
# 
_struct_conf.conf_type_id            HELX_P 
_struct_conf.id                      HELX_P1 
_struct_conf.pdbx_PDB_helix_id       1 
_struct_conf.beg_label_comp_id       THR 
_struct_conf.beg_label_asym_id       A 
_struct_conf.beg_label_seq_id        66 
_struct_conf.pdbx_beg_PDB_ins_code   ? 
_struct_conf.end_label_comp_id       ASP 
_struct_conf.end_label_asym_id       A 
_struct_conf.end_label_seq_id        70 
_struct_conf.pdbx_end_PDB_ins_code   ? 
_struct_conf.beg_auth_comp_id        THR 
_struct_conf.beg_auth_asym_id        A 
_struct_conf.beg_auth_seq_id         65 
_struct_conf.end_auth_comp_id        ASP 
_struct_conf.end_auth_asym_id        A 
_struct_conf.end_auth_seq_id         69 
_struct_conf.pdbx_PDB_helix_class    5 
_struct_conf.details                 ? 
_struct_conf.pdbx_PDB_helix_length   5 
# 
_struct_conf_type.id          HELX_P 
_struct_conf_type.criteria    ? 
_struct_conf_type.reference   ? 
# 
loop_
_struct_mon_prot_cis.pdbx_id 
_struct_mon_prot_cis.label_comp_id 
_struct_mon_prot_cis.label_seq_id 
_struct_mon_prot_cis.label_asym_id 
_struct_mon_prot_cis.label_alt_id 
_struct_mon_prot_cis.pdbx_PDB_ins_code 
_struct_mon_prot_cis.auth_comp_id 
_struct_mon_prot_cis.auth_seq_id 
_struct_mon_prot_cis.auth_asym_id 
_struct_mon_prot_cis.pdbx_label_comp_id_2 
_struct_mon_prot_cis.pdbx_label_seq_id_2 
_struct_mon_prot_cis.pdbx_label_asym_id_2 
_struct_mon_prot_cis.pdbx_PDB_ins_code_2 
_struct_mon_prot_cis.pdbx_auth_comp_id_2 
_struct_mon_prot_cis.pdbx_auth_seq_id_2 
_struct_mon_prot_cis.pdbx_auth_asym_id_2 
_struct_mon_prot_cis.pdbx_PDB_model_num 
_struct_mon_prot_cis.pdbx_omega_angle 
1 GLY 1 A . ? GLY 0 A ALA 2 A ? ALA 1 A 1 -12.04 
2 ALA 2 A . ? ALA 1 A MET 3 A ? MET 2 A 1 15.83  
# 
loop_
_struct_sheet.id 
_struct_sheet.type 
_struct_sheet.number_strands 
_struct_sheet.details 
AA ? 4 ? 
AB ? 5 ? 
# 
loop_
_struct_sheet_order.sheet_id 
_struct_sheet_order.range_id_1 
_struct_sheet_order.range_id_2 
_struct_sheet_order.offset 
_struct_sheet_order.sense 
AA 1 2 ? anti-parallel 
AA 2 3 ? anti-parallel 
AA 3 4 ? anti-parallel 
AB 1 2 ? parallel      
AB 2 3 ? anti-parallel 
AB 3 4 ? anti-parallel 
AB 4 5 ? anti-parallel 
# 
loop_
_struct_sheet_range.sheet_id 
_struct_sheet_range.id 
_struct_sheet_range.beg_label_comp_id 
_struct_sheet_range.beg_label_asym_id 
_struct_sheet_range.beg_label_seq_id 
_struct_sheet_range.pdbx_beg_PDB_ins_code 
_struct_sheet_range.end_label_comp_id 
_struct_sheet_range.end_label_asym_id 
_struct_sheet_range.end_label_seq_id 
_struct_sheet_range.pdbx_end_PDB_ins_code 
_struct_sheet_range.beg_auth_comp_id 
_struct_sheet_range.beg_auth_asym_id 
_struct_sheet_range.beg_auth_seq_id 
_struct_sheet_range.end_auth_comp_id 
_struct_sheet_range.end_auth_asym_id 
_struct_sheet_range.end_auth_seq_id 
AA 1 VAL A 4  ? SER A 5  ? VAL A 3  SER A 4  
AA 2 VAL A 19 ? GLU A 26 ? VAL A 18 GLU A 25 
AA 3 VAL A 57 ? VAL A 62 ? VAL A 56 VAL A 61 
AA 4 TYR A 49 ? GLU A 54 ? TYR A 48 GLU A 53 
AB 1 ALA A 11 ? GLY A 13 ? ALA A 10 GLY A 12 
AB 2 GLU A 83 ? VAL A 92 ? GLU A 82 VAL A 91 
AB 3 GLY A 71 ? VAL A 78 ? GLY A 70 VAL A 77 
AB 4 GLN A 33 ? PHE A 38 ? GLN A 32 PHE A 37 
AB 5 ARG A 41 ? GLN A 42 ? ARG A 40 GLN A 41 
# 
loop_
_pdbx_struct_sheet_hbond.sheet_id 
_pdbx_struct_sheet_hbond.range_id_1 
_pdbx_struct_sheet_hbond.range_id_2 
_pdbx_struct_sheet_hbond.range_1_label_atom_id 
_pdbx_struct_sheet_hbond.range_1_label_comp_id 
_pdbx_struct_sheet_hbond.range_1_label_asym_id 
_pdbx_struct_sheet_hbond.range_1_label_seq_id 
_pdbx_struct_sheet_hbond.range_1_PDB_ins_code 
_pdbx_struct_sheet_hbond.range_1_auth_atom_id 
_pdbx_struct_sheet_hbond.range_1_auth_comp_id 
_pdbx_struct_sheet_hbond.range_1_auth_asym_id 
_pdbx_struct_sheet_hbond.range_1_auth_seq_id 
_pdbx_struct_sheet_hbond.range_2_label_atom_id 
_pdbx_struct_sheet_hbond.range_2_label_comp_id 
_pdbx_struct_sheet_hbond.range_2_label_asym_id 
_pdbx_struct_sheet_hbond.range_2_label_seq_id 
_pdbx_struct_sheet_hbond.range_2_PDB_ins_code 
_pdbx_struct_sheet_hbond.range_2_auth_atom_id 
_pdbx_struct_sheet_hbond.range_2_auth_comp_id 
_pdbx_struct_sheet_hbond.range_2_auth_asym_id 
_pdbx_struct_sheet_hbond.range_2_auth_seq_id 
AA 1 2 N VAL A 4  ? N VAL A 3  O GLU A 26 ? O GLU A 25 
AA 2 3 N CYS A 23 ? N CYS A 22 O ALA A 58 ? O ALA A 57 
AA 3 4 N TYR A 61 ? N TYR A 60 O GLU A 50 ? O GLU A 49 
AB 1 2 N ALA A 11 ? N ALA A 10 O GLU A 89 ? O GLU A 88 
AB 2 3 N LEU A 90 ? N LEU A 89 O GLY A 71 ? O GLY A 70 
AB 3 4 N VAL A 78 ? N VAL A 77 O GLN A 33 ? O GLN A 32 
AB 4 5 N PHE A 38 ? N PHE A 37 O ARG A 41 ? O ARG A 40 
# 
_pdbx_validate_close_contact.id               1 
_pdbx_validate_close_contact.PDB_model_num    1 
_pdbx_validate_close_contact.auth_atom_id_1   CB 
_pdbx_validate_close_contact.auth_asym_id_1   A 
_pdbx_validate_close_contact.auth_comp_id_1   TYR 
_pdbx_validate_close_contact.auth_seq_id_1    60 
_pdbx_validate_close_contact.PDB_ins_code_1   ? 
_pdbx_validate_close_contact.label_alt_id_1   ? 
_pdbx_validate_close_contact.auth_atom_id_2   NZ 
_pdbx_validate_close_contact.auth_asym_id_2   A 
_pdbx_validate_close_contact.auth_comp_id_2   LYS 
_pdbx_validate_close_contact.auth_seq_id_2    62 
_pdbx_validate_close_contact.PDB_ins_code_2   ? 
_pdbx_validate_close_contact.label_alt_id_2   A 
_pdbx_validate_close_contact.dist             2.10 
# 
loop_
_pdbx_validate_torsion.id 
_pdbx_validate_torsion.PDB_model_num 
_pdbx_validate_torsion.auth_comp_id 
_pdbx_validate_torsion.auth_asym_id 
_pdbx_validate_torsion.auth_seq_id 
_pdbx_validate_torsion.PDB_ins_code 
_pdbx_validate_torsion.label_alt_id 
_pdbx_validate_torsion.phi 
_pdbx_validate_torsion.psi 
1 1 ALA A 1  ? ? 74.93  -171.75 
2 1 VAL A 94 ? ? -93.57 -70.10  
# 
_pdbx_refine_tls.pdbx_refine_id   'X-RAY DIFFRACTION' 
_pdbx_refine_tls.id               1 
_pdbx_refine_tls.details          ? 
_pdbx_refine_tls.method           refined 
_pdbx_refine_tls.origin_x         0.1792 
_pdbx_refine_tls.origin_y         -0.0710 
_pdbx_refine_tls.origin_z         0.0619 
_pdbx_refine_tls.T[1][1]          -0.1654 
_pdbx_refine_tls.T[2][2]          -0.1264 
_pdbx_refine_tls.T[3][3]          -0.1748 
_pdbx_refine_tls.T[1][2]          -0.0152 
_pdbx_refine_tls.T[1][3]          0.0285 
_pdbx_refine_tls.T[2][3]          0.0038 
_pdbx_refine_tls.L[1][1]          2.5429 
_pdbx_refine_tls.L[2][2]          5.2908 
_pdbx_refine_tls.L[3][3]          1.9566 
_pdbx_refine_tls.L[1][2]          -1.3623 
_pdbx_refine_tls.L[1][3]          0.1073 
_pdbx_refine_tls.L[2][3]          0.2478 
_pdbx_refine_tls.S[1][1]          0.0266 
_pdbx_refine_tls.S[1][2]          -0.0609 
_pdbx_refine_tls.S[1][3]          0.1227 
_pdbx_refine_tls.S[2][1]          -0.0028 
_pdbx_refine_tls.S[2][2]          0.0005 
_pdbx_refine_tls.S[2][3]          0.0598 
_pdbx_refine_tls.S[3][1]          -0.0712 
_pdbx_refine_tls.S[3][2]          -0.0473 
_pdbx_refine_tls.S[3][3]          -0.0271 
# 
_pdbx_refine_tls_group.pdbx_refine_id      'X-RAY DIFFRACTION' 
_pdbx_refine_tls_group.id                  1 
_pdbx_refine_tls_group.refine_tls_id       1 
_pdbx_refine_tls_group.beg_auth_asym_id    A 
_pdbx_refine_tls_group.beg_auth_seq_id     1 
_pdbx_refine_tls_group.beg_label_asym_id   ? 
_pdbx_refine_tls_group.beg_label_seq_id    ? 
_pdbx_refine_tls_group.end_auth_asym_id    A 
_pdbx_refine_tls_group.end_auth_seq_id     97 
_pdbx_refine_tls_group.end_label_asym_id   ? 
_pdbx_refine_tls_group.end_label_seq_id    ? 
_pdbx_refine_tls_group.selection           ? 
_pdbx_refine_tls_group.selection_details   ? 
# 
_pdbx_distant_solvent_atoms.id                                1 
_pdbx_distant_solvent_atoms.PDB_model_num                     1 
_pdbx_distant_solvent_atoms.auth_atom_id                      O 
_pdbx_distant_solvent_atoms.label_alt_id                      ? 
_pdbx_distant_solvent_atoms.auth_asym_id                      A 
_pdbx_distant_solvent_atoms.auth_comp_id                      HOH 
_pdbx_distant_solvent_atoms.auth_seq_id                       2023 
_pdbx_distant_solvent_atoms.PDB_ins_code                      ? 
_pdbx_distant_solvent_atoms.neighbor_macromolecule_distance   6.62 
_pdbx_distant_solvent_atoms.neighbor_ligand_distance          . 
# 
loop_
_chem_comp_atom.comp_id 
_chem_comp_atom.atom_id 
_chem_comp_atom.type_symbol 
_chem_comp_atom.pdbx_aromatic_flag 
_chem_comp_atom.pdbx_stereo_config 
_chem_comp_atom.pdbx_ordinal 
ALA N    N N N 1   
ALA CA   C N S 2   
ALA C    C N N 3   
ALA O    O N N 4   
ALA CB   C N N 5   
ALA OXT  O N N 6   
ALA H    H N N 7   
ALA H2   H N N 8   
ALA HA   H N N 9   
ALA HB1  H N N 10  
ALA HB2  H N N 11  
ALA HB3  H N N 12  
ALA HXT  H N N 13  
ARG N    N N N 14  
ARG CA   C N S 15  
ARG C    C N N 16  
ARG O    O N N 17  
ARG CB   C N N 18  
ARG CG   C N N 19  
ARG CD   C N N 20  
ARG NE   N N N 21  
ARG CZ   C N N 22  
ARG NH1  N N N 23  
ARG NH2  N N N 24  
ARG OXT  O N N 25  
ARG H    H N N 26  
ARG H2   H N N 27  
ARG HA   H N N 28  
ARG HB2  H N N 29  
ARG HB3  H N N 30  
ARG HG2  H N N 31  
ARG HG3  H N N 32  
ARG HD2  H N N 33  
ARG HD3  H N N 34  
ARG HE   H N N 35  
ARG HH11 H N N 36  
ARG HH12 H N N 37  
ARG HH21 H N N 38  
ARG HH22 H N N 39  
ARG HXT  H N N 40  
ASN N    N N N 41  
ASN CA   C N S 42  
ASN C    C N N 43  
ASN O    O N N 44  
ASN CB   C N N 45  
ASN CG   C N N 46  
ASN OD1  O N N 47  
ASN ND2  N N N 48  
ASN OXT  O N N 49  
ASN H    H N N 50  
ASN H2   H N N 51  
ASN HA   H N N 52  
ASN HB2  H N N 53  
ASN HB3  H N N 54  
ASN HD21 H N N 55  
ASN HD22 H N N 56  
ASN HXT  H N N 57  
ASP N    N N N 58  
ASP CA   C N S 59  
ASP C    C N N 60  
ASP O    O N N 61  
ASP CB   C N N 62  
ASP CG   C N N 63  
ASP OD1  O N N 64  
ASP OD2  O N N 65  
ASP OXT  O N N 66  
ASP H    H N N 67  
ASP H2   H N N 68  
ASP HA   H N N 69  
ASP HB2  H N N 70  
ASP HB3  H N N 71  
ASP HD2  H N N 72  
ASP HXT  H N N 73  
CYS N    N N N 74  
CYS CA   C N R 75  
CYS C    C N N 76  
CYS O    O N N 77  
CYS CB   C N N 78  
CYS SG   S N N 79  
CYS OXT  O N N 80  
CYS H    H N N 81  
CYS H2   H N N 82  
CYS HA   H N N 83  
CYS HB2  H N N 84  
CYS HB3  H N N 85  
CYS HG   H N N 86  
CYS HXT  H N N 87  
GLN N    N N N 88  
GLN CA   C N S 89  
GLN C    C N N 90  
GLN O    O N N 91  
GLN CB   C N N 92  
GLN CG   C N N 93  
GLN CD   C N N 94  
GLN OE1  O N N 95  
GLN NE2  N N N 96  
GLN OXT  O N N 97  
GLN H    H N N 98  
GLN H2   H N N 99  
GLN HA   H N N 100 
GLN HB2  H N N 101 
GLN HB3  H N N 102 
GLN HG2  H N N 103 
GLN HG3  H N N 104 
GLN HE21 H N N 105 
GLN HE22 H N N 106 
GLN HXT  H N N 107 
GLU N    N N N 108 
GLU CA   C N S 109 
GLU C    C N N 110 
GLU O    O N N 111 
GLU CB   C N N 112 
GLU CG   C N N 113 
GLU CD   C N N 114 
GLU OE1  O N N 115 
GLU OE2  O N N 116 
GLU OXT  O N N 117 
GLU H    H N N 118 
GLU H2   H N N 119 
GLU HA   H N N 120 
GLU HB2  H N N 121 
GLU HB3  H N N 122 
GLU HG2  H N N 123 
GLU HG3  H N N 124 
GLU HE2  H N N 125 
GLU HXT  H N N 126 
GLY N    N N N 127 
GLY CA   C N N 128 
GLY C    C N N 129 
GLY O    O N N 130 
GLY OXT  O N N 131 
GLY H    H N N 132 
GLY H2   H N N 133 
GLY HA2  H N N 134 
GLY HA3  H N N 135 
GLY HXT  H N N 136 
HIS N    N N N 137 
HIS CA   C N S 138 
HIS C    C N N 139 
HIS O    O N N 140 
HIS CB   C N N 141 
HIS CG   C Y N 142 
HIS ND1  N Y N 143 
HIS CD2  C Y N 144 
HIS CE1  C Y N 145 
HIS NE2  N Y N 146 
HIS OXT  O N N 147 
HIS H    H N N 148 
HIS H2   H N N 149 
HIS HA   H N N 150 
HIS HB2  H N N 151 
HIS HB3  H N N 152 
HIS HD1  H N N 153 
HIS HD2  H N N 154 
HIS HE1  H N N 155 
HIS HE2  H N N 156 
HIS HXT  H N N 157 
HOH O    O N N 158 
HOH H1   H N N 159 
HOH H2   H N N 160 
ILE N    N N N 161 
ILE CA   C N S 162 
ILE C    C N N 163 
ILE O    O N N 164 
ILE CB   C N S 165 
ILE CG1  C N N 166 
ILE CG2  C N N 167 
ILE CD1  C N N 168 
ILE OXT  O N N 169 
ILE H    H N N 170 
ILE H2   H N N 171 
ILE HA   H N N 172 
ILE HB   H N N 173 
ILE HG12 H N N 174 
ILE HG13 H N N 175 
ILE HG21 H N N 176 
ILE HG22 H N N 177 
ILE HG23 H N N 178 
ILE HD11 H N N 179 
ILE HD12 H N N 180 
ILE HD13 H N N 181 
ILE HXT  H N N 182 
LEU N    N N N 183 
LEU CA   C N S 184 
LEU C    C N N 185 
LEU O    O N N 186 
LEU CB   C N N 187 
LEU CG   C N N 188 
LEU CD1  C N N 189 
LEU CD2  C N N 190 
LEU OXT  O N N 191 
LEU H    H N N 192 
LEU H2   H N N 193 
LEU HA   H N N 194 
LEU HB2  H N N 195 
LEU HB3  H N N 196 
LEU HG   H N N 197 
LEU HD11 H N N 198 
LEU HD12 H N N 199 
LEU HD13 H N N 200 
LEU HD21 H N N 201 
LEU HD22 H N N 202 
LEU HD23 H N N 203 
LEU HXT  H N N 204 
LYS N    N N N 205 
LYS CA   C N S 206 
LYS C    C N N 207 
LYS O    O N N 208 
LYS CB   C N N 209 
LYS CG   C N N 210 
LYS CD   C N N 211 
LYS CE   C N N 212 
LYS NZ   N N N 213 
LYS OXT  O N N 214 
LYS H    H N N 215 
LYS H2   H N N 216 
LYS HA   H N N 217 
LYS HB2  H N N 218 
LYS HB3  H N N 219 
LYS HG2  H N N 220 
LYS HG3  H N N 221 
LYS HD2  H N N 222 
LYS HD3  H N N 223 
LYS HE2  H N N 224 
LYS HE3  H N N 225 
LYS HZ1  H N N 226 
LYS HZ2  H N N 227 
LYS HZ3  H N N 228 
LYS HXT  H N N 229 
MET N    N N N 230 
MET CA   C N S 231 
MET C    C N N 232 
MET O    O N N 233 
MET CB   C N N 234 
MET CG   C N N 235 
MET SD   S N N 236 
MET CE   C N N 237 
MET OXT  O N N 238 
MET H    H N N 239 
MET H2   H N N 240 
MET HA   H N N 241 
MET HB2  H N N 242 
MET HB3  H N N 243 
MET HG2  H N N 244 
MET HG3  H N N 245 
MET HE1  H N N 246 
MET HE2  H N N 247 
MET HE3  H N N 248 
MET HXT  H N N 249 
PHE N    N N N 250 
PHE CA   C N S 251 
PHE C    C N N 252 
PHE O    O N N 253 
PHE CB   C N N 254 
PHE CG   C Y N 255 
PHE CD1  C Y N 256 
PHE CD2  C Y N 257 
PHE CE1  C Y N 258 
PHE CE2  C Y N 259 
PHE CZ   C Y N 260 
PHE OXT  O N N 261 
PHE H    H N N 262 
PHE H2   H N N 263 
PHE HA   H N N 264 
PHE HB2  H N N 265 
PHE HB3  H N N 266 
PHE HD1  H N N 267 
PHE HD2  H N N 268 
PHE HE1  H N N 269 
PHE HE2  H N N 270 
PHE HZ   H N N 271 
PHE HXT  H N N 272 
SER N    N N N 273 
SER CA   C N S 274 
SER C    C N N 275 
SER O    O N N 276 
SER CB   C N N 277 
SER OG   O N N 278 
SER OXT  O N N 279 
SER H    H N N 280 
SER H2   H N N 281 
SER HA   H N N 282 
SER HB2  H N N 283 
SER HB3  H N N 284 
SER HG   H N N 285 
SER HXT  H N N 286 
THR N    N N N 287 
THR CA   C N S 288 
THR C    C N N 289 
THR O    O N N 290 
THR CB   C N R 291 
THR OG1  O N N 292 
THR CG2  C N N 293 
THR OXT  O N N 294 
THR H    H N N 295 
THR H2   H N N 296 
THR HA   H N N 297 
THR HB   H N N 298 
THR HG1  H N N 299 
THR HG21 H N N 300 
THR HG22 H N N 301 
THR HG23 H N N 302 
THR HXT  H N N 303 
TRP N    N N N 304 
TRP CA   C N S 305 
TRP C    C N N 306 
TRP O    O N N 307 
TRP CB   C N N 308 
TRP CG   C Y N 309 
TRP CD1  C Y N 310 
TRP CD2  C Y N 311 
TRP NE1  N Y N 312 
TRP CE2  C Y N 313 
TRP CE3  C Y N 314 
TRP CZ2  C Y N 315 
TRP CZ3  C Y N 316 
TRP CH2  C Y N 317 
TRP OXT  O N N 318 
TRP H    H N N 319 
TRP H2   H N N 320 
TRP HA   H N N 321 
TRP HB2  H N N 322 
TRP HB3  H N N 323 
TRP HD1  H N N 324 
TRP HE1  H N N 325 
TRP HE3  H N N 326 
TRP HZ2  H N N 327 
TRP HZ3  H N N 328 
TRP HH2  H N N 329 
TRP HXT  H N N 330 
TYR N    N N N 331 
TYR CA   C N S 332 
TYR C    C N N 333 
TYR O    O N N 334 
TYR CB   C N N 335 
TYR CG   C Y N 336 
TYR CD1  C Y N 337 
TYR CD2  C Y N 338 
TYR CE1  C Y N 339 
TYR CE2  C Y N 340 
TYR CZ   C Y N 341 
TYR OH   O N N 342 
TYR OXT  O N N 343 
TYR H    H N N 344 
TYR H2   H N N 345 
TYR HA   H N N 346 
TYR HB2  H N N 347 
TYR HB3  H N N 348 
TYR HD1  H N N 349 
TYR HD2  H N N 350 
TYR HE1  H N N 351 
TYR HE2  H N N 352 
TYR HH   H N N 353 
TYR HXT  H N N 354 
VAL N    N N N 355 
VAL CA   C N S 356 
VAL C    C N N 357 
VAL O    O N N 358 
VAL CB   C N N 359 
VAL CG1  C N N 360 
VAL CG2  C N N 361 
VAL OXT  O N N 362 
VAL H    H N N 363 
VAL H2   H N N 364 
VAL HA   H N N 365 
VAL HB   H N N 366 
VAL HG11 H N N 367 
VAL HG12 H N N 368 
VAL HG13 H N N 369 
VAL HG21 H N N 370 
VAL HG22 H N N 371 
VAL HG23 H N N 372 
VAL HXT  H N N 373 
# 
loop_
_chem_comp_bond.comp_id 
_chem_comp_bond.atom_id_1 
_chem_comp_bond.atom_id_2 
_chem_comp_bond.value_order 
_chem_comp_bond.pdbx_aromatic_flag 
_chem_comp_bond.pdbx_stereo_config 
_chem_comp_bond.pdbx_ordinal 
ALA N   CA   sing N N 1   
ALA N   H    sing N N 2   
ALA N   H2   sing N N 3   
ALA CA  C    sing N N 4   
ALA CA  CB   sing N N 5   
ALA CA  HA   sing N N 6   
ALA C   O    doub N N 7   
ALA C   OXT  sing N N 8   
ALA CB  HB1  sing N N 9   
ALA CB  HB2  sing N N 10  
ALA CB  HB3  sing N N 11  
ALA OXT HXT  sing N N 12  
ARG N   CA   sing N N 13  
ARG N   H    sing N N 14  
ARG N   H2   sing N N 15  
ARG CA  C    sing N N 16  
ARG CA  CB   sing N N 17  
ARG CA  HA   sing N N 18  
ARG C   O    doub N N 19  
ARG C   OXT  sing N N 20  
ARG CB  CG   sing N N 21  
ARG CB  HB2  sing N N 22  
ARG CB  HB3  sing N N 23  
ARG CG  CD   sing N N 24  
ARG CG  HG2  sing N N 25  
ARG CG  HG3  sing N N 26  
ARG CD  NE   sing N N 27  
ARG CD  HD2  sing N N 28  
ARG CD  HD3  sing N N 29  
ARG NE  CZ   sing N N 30  
ARG NE  HE   sing N N 31  
ARG CZ  NH1  sing N N 32  
ARG CZ  NH2  doub N N 33  
ARG NH1 HH11 sing N N 34  
ARG NH1 HH12 sing N N 35  
ARG NH2 HH21 sing N N 36  
ARG NH2 HH22 sing N N 37  
ARG OXT HXT  sing N N 38  
ASN N   CA   sing N N 39  
ASN N   H    sing N N 40  
ASN N   H2   sing N N 41  
ASN CA  C    sing N N 42  
ASN CA  CB   sing N N 43  
ASN CA  HA   sing N N 44  
ASN C   O    doub N N 45  
ASN C   OXT  sing N N 46  
ASN CB  CG   sing N N 47  
ASN CB  HB2  sing N N 48  
ASN CB  HB3  sing N N 49  
ASN CG  OD1  doub N N 50  
ASN CG  ND2  sing N N 51  
ASN ND2 HD21 sing N N 52  
ASN ND2 HD22 sing N N 53  
ASN OXT HXT  sing N N 54  
ASP N   CA   sing N N 55  
ASP N   H    sing N N 56  
ASP N   H2   sing N N 57  
ASP CA  C    sing N N 58  
ASP CA  CB   sing N N 59  
ASP CA  HA   sing N N 60  
ASP C   O    doub N N 61  
ASP C   OXT  sing N N 62  
ASP CB  CG   sing N N 63  
ASP CB  HB2  sing N N 64  
ASP CB  HB3  sing N N 65  
ASP CG  OD1  doub N N 66  
ASP CG  OD2  sing N N 67  
ASP OD2 HD2  sing N N 68  
ASP OXT HXT  sing N N 69  
CYS N   CA   sing N N 70  
CYS N   H    sing N N 71  
CYS N   H2   sing N N 72  
CYS CA  C    sing N N 73  
CYS CA  CB   sing N N 74  
CYS CA  HA   sing N N 75  
CYS C   O    doub N N 76  
CYS C   OXT  sing N N 77  
CYS CB  SG   sing N N 78  
CYS CB  HB2  sing N N 79  
CYS CB  HB3  sing N N 80  
CYS SG  HG   sing N N 81  
CYS OXT HXT  sing N N 82  
GLN N   CA   sing N N 83  
GLN N   H    sing N N 84  
GLN N   H2   sing N N 85  
GLN CA  C    sing N N 86  
GLN CA  CB   sing N N 87  
GLN CA  HA   sing N N 88  
GLN C   O    doub N N 89  
GLN C   OXT  sing N N 90  
GLN CB  CG   sing N N 91  
GLN CB  HB2  sing N N 92  
GLN CB  HB3  sing N N 93  
GLN CG  CD   sing N N 94  
GLN CG  HG2  sing N N 95  
GLN CG  HG3  sing N N 96  
GLN CD  OE1  doub N N 97  
GLN CD  NE2  sing N N 98  
GLN NE2 HE21 sing N N 99  
GLN NE2 HE22 sing N N 100 
GLN OXT HXT  sing N N 101 
GLU N   CA   sing N N 102 
GLU N   H    sing N N 103 
GLU N   H2   sing N N 104 
GLU CA  C    sing N N 105 
GLU CA  CB   sing N N 106 
GLU CA  HA   sing N N 107 
GLU C   O    doub N N 108 
GLU C   OXT  sing N N 109 
GLU CB  CG   sing N N 110 
GLU CB  HB2  sing N N 111 
GLU CB  HB3  sing N N 112 
GLU CG  CD   sing N N 113 
GLU CG  HG2  sing N N 114 
GLU CG  HG3  sing N N 115 
GLU CD  OE1  doub N N 116 
GLU CD  OE2  sing N N 117 
GLU OE2 HE2  sing N N 118 
GLU OXT HXT  sing N N 119 
GLY N   CA   sing N N 120 
GLY N   H    sing N N 121 
GLY N   H2   sing N N 122 
GLY CA  C    sing N N 123 
GLY CA  HA2  sing N N 124 
GLY CA  HA3  sing N N 125 
GLY C   O    doub N N 126 
GLY C   OXT  sing N N 127 
GLY OXT HXT  sing N N 128 
HIS N   CA   sing N N 129 
HIS N   H    sing N N 130 
HIS N   H2   sing N N 131 
HIS CA  C    sing N N 132 
HIS CA  CB   sing N N 133 
HIS CA  HA   sing N N 134 
HIS C   O    doub N N 135 
HIS C   OXT  sing N N 136 
HIS CB  CG   sing N N 137 
HIS CB  HB2  sing N N 138 
HIS CB  HB3  sing N N 139 
HIS CG  ND1  sing Y N 140 
HIS CG  CD2  doub Y N 141 
HIS ND1 CE1  doub Y N 142 
HIS ND1 HD1  sing N N 143 
HIS CD2 NE2  sing Y N 144 
HIS CD2 HD2  sing N N 145 
HIS CE1 NE2  sing Y N 146 
HIS CE1 HE1  sing N N 147 
HIS NE2 HE2  sing N N 148 
HIS OXT HXT  sing N N 149 
HOH O   H1   sing N N 150 
HOH O   H2   sing N N 151 
ILE N   CA   sing N N 152 
ILE N   H    sing N N 153 
ILE N   H2   sing N N 154 
ILE CA  C    sing N N 155 
ILE CA  CB   sing N N 156 
ILE CA  HA   sing N N 157 
ILE C   O    doub N N 158 
ILE C   OXT  sing N N 159 
ILE CB  CG1  sing N N 160 
ILE CB  CG2  sing N N 161 
ILE CB  HB   sing N N 162 
ILE CG1 CD1  sing N N 163 
ILE CG1 HG12 sing N N 164 
ILE CG1 HG13 sing N N 165 
ILE CG2 HG21 sing N N 166 
ILE CG2 HG22 sing N N 167 
ILE CG2 HG23 sing N N 168 
ILE CD1 HD11 sing N N 169 
ILE CD1 HD12 sing N N 170 
ILE CD1 HD13 sing N N 171 
ILE OXT HXT  sing N N 172 
LEU N   CA   sing N N 173 
LEU N   H    sing N N 174 
LEU N   H2   sing N N 175 
LEU CA  C    sing N N 176 
LEU CA  CB   sing N N 177 
LEU CA  HA   sing N N 178 
LEU C   O    doub N N 179 
LEU C   OXT  sing N N 180 
LEU CB  CG   sing N N 181 
LEU CB  HB2  sing N N 182 
LEU CB  HB3  sing N N 183 
LEU CG  CD1  sing N N 184 
LEU CG  CD2  sing N N 185 
LEU CG  HG   sing N N 186 
LEU CD1 HD11 sing N N 187 
LEU CD1 HD12 sing N N 188 
LEU CD1 HD13 sing N N 189 
LEU CD2 HD21 sing N N 190 
LEU CD2 HD22 sing N N 191 
LEU CD2 HD23 sing N N 192 
LEU OXT HXT  sing N N 193 
LYS N   CA   sing N N 194 
LYS N   H    sing N N 195 
LYS N   H2   sing N N 196 
LYS CA  C    sing N N 197 
LYS CA  CB   sing N N 198 
LYS CA  HA   sing N N 199 
LYS C   O    doub N N 200 
LYS C   OXT  sing N N 201 
LYS CB  CG   sing N N 202 
LYS CB  HB2  sing N N 203 
LYS CB  HB3  sing N N 204 
LYS CG  CD   sing N N 205 
LYS CG  HG2  sing N N 206 
LYS CG  HG3  sing N N 207 
LYS CD  CE   sing N N 208 
LYS CD  HD2  sing N N 209 
LYS CD  HD3  sing N N 210 
LYS CE  NZ   sing N N 211 
LYS CE  HE2  sing N N 212 
LYS CE  HE3  sing N N 213 
LYS NZ  HZ1  sing N N 214 
LYS NZ  HZ2  sing N N 215 
LYS NZ  HZ3  sing N N 216 
LYS OXT HXT  sing N N 217 
MET N   CA   sing N N 218 
MET N   H    sing N N 219 
MET N   H2   sing N N 220 
MET CA  C    sing N N 221 
MET CA  CB   sing N N 222 
MET CA  HA   sing N N 223 
MET C   O    doub N N 224 
MET C   OXT  sing N N 225 
MET CB  CG   sing N N 226 
MET CB  HB2  sing N N 227 
MET CB  HB3  sing N N 228 
MET CG  SD   sing N N 229 
MET CG  HG2  sing N N 230 
MET CG  HG3  sing N N 231 
MET SD  CE   sing N N 232 
MET CE  HE1  sing N N 233 
MET CE  HE2  sing N N 234 
MET CE  HE3  sing N N 235 
MET OXT HXT  sing N N 236 
PHE N   CA   sing N N 237 
PHE N   H    sing N N 238 
PHE N   H2   sing N N 239 
PHE CA  C    sing N N 240 
PHE CA  CB   sing N N 241 
PHE CA  HA   sing N N 242 
PHE C   O    doub N N 243 
PHE C   OXT  sing N N 244 
PHE CB  CG   sing N N 245 
PHE CB  HB2  sing N N 246 
PHE CB  HB3  sing N N 247 
PHE CG  CD1  doub Y N 248 
PHE CG  CD2  sing Y N 249 
PHE CD1 CE1  sing Y N 250 
PHE CD1 HD1  sing N N 251 
PHE CD2 CE2  doub Y N 252 
PHE CD2 HD2  sing N N 253 
PHE CE1 CZ   doub Y N 254 
PHE CE1 HE1  sing N N 255 
PHE CE2 CZ   sing Y N 256 
PHE CE2 HE2  sing N N 257 
PHE CZ  HZ   sing N N 258 
PHE OXT HXT  sing N N 259 
SER N   CA   sing N N 260 
SER N   H    sing N N 261 
SER N   H2   sing N N 262 
SER CA  C    sing N N 263 
SER CA  CB   sing N N 264 
SER CA  HA   sing N N 265 
SER C   O    doub N N 266 
SER C   OXT  sing N N 267 
SER CB  OG   sing N N 268 
SER CB  HB2  sing N N 269 
SER CB  HB3  sing N N 270 
SER OG  HG   sing N N 271 
SER OXT HXT  sing N N 272 
THR N   CA   sing N N 273 
THR N   H    sing N N 274 
THR N   H2   sing N N 275 
THR CA  C    sing N N 276 
THR CA  CB   sing N N 277 
THR CA  HA   sing N N 278 
THR C   O    doub N N 279 
THR C   OXT  sing N N 280 
THR CB  OG1  sing N N 281 
THR CB  CG2  sing N N 282 
THR CB  HB   sing N N 283 
THR OG1 HG1  sing N N 284 
THR CG2 HG21 sing N N 285 
THR CG2 HG22 sing N N 286 
THR CG2 HG23 sing N N 287 
THR OXT HXT  sing N N 288 
TRP N   CA   sing N N 289 
TRP N   H    sing N N 290 
TRP N   H2   sing N N 291 
TRP CA  C    sing N N 292 
TRP CA  CB   sing N N 293 
TRP CA  HA   sing N N 294 
TRP C   O    doub N N 295 
TRP C   OXT  sing N N 296 
TRP CB  CG   sing N N 297 
TRP CB  HB2  sing N N 298 
TRP CB  HB3  sing N N 299 
TRP CG  CD1  doub Y N 300 
TRP CG  CD2  sing Y N 301 
TRP CD1 NE1  sing Y N 302 
TRP CD1 HD1  sing N N 303 
TRP CD2 CE2  doub Y N 304 
TRP CD2 CE3  sing Y N 305 
TRP NE1 CE2  sing Y N 306 
TRP NE1 HE1  sing N N 307 
TRP CE2 CZ2  sing Y N 308 
TRP CE3 CZ3  doub Y N 309 
TRP CE3 HE3  sing N N 310 
TRP CZ2 CH2  doub Y N 311 
TRP CZ2 HZ2  sing N N 312 
TRP CZ3 CH2  sing Y N 313 
TRP CZ3 HZ3  sing N N 314 
TRP CH2 HH2  sing N N 315 
TRP OXT HXT  sing N N 316 
TYR N   CA   sing N N 317 
TYR N   H    sing N N 318 
TYR N   H2   sing N N 319 
TYR CA  C    sing N N 320 
TYR CA  CB   sing N N 321 
TYR CA  HA   sing N N 322 
TYR C   O    doub N N 323 
TYR C   OXT  sing N N 324 
TYR CB  CG   sing N N 325 
TYR CB  HB2  sing N N 326 
TYR CB  HB3  sing N N 327 
TYR CG  CD1  doub Y N 328 
TYR CG  CD2  sing Y N 329 
TYR CD1 CE1  sing Y N 330 
TYR CD1 HD1  sing N N 331 
TYR CD2 CE2  doub Y N 332 
TYR CD2 HD2  sing N N 333 
TYR CE1 CZ   doub Y N 334 
TYR CE1 HE1  sing N N 335 
TYR CE2 CZ   sing Y N 336 
TYR CE2 HE2  sing N N 337 
TYR CZ  OH   sing N N 338 
TYR OH  HH   sing N N 339 
TYR OXT HXT  sing N N 340 
VAL N   CA   sing N N 341 
VAL N   H    sing N N 342 
VAL N   H2   sing N N 343 
VAL CA  C    sing N N 344 
VAL CA  CB   sing N N 345 
VAL CA  HA   sing N N 346 
VAL C   O    doub N N 347 
VAL C   OXT  sing N N 348 
VAL CB  CG1  sing N N 349 
VAL CB  CG2  sing N N 350 
VAL CB  HB   sing N N 351 
VAL CG1 HG11 sing N N 352 
VAL CG1 HG12 sing N N 353 
VAL CG1 HG13 sing N N 354 
VAL CG2 HG21 sing N N 355 
VAL CG2 HG22 sing N N 356 
VAL CG2 HG23 sing N N 357 
VAL OXT HXT  sing N N 358 
# 
_pdbx_initial_refinement_model.accession_code   ? 
_pdbx_initial_refinement_model.id               1 
_pdbx_initial_refinement_model.entity_id_list   ? 
_pdbx_initial_refinement_model.type             'in silico model' 
_pdbx_initial_refinement_model.source_name      Other 
_pdbx_initial_refinement_model.details          'HOMOLOGY MODEL' 
# 
_atom_sites.entry_id                    2BK8 
_atom_sites.fract_transf_matrix[1][1]   -0.00145337 
_atom_sites.fract_transf_matrix[1][2]   0.00415994 
_atom_sites.fract_transf_matrix[1][3]   -0.01385515 
_atom_sites.fract_transf_matrix[2][1]   0.00706575 
_atom_sites.fract_transf_matrix[2][2]   0.01235502 
_atom_sites.fract_transf_matrix[2][3]   0.00296835 
_atom_sites.fract_transf_matrix[3][1]   0.01802013 
_atom_sites.fract_transf_matrix[3][2]   -0.00918862 
_atom_sites.fract_transf_matrix[3][3]   -0.00464910 
_atom_sites.fract_transf_vector[1]      0.340095 
_atom_sites.fract_transf_vector[2]      -0.027402 
_atom_sites.fract_transf_vector[3]      0.720411 
# 
loop_
_atom_type.symbol 
C 
N 
O 
S 
# 
loop_
_atom_site.group_PDB 
_atom_site.id 
_atom_site.type_symbol 
_atom_site.label_atom_id 
_atom_site.label_alt_id 
_atom_site.label_comp_id 
_atom_site.label_asym_id 
_atom_site.label_entity_id 
_atom_site.label_seq_id 
_atom_site.pdbx_PDB_ins_code 
_atom_site.Cartn_x 
_atom_site.Cartn_y 
_atom_site.Cartn_z 
_atom_site.occupancy 
_atom_site.B_iso_or_equiv 
_atom_site.pdbx_formal_charge 
_atom_site.auth_seq_id 
_atom_site.auth_comp_id 
_atom_site.auth_asym_id 
_atom_site.auth_atom_id 
_atom_site.pdbx_PDB_model_num 
ATOM   1   N N   . GLY A 1 1  ? -15.028 14.077  5.996   1.00 38.51 ? 0    GLY A N   1 
ATOM   2   C CA  . GLY A 1 1  ? -15.910 13.242  5.124   1.00 39.30 ? 0    GLY A CA  1 
ATOM   3   C C   . GLY A 1 1  ? -16.901 12.416  5.924   1.00 40.09 ? 0    GLY A C   1 
ATOM   4   O O   . GLY A 1 1  ? -18.025 12.865  6.124   1.00 41.54 ? 0    GLY A O   1 
ATOM   5   N N   . ALA A 1 2  ? -16.535 11.202  6.354   1.00 40.08 ? 1    ALA A N   1 
ATOM   6   C CA  . ALA A 1 2  ? -15.324 10.465  5.912   1.00 39.46 ? 1    ALA A CA  1 
ATOM   7   C C   . ALA A 1 2  ? -13.973 10.993  6.506   1.00 38.68 ? 1    ALA A C   1 
ATOM   8   O O   . ALA A 1 2  ? -14.018 11.834  7.401   1.00 43.94 ? 1    ALA A O   1 
ATOM   9   C CB  . ALA A 1 2  ? -15.335 10.309  4.406   1.00 38.77 ? 1    ALA A CB  1 
ATOM   10  N N   . MET A 1 3  ? -12.777 10.556  6.096   1.00 37.96 ? 2    MET A N   1 
ATOM   11  C CA  . MET A 1 3  ? -12.457 9.815   4.896   1.00 33.88 ? 2    MET A CA  1 
ATOM   12  C C   . MET A 1 3  ? -12.944 8.362   4.870   1.00 33.27 ? 2    MET A C   1 
ATOM   13  O O   . MET A 1 3  ? -13.354 7.790   5.890   1.00 34.37 ? 2    MET A O   1 
ATOM   14  C CB  . MET A 1 3  ? -10.933 9.886   4.611   1.00 33.15 ? 2    MET A CB  1 
ATOM   15  C CG  A MET A 1 3  ? -10.187 11.103  5.184   0.50 24.93 ? 2    MET A CG  1 
ATOM   16  C CG  B MET A 1 3  ? -10.075 8.600   4.936   0.50 18.28 ? 2    MET A CG  1 
ATOM   17  S SD  A MET A 1 3  ? -8.434  10.871  4.860   0.50 30.31 ? 2    MET A SD  1 
ATOM   18  S SD  B MET A 1 3  ? -9.188  8.819   6.488   0.50 34.37 ? 2    MET A SD  1 
ATOM   19  C CE  A MET A 1 3  ? -7.666  11.256  6.387   0.50 27.23 ? 2    MET A CE  1 
ATOM   20  C CE  B MET A 1 3  ? -8.312  10.339  6.119   0.50 18.23 ? 2    MET A CE  1 
ATOM   21  N N   . VAL A 1 4  ? -12.973 7.828   3.662   1.00 33.89 ? 3    VAL A N   1 
ATOM   22  C CA  . VAL A 1 4  ? -13.035 6.387   3.426   1.00 33.21 ? 3    VAL A CA  1 
ATOM   23  C C   . VAL A 1 4  ? -11.877 6.035   2.512   1.00 33.22 ? 3    VAL A C   1 
ATOM   24  O O   . VAL A 1 4  ? -11.658 6.686   1.480   1.00 33.60 ? 3    VAL A O   1 
ATOM   25  C CB  . VAL A 1 4  ? -14.346 5.984   2.745   1.00 31.98 ? 3    VAL A CB  1 
ATOM   26  C CG1 . VAL A 1 4  ? -14.369 4.525   2.341   1.00 33.08 ? 3    VAL A CG1 1 
ATOM   27  C CG2 . VAL A 1 4  ? -15.521 6.256   3.666   1.00 27.05 ? 3    VAL A CG2 1 
ATOM   28  N N   . SER A 1 5  ? -11.109 5.022   2.896   1.00 33.23 ? 4    SER A N   1 
ATOM   29  C CA  . SER A 1 5  ? -10.105 4.489   2.004   1.00 33.74 ? 4    SER A CA  1 
ATOM   30  C C   . SER A 1 5  ? -10.692 3.393   1.105   1.00 32.71 ? 4    SER A C   1 
ATOM   31  O O   . SER A 1 5  ? -11.329 2.444   1.591   1.00 32.12 ? 4    SER A O   1 
ATOM   32  C CB  . SER A 1 5  ? -8.904  3.993   2.816   1.00 33.00 ? 4    SER A CB  1 
ATOM   33  O OG  . SER A 1 5  ? -9.273  2.912   3.659   1.00 37.18 ? 4    SER A OG  1 
ATOM   34  N N   . GLY A 1 6  ? -10.490 3.529   -0.216  1.00 32.63 ? 5    GLY A N   1 
ATOM   35  C CA  . GLY A 1 6  ? -11.055 2.585   -1.218  1.00 32.40 ? 5    GLY A CA  1 
ATOM   36  C C   . GLY A 1 6  ? -10.436 1.184   -1.261  1.00 35.47 ? 5    GLY A C   1 
ATOM   37  O O   . GLY A 1 6  ? -9.419  0.928   -0.610  1.00 35.95 ? 5    GLY A O   1 
ATOM   38  N N   . GLN A 1 7  ? -11.051 0.264   -2.018  1.00 34.80 ? 6    GLN A N   1 
ATOM   39  C CA  . GLN A 1 7  ? -10.511 -1.106  -2.132  1.00 36.54 ? 6    GLN A CA  1 
ATOM   40  C C   . GLN A 1 7  ? -9.212  -1.106  -2.937  1.00 35.98 ? 6    GLN A C   1 
ATOM   41  O O   . GLN A 1 7  ? -9.068  -0.362  -3.911  1.00 34.73 ? 6    GLN A O   1 
ATOM   42  C CB  . GLN A 1 7  ? -11.503 -2.065  -2.817  1.00 36.02 ? 6    GLN A CB  1 
ATOM   43  C CG  . GLN A 1 7  ? -12.894 -2.104  -2.208  1.00 39.87 ? 6    GLN A CG  1 
ATOM   44  C CD  . GLN A 1 7  ? -13.908 -2.681  -3.166  1.00 41.76 ? 6    GLN A CD  1 
ATOM   45  O OE1 . GLN A 1 7  ? -14.200 -2.094  -4.210  1.00 47.59 ? 6    GLN A OE1 1 
ATOM   46  N NE2 . GLN A 1 7  ? -14.461 -3.825  -2.816  1.00 43.38 ? 6    GLN A NE2 1 
ATOM   47  N N   . ILE A 1 8  ? -8.296  -1.984  -2.536  1.00 33.86 ? 7    ILE A N   1 
ATOM   48  C CA  . ILE A 1 8  ? -7.011  -2.213  -3.191  1.00 36.27 ? 7    ILE A CA  1 
ATOM   49  C C   . ILE A 1 8  ? -7.028  -3.669  -3.708  1.00 35.20 ? 7    ILE A C   1 
ATOM   50  O O   . ILE A 1 8  ? -7.466  -4.587  -2.991  1.00 35.12 ? 7    ILE A O   1 
ATOM   51  C CB  . ILE A 1 8  ? -5.846  -2.017  -2.211  1.00 34.36 ? 7    ILE A CB  1 
ATOM   52  C CG1 . ILE A 1 8  ? -5.818  -0.606  -1.598  1.00 34.75 ? 7    ILE A CG1 1 
ATOM   53  C CG2 . ILE A 1 8  ? -4.480  -2.319  -2.876  1.00 35.39 ? 7    ILE A CG2 1 
ATOM   54  C CD1 . ILE A 1 8  ? -4.818  -0.485  -0.404  1.00 35.04 ? 7    ILE A CD1 1 
ATOM   55  N N   . MET A 1 9  ? -6.586  -3.872  -4.955  1.00 36.21 ? 8    MET A N   1 
ATOM   56  C CA  . MET A 1 9  ? -6.545  -5.225  -5.561  1.00 33.32 ? 8    MET A CA  1 
ATOM   57  C C   . MET A 1 9  ? -5.274  -6.040  -5.229  1.00 34.52 ? 8    MET A C   1 
ATOM   58  O O   . MET A 1 9  ? -4.174  -5.473  -5.040  1.00 35.33 ? 8    MET A O   1 
ATOM   59  C CB  . MET A 1 9  ? -6.673  -5.134  -7.081  1.00 32.58 ? 8    MET A CB  1 
ATOM   60  C CG  . MET A 1 9  ? -7.803  -4.277  -7.599  1.00 33.83 ? 8    MET A CG  1 
ATOM   61  S SD  . MET A 1 9  ? -9.427  -4.770  -6.961  1.00 35.28 ? 8    MET A SD  1 
ATOM   62  C CE  . MET A 1 9  ? -9.758  -6.322  -7.794  1.00 33.82 ? 8    MET A CE  1 
ATOM   63  N N   . HIS A 1 10 ? -5.417  -7.367  -5.169  1.00 32.59 ? 9    HIS A N   1 
ATOM   64  C CA  . HIS A 1 10 ? -4.267  -8.259  -4.924  1.00 34.38 ? 9    HIS A CA  1 
ATOM   65  C C   . HIS A 1 10 ? -3.357  -8.207  -6.155  1.00 36.61 ? 9    HIS A C   1 
ATOM   66  O O   . HIS A 1 10 ? -3.817  -7.778  -7.232  1.00 36.67 ? 9    HIS A O   1 
ATOM   67  C CB  . HIS A 1 10 ? -4.719  -9.719  -4.667  1.00 33.65 ? 9    HIS A CB  1 
ATOM   68  C CG  . HIS A 1 10 ? -5.705  -9.874  -3.536  1.00 34.10 ? 9    HIS A CG  1 
ATOM   69  N ND1 . HIS A 1 10 ? -5.492  -9.336  -2.282  1.00 34.81 ? 9    HIS A ND1 1 
ATOM   70  C CD2 . HIS A 1 10 ? -6.884  -10.537 -3.468  1.00 37.37 ? 9    HIS A CD2 1 
ATOM   71  C CE1 . HIS A 1 10 ? -6.519  -9.631  -1.502  1.00 36.42 ? 9    HIS A CE1 1 
ATOM   72  N NE2 . HIS A 1 10 ? -7.377  -10.361 -2.195  1.00 36.38 ? 9    HIS A NE2 1 
ATOM   73  N N   . ALA A 1 11 ? -2.117  -8.700  -6.000  1.00 36.26 ? 10   ALA A N   1 
ATOM   74  C CA  . ALA A 1 11 ? -1.133  -8.850  -7.098  1.00 35.30 ? 10   ALA A CA  1 
ATOM   75  C C   . ALA A 1 11 ? -0.232  -10.091 -6.954  1.00 36.73 ? 10   ALA A C   1 
ATOM   76  O O   . ALA A 1 11 ? 0.064   -10.521 -5.829  1.00 36.48 ? 10   ALA A O   1 
ATOM   77  C CB  . ALA A 1 11 ? -0.263  -7.584  -7.176  1.00 37.15 ? 10   ALA A CB  1 
ATOM   78  N N   . VAL A 1 12 ? 0.187   -10.643 -8.092  1.00 33.18 ? 11   VAL A N   1 
ATOM   79  C CA  . VAL A 1 12 ? 1.258   -11.669 -8.163  1.00 34.43 ? 11   VAL A CA  1 
ATOM   80  C C   . VAL A 1 12 ? 2.563   -10.970 -8.551  1.00 34.36 ? 11   VAL A C   1 
ATOM   81  O O   . VAL A 1 12 ? 2.614   -10.252 -9.556  1.00 35.71 ? 11   VAL A O   1 
ATOM   82  C CB  . VAL A 1 12 ? 0.948   -12.777 -9.179  1.00 32.92 ? 11   VAL A CB  1 
ATOM   83  C CG1 . VAL A 1 12 ? 2.175   -13.723 -9.364  1.00 34.57 ? 11   VAL A CG1 1 
ATOM   84  C CG2 . VAL A 1 12 ? -0.257  -13.604 -8.755  1.00 35.15 ? 11   VAL A CG2 1 
ATOM   85  N N   . GLY A 1 13 ? 3.614   -11.210 -7.777  1.00 37.58 ? 12   GLY A N   1 
ATOM   86  C CA  . GLY A 1 13 ? 4.931   -10.631 -8.067  1.00 34.66 ? 12   GLY A CA  1 
ATOM   87  C C   . GLY A 1 13 ? 5.833   -11.754 -8.538  1.00 34.22 ? 12   GLY A C   1 
ATOM   88  O O   . GLY A 1 13 ? 5.830   -12.840 -7.956  1.00 34.31 ? 12   GLY A O   1 
ATOM   89  N N   . GLU A 1 14 ? 6.577   -11.496 -9.609  1.00 37.62 ? 13   GLU A N   1 
ATOM   90  C CA  . GLU A 1 14 ? 7.597   -12.433 -10.059 1.00 37.10 ? 13   GLU A CA  1 
ATOM   91  C C   . GLU A 1 14 ? 8.967   -11.999 -9.538  1.00 36.98 ? 13   GLU A C   1 
ATOM   92  O O   . GLU A 1 14 ? 9.260   -10.800 -9.507  1.00 34.82 ? 13   GLU A O   1 
ATOM   93  C CB  . GLU A 1 14 ? 7.652   -12.512 -11.586 1.00 40.52 ? 13   GLU A CB  1 
ATOM   94  C CG  . GLU A 1 14 ? 6.410   -13.091 -12.222 1.00 45.52 ? 13   GLU A CG  1 
ATOM   95  C CD  . GLU A 1 14 ? 6.565   -13.277 -13.715 1.00 48.08 ? 13   GLU A CD  1 
ATOM   96  O OE1 . GLU A 1 14 ? 7.704   -13.510 -14.182 1.00 52.54 ? 13   GLU A OE1 1 
ATOM   97  O OE2 . GLU A 1 14 ? 5.542   -13.201 -14.426 1.00 48.43 ? 13   GLU A OE2 1 
ATOM   98  N N   . GLU A 1 15 ? 9.811   -12.969 -9.178  1.00 35.32 ? 14   GLU A N   1 
ATOM   99  C CA  . GLU A 1 15 ? 11.129  -12.650 -8.610  1.00 38.16 ? 14   GLU A CA  1 
ATOM   100 C C   . GLU A 1 15 ? 11.897  -11.691 -9.526  1.00 35.88 ? 14   GLU A C   1 
ATOM   101 O O   . GLU A 1 15 ? 11.970  -11.919 -10.731 1.00 35.26 ? 14   GLU A O   1 
ATOM   102 C CB  . GLU A 1 15 ? 11.944  -13.919 -8.354  1.00 37.34 ? 14   GLU A CB  1 
ATOM   103 C CG  . GLU A 1 15 ? 11.623  -14.584 -7.011  1.00 42.98 ? 14   GLU A CG  1 
ATOM   104 C CD  . GLU A 1 15 ? 12.228  -15.969 -6.867  1.00 44.43 ? 14   GLU A CD  1 
ATOM   105 O OE1 . GLU A 1 15 ? 13.263  -16.248 -7.532  1.00 47.87 ? 14   GLU A OE1 1 
ATOM   106 O OE2 . GLU A 1 15 ? 11.677  -16.786 -6.092  1.00 44.62 ? 14   GLU A OE2 1 
ATOM   107 N N   . GLY A 1 16 ? 12.434  -10.612 -8.954  1.00 34.09 ? 15   GLY A N   1 
ATOM   108 C CA  . GLY A 1 16 ? 13.160  -9.597  -9.742  1.00 33.35 ? 15   GLY A CA  1 
ATOM   109 C C   . GLY A 1 16 ? 12.311  -8.566  -10.459 1.00 33.85 ? 15   GLY A C   1 
ATOM   110 O O   . GLY A 1 16 ? 12.833  -7.596  -11.010 1.00 31.92 ? 15   GLY A O   1 
ATOM   111 N N   . GLY A 1 17 ? 10.987  -8.758  -10.446 1.00 32.64 ? 16   GLY A N   1 
ATOM   112 C CA  . GLY A 1 17 ? 10.075  -7.780  -11.035 1.00 36.20 ? 16   GLY A CA  1 
ATOM   113 C C   . GLY A 1 17 ? 9.542   -6.775  -10.028 1.00 37.01 ? 16   GLY A C   1 
ATOM   114 O O   . GLY A 1 17 ? 10.146  -6.575  -8.955  1.00 34.57 ? 16   GLY A O   1 
ATOM   115 N N   . HIS A 1 18 ? 8.408   -6.144  -10.367 1.00 34.94 ? 17   HIS A N   1 
ATOM   116 C CA  . HIS A 1 18 ? 7.715   -5.215  -9.475  1.00 35.57 ? 17   HIS A CA  1 
ATOM   117 C C   . HIS A 1 18 ? 6.183   -5.447  -9.441  1.00 35.79 ? 17   HIS A C   1 
ATOM   118 O O   . HIS A 1 18 ? 5.643   -6.154  -10.311 1.00 35.17 ? 17   HIS A O   1 
ATOM   119 C CB  . HIS A 1 18 ? 8.066   -3.758  -9.869  1.00 37.14 ? 17   HIS A CB  1 
ATOM   120 C CG  . HIS A 1 18 ? 7.414   -3.283  -11.143 1.00 39.54 ? 17   HIS A CG  1 
ATOM   121 N ND1 . HIS A 1 18 ? 8.016   -3.393  -12.371 1.00 38.68 ? 17   HIS A ND1 1 
ATOM   122 C CD2 . HIS A 1 18 ? 6.225   -2.674  -11.369 1.00 37.62 ? 17   HIS A CD2 1 
ATOM   123 C CE1 . HIS A 1 18 ? 7.230   -2.890  -13.308 1.00 38.43 ? 17   HIS A CE1 1 
ATOM   124 N NE2 . HIS A 1 18 ? 6.139   -2.432  -12.723 1.00 36.60 ? 17   HIS A NE2 1 
ATOM   125 N N   . VAL A 1 19 ? 5.485   -4.875  -8.446  1.00 35.35 ? 18   VAL A N   1 
ATOM   126 C CA  . VAL A 1 19 ? 4.012   -4.799  -8.448  1.00 39.15 ? 18   VAL A CA  1 
ATOM   127 C C   . VAL A 1 19 ? 3.614   -3.403  -7.957  1.00 36.73 ? 18   VAL A C   1 
ATOM   128 O O   . VAL A 1 19 ? 4.458   -2.692  -7.396  1.00 37.90 ? 18   VAL A O   1 
ATOM   129 C CB  . VAL A 1 19 ? 3.306   -5.883  -7.563  1.00 40.91 ? 18   VAL A CB  1 
ATOM   130 C CG1 . VAL A 1 19 ? 3.721   -7.306  -7.986  1.00 45.02 ? 18   VAL A CG1 1 
ATOM   131 C CG2 . VAL A 1 19 ? 3.537   -5.630  -6.064  1.00 40.49 ? 18   VAL A CG2 1 
ATOM   132 N N   . LYS A 1 20 ? 2.348   -3.010  -8.144  1.00 38.77 ? 19   LYS A N   1 
ATOM   133 C CA  . LYS A 1 20 ? 1.833   -1.738  -7.625  1.00 37.78 ? 19   LYS A CA  1 
ATOM   134 C C   . LYS A 1 20 ? 0.542   -1.958  -6.873  1.00 36.59 ? 19   LYS A C   1 
ATOM   135 O O   . LYS A 1 20 ? -0.211  -2.899  -7.185  1.00 35.33 ? 19   LYS A O   1 
ATOM   136 C CB  A LYS A 1 20 ? 1.564   -0.760  -8.790  0.50 37.85 ? 19   LYS A CB  1 
ATOM   137 C CB  B LYS A 1 20 ? 1.657   -0.674  -8.723  0.50 37.27 ? 19   LYS A CB  1 
ATOM   138 C CG  A LYS A 1 20 ? 0.642   -1.326  -9.890  0.50 38.04 ? 19   LYS A CG  1 
ATOM   139 C CG  B LYS A 1 20 ? 0.357   -0.750  -9.512  0.50 37.09 ? 19   LYS A CG  1 
ATOM   140 C CD  A LYS A 1 20 ? 0.076   -0.255  -10.844 0.50 40.46 ? 19   LYS A CD  1 
ATOM   141 C CD  B LYS A 1 20 ? 0.030   0.599   -10.167 0.50 38.27 ? 19   LYS A CD  1 
ATOM   142 C CE  A LYS A 1 20 ? -1.290  -0.659  -11.443 0.50 37.75 ? 19   LYS A CE  1 
ATOM   143 C CE  B LYS A 1 20 ? -0.451  0.443   -11.604 0.50 37.25 ? 19   LYS A CE  1 
ATOM   144 N NZ  A LYS A 1 20 ? -1.399  -2.115  -11.786 0.50 35.58 ? 19   LYS A NZ  1 
ATOM   145 N NZ  B LYS A 1 20 ? 0.635   -0.038  -12.513 0.50 37.43 ? 19   LYS A NZ  1 
ATOM   146 N N   . TYR A 1 21 ? 0.286   -1.075  -5.907  1.00 36.69 ? 20   TYR A N   1 
ATOM   147 C CA  . TYR A 1 21 ? -0.986  -1.002  -5.205  1.00 35.30 ? 20   TYR A CA  1 
ATOM   148 C C   . TYR A 1 21 ? -1.533  0.441   -5.284  1.00 36.68 ? 20   TYR A C   1 
ATOM   149 O O   . TYR A 1 21 ? -0.817  1.408   -5.027  1.00 36.42 ? 20   TYR A O   1 
ATOM   150 C CB  . TYR A 1 21 ? -0.863  -1.453  -3.732  1.00 36.61 ? 20   TYR A CB  1 
ATOM   151 C CG  . TYR A 1 21 ? -0.497  -2.911  -3.638  1.00 34.39 ? 20   TYR A CG  1 
ATOM   152 C CD1 . TYR A 1 21 ? -1.467  -3.919  -3.829  1.00 34.05 ? 20   TYR A CD1 1 
ATOM   153 C CD2 . TYR A 1 21 ? 0.835   -3.304  -3.438  1.00 37.10 ? 20   TYR A CD2 1 
ATOM   154 C CE1 . TYR A 1 21 ? -1.106  -5.284  -3.779  1.00 35.74 ? 20   TYR A CE1 1 
ATOM   155 C CE2 . TYR A 1 21 ? 1.169   -4.626  -3.369  1.00 37.24 ? 20   TYR A CE2 1 
ATOM   156 C CZ  . TYR A 1 21 ? 0.207   -5.611  -3.564  1.00 38.50 ? 20   TYR A CZ  1 
ATOM   157 O OH  . TYR A 1 21 ? 0.608   -6.935  -3.529  1.00 36.76 ? 20   TYR A OH  1 
ATOM   158 N N   . VAL A 1 22 ? -2.809  0.564   -5.605  1.00 37.34 ? 21   VAL A N   1 
ATOM   159 C CA  . VAL A 1 22 ? -3.438  1.873   -5.766  1.00 35.60 ? 21   VAL A CA  1 
ATOM   160 C C   . VAL A 1 22 ? -4.647  1.962   -4.846  1.00 35.31 ? 21   VAL A C   1 
ATOM   161 O O   . VAL A 1 22 ? -5.585  1.124   -4.917  1.00 36.38 ? 21   VAL A O   1 
ATOM   162 C CB  . VAL A 1 22 ? -3.895  2.122   -7.240  1.00 34.23 ? 21   VAL A CB  1 
ATOM   163 C CG1 . VAL A 1 22 ? -4.718  3.438   -7.339  1.00 36.55 ? 21   VAL A CG1 1 
ATOM   164 C CG2 . VAL A 1 22 ? -2.716  2.120   -8.199  1.00 36.95 ? 21   VAL A CG2 1 
ATOM   165 N N   . CYS A 1 23 ? -4.649  2.991   -4.003  1.00 34.94 ? 22   CYS A N   1 
ATOM   166 C CA  . CYS A 1 23 ? -5.755  3.198   -3.077  1.00 34.26 ? 22   CYS A CA  1 
ATOM   167 C C   . CYS A 1 23 ? -6.336  4.598   -3.271  1.00 32.39 ? 22   CYS A C   1 
ATOM   168 O O   . CYS A 1 23 ? -5.651  5.609   -3.060  1.00 34.18 ? 22   CYS A O   1 
ATOM   169 C CB  . CYS A 1 23 ? -5.302  2.985   -1.614  1.00 32.11 ? 22   CYS A CB  1 
ATOM   170 S SG  . CYS A 1 23 ? -6.676  3.249   -0.370  1.00 35.24 ? 22   CYS A SG  1 
ATOM   171 N N   . LYS A 1 24 ? -7.605  4.658   -3.664  1.00 35.50 ? 23   LYS A N   1 
ATOM   172 C CA  . LYS A 1 24 ? -8.289  5.937   -3.866  1.00 34.52 ? 23   LYS A CA  1 
ATOM   173 C C   . LYS A 1 24 ? -9.101  6.383   -2.613  1.00 33.75 ? 23   LYS A C   1 
ATOM   174 O O   . LYS A 1 24 ? -9.896  5.611   -2.081  1.00 34.20 ? 23   LYS A O   1 
ATOM   175 C CB  . LYS A 1 24 ? -9.180  5.834   -5.131  1.00 35.92 ? 23   LYS A CB  1 
ATOM   176 C CG  . LYS A 1 24 ? -9.597  7.135   -5.754  1.00 38.24 ? 23   LYS A CG  1 
ATOM   177 C CD  . LYS A 1 24 ? -10.400 6.870   -7.029  1.00 36.40 ? 23   LYS A CD  1 
ATOM   178 C CE  . LYS A 1 24 ? -11.194 8.091   -7.432  1.00 35.52 ? 23   LYS A CE  1 
ATOM   179 N NZ  . LYS A 1 24 ? -12.268 7.820   -8.433  1.00 32.88 ? 23   LYS A NZ  1 
ATOM   180 N N   . ILE A 1 25 ? -8.829  7.589   -2.125  1.00 32.29 ? 24   ILE A N   1 
ATOM   181 C CA  . ILE A 1 25 ? -9.465  8.119   -0.895  1.00 33.95 ? 24   ILE A CA  1 
ATOM   182 C C   . ILE A 1 25 ? -10.634 9.062   -1.163  1.00 32.58 ? 24   ILE A C   1 
ATOM   183 O O   . ILE A 1 25 ? -10.534 9.977   -1.984  1.00 29.60 ? 24   ILE A O   1 
ATOM   184 C CB  . ILE A 1 25 ? -8.373  8.740   0.047   1.00 36.77 ? 24   ILE A CB  1 
ATOM   185 C CG1 . ILE A 1 25 ? -7.412  7.639   0.507   1.00 39.64 ? 24   ILE A CG1 1 
ATOM   186 C CG2 . ILE A 1 25 ? -8.999  9.317   1.302   1.00 34.88 ? 24   ILE A CG2 1 
ATOM   187 C CD1 . ILE A 1 25 ? -5.901  7.935   0.325   1.00 41.07 ? 24   ILE A CD1 1 
ATOM   188 N N   . GLU A 1 26 ? -11.755 8.810   -0.470  1.00 24.62 ? 25   GLU A N   1 
ATOM   189 C CA  . GLU A 1 26 ? -12.916 9.707   -0.504  1.00 27.71 ? 25   GLU A CA  1 
ATOM   190 C C   . GLU A 1 26 ? -12.813 10.701  0.647   1.00 28.52 ? 25   GLU A C   1 
ATOM   191 O O   . GLU A 1 26 ? -12.435 10.330  1.767   1.00 28.74 ? 25   GLU A O   1 
ATOM   192 C CB  . GLU A 1 26 ? -14.204 8.897   -0.431  1.00 26.15 ? 25   GLU A CB  1 
ATOM   193 C CG  . GLU A 1 26 ? -14.460 7.859   -1.531  1.00 34.51 ? 25   GLU A CG  1 
ATOM   194 C CD  . GLU A 1 26 ? -14.365 8.393   -2.979  1.00 39.28 ? 25   GLU A CD  1 
ATOM   195 O OE1 . GLU A 1 26 ? -15.002 9.418   -3.306  1.00 41.01 ? 25   GLU A OE1 1 
ATOM   196 O OE2 . GLU A 1 26 ? -13.683 7.737   -3.805  1.00 38.50 ? 25   GLU A OE2 1 
ATOM   197 N N   . ASN A 1 27 ? -13.177 11.958  0.369   1.00 29.34 ? 26   ASN A N   1 
ATOM   198 C CA  . ASN A 1 27 ? -13.214 13.061  1.348   1.00 31.73 ? 26   ASN A CA  1 
ATOM   199 C C   . ASN A 1 27 ? -11.880 13.337  2.059   1.00 33.68 ? 26   ASN A C   1 
ATOM   200 O O   . ASN A 1 27 ? -11.833 13.644  3.262   1.00 32.38 ? 26   ASN A O   1 
ATOM   201 C CB  . ASN A 1 27 ? -14.376 12.912  2.352   1.00 29.74 ? 26   ASN A CB  1 
ATOM   202 C CG  . ASN A 1 27 ? -15.714 12.617  1.683   1.00 34.28 ? 26   ASN A CG  1 
ATOM   203 O OD1 . ASN A 1 27 ? -16.377 13.519  1.167   1.00 27.16 ? 26   ASN A OD1 1 
ATOM   204 N ND2 . ASN A 1 27 ? -16.144 11.354  1.742   1.00 31.47 ? 26   ASN A ND2 1 
ATOM   205 N N   . TYR A 1 28 ? -10.796 13.187  1.295   1.00 32.51 ? 27   TYR A N   1 
ATOM   206 C CA  . TYR A 1 28 ? -9.485  13.711  1.671   1.00 34.21 ? 27   TYR A CA  1 
ATOM   207 C C   . TYR A 1 28 ? -9.500  15.246  1.809   1.00 35.32 ? 27   TYR A C   1 
ATOM   208 O O   . TYR A 1 28 ? -10.337 15.942  1.201   1.00 37.23 ? 27   TYR A O   1 
ATOM   209 C CB  . TYR A 1 28 ? -8.435  13.259  0.645   1.00 34.55 ? 27   TYR A CB  1 
ATOM   210 C CG  . TYR A 1 28 ? -8.692  13.762  -0.760  1.00 33.09 ? 27   TYR A CG  1 
ATOM   211 C CD1 . TYR A 1 28 ? -8.184  14.988  -1.186  1.00 32.14 ? 27   TYR A CD1 1 
ATOM   212 C CD2 . TYR A 1 28 ? -9.474  13.027  -1.657  1.00 28.60 ? 27   TYR A CD2 1 
ATOM   213 C CE1 . TYR A 1 28 ? -8.441  15.457  -2.471  1.00 31.26 ? 27   TYR A CE1 1 
ATOM   214 C CE2 . TYR A 1 28 ? -9.712  13.477  -2.939  1.00 26.39 ? 27   TYR A CE2 1 
ATOM   215 C CZ  . TYR A 1 28 ? -9.204  14.684  -3.347  1.00 29.91 ? 27   TYR A CZ  1 
ATOM   216 O OH  . TYR A 1 28 ? -9.455  15.151  -4.621  1.00 33.04 ? 27   TYR A OH  1 
ATOM   217 N N   . ASP A 1 29 ? -8.587  15.773  2.623   1.00 35.31 ? 28   ASP A N   1 
ATOM   218 C CA  . ASP A 1 29 ? -8.398  17.224  2.750   1.00 35.54 ? 28   ASP A CA  1 
ATOM   219 C C   . ASP A 1 29 ? -6.931  17.589  3.060   1.00 33.25 ? 28   ASP A C   1 
ATOM   220 O O   . ASP A 1 29 ? -6.035  16.734  2.937   1.00 34.67 ? 28   ASP A O   1 
ATOM   221 C CB  . ASP A 1 29 ? -9.389  17.840  3.759   1.00 37.16 ? 28   ASP A CB  1 
ATOM   222 C CG  . ASP A 1 29 ? -9.145  17.396  5.201   1.00 38.82 ? 28   ASP A CG  1 
ATOM   223 O OD1 . ASP A 1 29 ? -8.078  16.840  5.528   1.00 38.63 ? 28   ASP A OD1 1 
ATOM   224 O OD2 . ASP A 1 29 ? -10.038 17.647  6.036   1.00 42.91 ? 28   ASP A OD2 1 
ATOM   225 N N   . GLN A 1 30 ? -6.700  18.842  3.461   1.00 35.90 ? 29   GLN A N   1 
ATOM   226 C CA  . GLN A 1 30 ? -5.346  19.342  3.718   1.00 33.52 ? 29   GLN A CA  1 
ATOM   227 C C   . GLN A 1 30 ? -4.644  18.668  4.892   1.00 33.00 ? 29   GLN A C   1 
ATOM   228 O O   . GLN A 1 30 ? -3.424  18.787  5.014   1.00 31.75 ? 29   GLN A O   1 
ATOM   229 C CB  . GLN A 1 30 ? -5.307  20.883  3.873   1.00 36.64 ? 29   GLN A CB  1 
ATOM   230 C CG  . GLN A 1 30 ? -5.993  21.467  5.125   1.00 42.01 ? 29   GLN A CG  1 
ATOM   231 C CD  . GLN A 1 30 ? -5.086  21.534  6.363   1.00 45.20 ? 29   GLN A CD  1 
ATOM   232 O OE1 . GLN A 1 30 ? -3.918  21.921  6.282   1.00 47.77 ? 29   GLN A OE1 1 
ATOM   233 N NE2 . GLN A 1 30 ? -5.636  21.171  7.515   1.00 46.59 ? 29   GLN A NE2 1 
ATOM   234 N N   . SER A 1 31 ? -5.393  17.985  5.758   1.00 31.61 ? 30   SER A N   1 
ATOM   235 C CA  . SER A 1 31 ? -4.769  17.291  6.892   1.00 33.46 ? 30   SER A CA  1 
ATOM   236 C C   . SER A 1 31 ? -4.485  15.790  6.651   1.00 34.12 ? 30   SER A C   1 
ATOM   237 O O   . SER A 1 31 ? -3.849  15.123  7.484   1.00 33.82 ? 30   SER A O   1 
ATOM   238 C CB  . SER A 1 31 ? -5.574  17.517  8.188   1.00 35.79 ? 30   SER A CB  1 
ATOM   239 O OG  . SER A 1 31 ? -6.693  16.654  8.259   1.00 36.03 ? 30   SER A OG  1 
ATOM   240 N N   . THR A 1 32 ? -4.930  15.258  5.509   1.00 34.56 ? 31   THR A N   1 
ATOM   241 C CA  . THR A 1 32 ? -4.770  13.838  5.199   1.00 36.22 ? 31   THR A CA  1 
ATOM   242 C C   . THR A 1 32 ? -3.288  13.428  5.078   1.00 35.31 ? 31   THR A C   1 
ATOM   243 O O   . THR A 1 32 ? -2.546  14.061  4.327   1.00 35.14 ? 31   THR A O   1 
ATOM   244 C CB  . THR A 1 32 ? -5.522  13.482  3.897   1.00 35.33 ? 31   THR A CB  1 
ATOM   245 O OG1 . THR A 1 32 ? -6.894  13.880  4.025   1.00 31.47 ? 31   THR A OG1 1 
ATOM   246 C CG2 . THR A 1 32 ? -5.447  11.989  3.620   1.00 39.43 ? 31   THR A CG2 1 
ATOM   247 N N   . GLN A 1 33 ? -2.876  12.396  5.828   1.00 36.63 ? 32   GLN A N   1 
ATOM   248 C CA  . GLN A 1 33 ? -1.518  11.789  5.768   1.00 38.21 ? 32   GLN A CA  1 
ATOM   249 C C   . GLN A 1 33 ? -1.643  10.270  5.529   1.00 36.59 ? 32   GLN A C   1 
ATOM   250 O O   . GLN A 1 33 ? -2.449  9.605   6.171   1.00 34.75 ? 32   GLN A O   1 
ATOM   251 C CB  . GLN A 1 33 ? -0.705  12.048  7.059   1.00 38.54 ? 32   GLN A CB  1 
ATOM   252 C CG  . GLN A 1 33 ? 0.673   11.310  7.099   1.00 42.58 ? 32   GLN A CG  1 
ATOM   253 C CD  . GLN A 1 33 ? 1.404   11.426  8.434   1.00 45.01 ? 32   GLN A CD  1 
ATOM   254 O OE1 . GLN A 1 33 ? 1.016   10.801  9.437   1.00 49.51 ? 32   GLN A OE1 1 
ATOM   255 N NE2 . GLN A 1 33 ? 2.482   12.215  8.451   1.00 49.74 ? 32   GLN A NE2 1 
ATOM   256 N N   . VAL A 1 34 ? -0.811  9.716   4.642   1.00 35.81 ? 33   VAL A N   1 
ATOM   257 C CA  . VAL A 1 34 ? -0.905  8.288   4.281   1.00 35.23 ? 33   VAL A CA  1 
ATOM   258 C C   . VAL A 1 34 ? 0.370   7.570   4.663   1.00 35.43 ? 33   VAL A C   1 
ATOM   259 O O   . VAL A 1 34 ? 1.461   8.106   4.436   1.00 32.68 ? 33   VAL A O   1 
ATOM   260 C CB  . VAL A 1 34 ? -1.087  8.114   2.752   1.00 35.77 ? 33   VAL A CB  1 
ATOM   261 C CG1 . VAL A 1 34 ? -1.051  6.611   2.339   1.00 35.63 ? 33   VAL A CG1 1 
ATOM   262 C CG2 . VAL A 1 34 ? -2.358  8.787   2.297   1.00 38.33 ? 33   VAL A CG2 1 
ATOM   263 N N   . THR A 1 35 ? 0.230   6.404   5.300   1.00 32.96 ? 34   THR A N   1 
ATOM   264 C CA  . THR A 1 35 ? 1.398   5.563   5.633   1.00 34.86 ? 34   THR A CA  1 
ATOM   265 C C   . THR A 1 35 ? 1.094   4.122   5.201   1.00 36.76 ? 34   THR A C   1 
ATOM   266 O O   . THR A 1 35 ? 0.018   3.579   5.503   1.00 34.16 ? 34   THR A O   1 
ATOM   267 C CB  . THR A 1 35 ? 1.714   5.589   7.169   1.00 34.34 ? 34   THR A CB  1 
ATOM   268 O OG1 . THR A 1 35 ? 1.848   6.947   7.632   1.00 34.79 ? 34   THR A OG1 1 
ATOM   269 C CG2 . THR A 1 35 ? 3.008   4.831   7.495   1.00 36.84 ? 34   THR A CG2 1 
ATOM   270 N N   . TRP A 1 36 ? 2.049   3.488   4.517   1.00 33.64 ? 35   TRP A N   1 
ATOM   271 C CA  . TRP A 1 36 ? 1.904   2.065   4.136   1.00 34.83 ? 35   TRP A CA  1 
ATOM   272 C C   . TRP A 1 36 ? 2.686   1.136   5.086   1.00 33.80 ? 35   TRP A C   1 
ATOM   273 O O   . TRP A 1 36 ? 3.702   1.543   5.668   1.00 33.69 ? 35   TRP A O   1 
ATOM   274 C CB  . TRP A 1 36 ? 2.391   1.838   2.703   1.00 33.73 ? 35   TRP A CB  1 
ATOM   275 C CG  . TRP A 1 36 ? 1.568   2.486   1.624   1.00 35.19 ? 35   TRP A CG  1 
ATOM   276 C CD1 . TRP A 1 36 ? 1.603   3.795   1.239   1.00 34.77 ? 35   TRP A CD1 1 
ATOM   277 C CD2 . TRP A 1 36 ? 0.577   1.845   0.798   1.00 35.80 ? 35   TRP A CD2 1 
ATOM   278 N NE1 . TRP A 1 36 ? 0.708   4.004   0.206   1.00 34.44 ? 35   TRP A NE1 1 
ATOM   279 C CE2 . TRP A 1 36 ? 0.076   2.824   -0.088  1.00 29.48 ? 35   TRP A CE2 1 
ATOM   280 C CE3 . TRP A 1 36 ? 0.095   0.521   0.697   1.00 35.23 ? 35   TRP A CE3 1 
ATOM   281 C CZ2 . TRP A 1 36 ? -0.883  2.531   -1.094  1.00 33.76 ? 35   TRP A CZ2 1 
ATOM   282 C CZ3 . TRP A 1 36 ? -0.873  0.220   -0.282  1.00 35.76 ? 35   TRP A CZ3 1 
ATOM   283 C CH2 . TRP A 1 36 ? -1.371  1.248   -1.167  1.00 34.38 ? 35   TRP A CH2 1 
ATOM   284 N N   . TYR A 1 37 ? 2.206   -0.104  5.230   1.00 32.90 ? 36   TYR A N   1 
ATOM   285 C CA  . TYR A 1 37 ? 2.881   -1.149  6.029   1.00 33.67 ? 36   TYR A CA  1 
ATOM   286 C C   . TYR A 1 37 ? 2.952   -2.467  5.249   1.00 35.60 ? 36   TYR A C   1 
ATOM   287 O O   . TYR A 1 37 ? 2.051   -2.798  4.490   1.00 37.12 ? 36   TYR A O   1 
ATOM   288 C CB  . TYR A 1 37 ? 2.175   -1.400  7.372   1.00 33.04 ? 36   TYR A CB  1 
ATOM   289 C CG  . TYR A 1 37 ? 2.060   -0.191  8.292   1.00 32.11 ? 36   TYR A CG  1 
ATOM   290 C CD1 . TYR A 1 37 ? 2.885   -0.040  9.418   1.00 29.79 ? 36   TYR A CD1 1 
ATOM   291 C CD2 . TYR A 1 37 ? 1.085   0.789   8.056   1.00 32.80 ? 36   TYR A CD2 1 
ATOM   292 C CE1 . TYR A 1 37 ? 2.757   1.071   10.260  1.00 33.38 ? 36   TYR A CE1 1 
ATOM   293 C CE2 . TYR A 1 37 ? 0.982   1.877   8.855   1.00 33.02 ? 36   TYR A CE2 1 
ATOM   294 C CZ  . TYR A 1 37 ? 1.808   2.034   9.953   1.00 32.87 ? 36   TYR A CZ  1 
ATOM   295 O OH  . TYR A 1 37 ? 1.629   3.162   10.760  1.00 34.88 ? 36   TYR A OH  1 
ATOM   296 N N   . PHE A 1 38 ? 4.048   -3.201  5.432   1.00 36.70 ? 37   PHE A N   1 
ATOM   297 C CA  . PHE A 1 38 ? 4.133   -4.603  5.012   1.00 36.38 ? 37   PHE A CA  1 
ATOM   298 C C   . PHE A 1 38 ? 4.165   -5.456  6.267   1.00 36.12 ? 37   PHE A C   1 
ATOM   299 O O   . PHE A 1 38 ? 5.128   -5.397  7.037   1.00 34.58 ? 37   PHE A O   1 
ATOM   300 C CB  . PHE A 1 38 ? 5.398   -4.846  4.170   1.00 34.40 ? 37   PHE A CB  1 
ATOM   301 C CG  . PHE A 1 38 ? 5.639   -6.314  3.797   1.00 35.76 ? 37   PHE A CG  1 
ATOM   302 C CD1 . PHE A 1 38 ? 4.589   -7.143  3.389   1.00 34.72 ? 37   PHE A CD1 1 
ATOM   303 C CD2 . PHE A 1 38 ? 6.935   -6.840  3.830   1.00 36.48 ? 37   PHE A CD2 1 
ATOM   304 C CE1 . PHE A 1 38 ? 4.797   -8.479  3.048   1.00 34.61 ? 37   PHE A CE1 1 
ATOM   305 C CE2 . PHE A 1 38 ? 7.168   -8.180  3.450   1.00 35.56 ? 37   PHE A CE2 1 
ATOM   306 C CZ  . PHE A 1 38 ? 6.099   -9.001  3.079   1.00 33.71 ? 37   PHE A CZ  1 
ATOM   307 N N   . GLY A 1 39 ? 3.128   -6.265  6.475   1.00 35.89 ? 38   GLY A N   1 
ATOM   308 C CA  . GLY A 1 39 ? 2.986   -6.964  7.756   1.00 36.04 ? 38   GLY A CA  1 
ATOM   309 C C   . GLY A 1 39 ? 3.138   -5.972  8.905   1.00 36.66 ? 38   GLY A C   1 
ATOM   310 O O   . GLY A 1 39 ? 2.408   -4.969  8.944   1.00 37.55 ? 38   GLY A O   1 
ATOM   311 N N   . VAL A 1 40 ? 4.088   -6.222  9.819   1.00 34.82 ? 39   VAL A N   1 
ATOM   312 C CA  . VAL A 1 40 ? 4.307   -5.324  10.980  1.00 36.99 ? 39   VAL A CA  1 
ATOM   313 C C   . VAL A 1 40 ? 5.182   -4.097  10.705  1.00 37.03 ? 39   VAL A C   1 
ATOM   314 O O   . VAL A 1 40 ? 5.303   -3.199  11.564  1.00 36.77 ? 39   VAL A O   1 
ATOM   315 C CB  . VAL A 1 40 ? 4.872   -6.079  12.231  1.00 36.03 ? 39   VAL A CB  1 
ATOM   316 C CG1 . VAL A 1 40 ? 3.903   -7.162  12.729  1.00 39.75 ? 39   VAL A CG1 1 
ATOM   317 C CG2 . VAL A 1 40 ? 6.241   -6.680  11.930  1.00 37.85 ? 39   VAL A CG2 1 
ATOM   318 N N   . ARG A 1 41 ? 5.767   -4.049  9.510   1.00 36.09 ? 40   ARG A N   1 
ATOM   319 C CA  . ARG A 1 41 ? 6.819   -3.071  9.168   1.00 36.10 ? 40   ARG A CA  1 
ATOM   320 C C   . ARG A 1 41 ? 6.283   -1.802  8.502   1.00 34.40 ? 40   ARG A C   1 
ATOM   321 O O   . ARG A 1 41 ? 5.576   -1.883  7.479   1.00 34.06 ? 40   ARG A O   1 
ATOM   322 C CB  . ARG A 1 41 ? 7.840   -3.738  8.236   1.00 36.65 ? 40   ARG A CB  1 
ATOM   323 C CG  . ARG A 1 41 ? 8.634   -4.854  8.886   1.00 39.83 ? 40   ARG A CG  1 
ATOM   324 C CD  . ARG A 1 41 ? 9.677   -5.481  7.966   1.00 39.38 ? 40   ARG A CD  1 
ATOM   325 N NE  . ARG A 1 41 ? 10.403  -6.498  8.733   1.00 43.36 ? 40   ARG A NE  1 
ATOM   326 C CZ  . ARG A 1 41 ? 10.892  -7.635  8.250   1.00 43.49 ? 40   ARG A CZ  1 
ATOM   327 N NH1 . ARG A 1 41 ? 10.771  -7.922  6.972   1.00 43.09 ? 40   ARG A NH1 1 
ATOM   328 N NH2 . ARG A 1 41 ? 11.508  -8.483  9.065   1.00 44.64 ? 40   ARG A NH2 1 
ATOM   329 N N   . GLN A 1 42 ? 6.664   -0.641  9.051   1.00 32.82 ? 41   GLN A N   1 
ATOM   330 C CA  . GLN A 1 42 ? 6.285   0.652   8.454   1.00 32.31 ? 41   GLN A CA  1 
ATOM   331 C C   . GLN A 1 42 ? 7.202   0.933   7.252   1.00 33.37 ? 41   GLN A C   1 
ATOM   332 O O   . GLN A 1 42 ? 8.445   0.778   7.368   1.00 34.34 ? 41   GLN A O   1 
ATOM   333 C CB  . GLN A 1 42 ? 6.463   1.747   9.506   1.00 32.16 ? 41   GLN A CB  1 
ATOM   334 C CG  . GLN A 1 42 ? 6.001   3.129   9.057   1.00 33.45 ? 41   GLN A CG  1 
ATOM   335 C CD  . GLN A 1 42 ? 6.149   4.166   10.156  1.00 31.88 ? 41   GLN A CD  1 
ATOM   336 O OE1 . GLN A 1 42 ? 6.104   3.853   11.359  1.00 31.67 ? 41   GLN A OE1 1 
ATOM   337 N NE2 . GLN A 1 42 ? 6.338   5.419   9.754   1.00 33.92 ? 41   GLN A NE2 1 
ATOM   338 N N   . LEU A 1 43 ? 6.604   1.349   6.129   1.00 34.00 ? 42   LEU A N   1 
ATOM   339 C CA  . LEU A 1 43 ? 7.359   1.582   4.871   1.00 34.31 ? 42   LEU A CA  1 
ATOM   340 C C   . LEU A 1 43 ? 7.728   3.044   4.656   1.00 36.86 ? 42   LEU A C   1 
ATOM   341 O O   . LEU A 1 43 ? 7.021   3.935   5.112   1.00 37.27 ? 42   LEU A O   1 
ATOM   342 C CB  . LEU A 1 43 ? 6.592   1.064   3.632   1.00 33.77 ? 42   LEU A CB  1 
ATOM   343 C CG  . LEU A 1 43 ? 6.058   -0.372  3.704   1.00 33.12 ? 42   LEU A CG  1 
ATOM   344 C CD1 . LEU A 1 43 ? 5.495   -0.882  2.381   1.00 37.16 ? 42   LEU A CD1 1 
ATOM   345 C CD2 . LEU A 1 43 ? 7.209   -1.276  4.235   1.00 32.95 ? 42   LEU A CD2 1 
ATOM   346 N N   . GLU A 1 44 ? 8.857   3.277   3.976   1.00 37.28 ? 43   GLU A N   1 
ATOM   347 C CA  . GLU A 1 44 ? 9.240   4.611   3.526   1.00 37.99 ? 43   GLU A CA  1 
ATOM   348 C C   . GLU A 1 44 ? 9.926   4.534   2.161   1.00 39.51 ? 43   GLU A C   1 
ATOM   349 O O   . GLU A 1 44 ? 10.392  3.467   1.770   1.00 37.60 ? 43   GLU A O   1 
ATOM   350 C CB  . GLU A 1 44 ? 10.170  5.282   4.544   1.00 39.92 ? 43   GLU A CB  1 
ATOM   351 C CG  . GLU A 1 44 ? 11.492  4.570   4.737   1.00 40.38 ? 43   GLU A CG  1 
ATOM   352 C CD  . GLU A 1 44 ? 12.408  5.249   5.748   1.00 43.19 ? 43   GLU A CD  1 
ATOM   353 O OE1 . GLU A 1 44 ? 12.062  6.336   6.252   1.00 46.79 ? 43   GLU A OE1 1 
ATOM   354 O OE2 . GLU A 1 44 ? 13.491  4.686   6.027   1.00 47.19 ? 43   GLU A OE2 1 
ATOM   355 N N   . ASN A 1 45 ? 10.001  5.659   1.451   1.00 38.97 ? 44   ASN A N   1 
ATOM   356 C CA  . ASN A 1 45 ? 10.807  5.737   0.220   1.00 41.03 ? 44   ASN A CA  1 
ATOM   357 C C   . ASN A 1 45 ? 12.268  5.315   0.377   1.00 42.55 ? 44   ASN A C   1 
ATOM   358 O O   . ASN A 1 45 ? 12.951  5.778   1.294   1.00 41.19 ? 44   ASN A O   1 
ATOM   359 C CB  . ASN A 1 45 ? 10.714  7.133   -0.371  1.00 42.24 ? 44   ASN A CB  1 
ATOM   360 C CG  . ASN A 1 45 ? 9.501   7.295   -1.238  1.00 41.72 ? 44   ASN A CG  1 
ATOM   361 O OD1 . ASN A 1 45 ? 9.493   6.861   -2.394  1.00 39.89 ? 44   ASN A OD1 1 
ATOM   362 N ND2 . ASN A 1 45 ? 8.445   7.913   -0.685  1.00 40.49 ? 44   ASN A ND2 1 
ATOM   363 N N   . SER A 1 46 ? 12.748  4.475   -0.548  1.00 38.54 ? 45   SER A N   1 
ATOM   364 C CA  . SER A 1 46 ? 14.049  3.823   -0.445  1.00 41.12 ? 45   SER A CA  1 
ATOM   365 C C   . SER A 1 46 ? 14.394  3.181   -1.793  1.00 40.78 ? 45   SER A C   1 
ATOM   366 O O   . SER A 1 46 ? 13.654  3.339   -2.766  1.00 43.54 ? 45   SER A O   1 
ATOM   367 C CB  . SER A 1 46 ? 13.973  2.738   0.627   1.00 41.06 ? 45   SER A CB  1 
ATOM   368 O OG  . SER A 1 46 ? 12.981  1.779   0.295   1.00 40.60 ? 45   SER A OG  1 
ATOM   369 N N   . GLU A 1 47 ? 15.493  2.434   -1.843  1.00 41.40 ? 46   GLU A N   1 
ATOM   370 C CA  . GLU A 1 47 ? 15.824  1.648   -3.029  1.00 42.76 ? 46   GLU A CA  1 
ATOM   371 C C   . GLU A 1 47 ? 14.743  0.591   -3.304  1.00 41.06 ? 46   GLU A C   1 
ATOM   372 O O   . GLU A 1 47 ? 14.566  0.159   -4.438  1.00 42.13 ? 46   GLU A O   1 
ATOM   373 C CB  . GLU A 1 47 ? 17.197  0.995   -2.867  1.00 42.15 ? 46   GLU A CB  1 
ATOM   374 C CG  . GLU A 1 47 ? 18.370  1.980   -2.912  1.00 46.22 ? 46   GLU A CG  1 
ATOM   375 C CD  . GLU A 1 47 ? 19.729  1.322   -2.717  1.00 46.73 ? 46   GLU A CD  1 
ATOM   376 O OE1 . GLU A 1 47 ? 19.834  0.072   -2.832  1.00 50.36 ? 46   GLU A OE1 1 
ATOM   377 O OE2 . GLU A 1 47 ? 20.706  2.063   -2.454  1.00 50.07 ? 46   GLU A OE2 1 
ATOM   378 N N   . LYS A 1 48 ? 13.988  0.224   -2.271  1.00 38.90 ? 47   LYS A N   1 
ATOM   379 C CA  . LYS A 1 48 ? 12.994  -0.853  -2.374  1.00 36.61 ? 47   LYS A CA  1 
ATOM   380 C C   . LYS A 1 48 ? 11.553  -0.415  -2.708  1.00 34.71 ? 47   LYS A C   1 
ATOM   381 O O   . LYS A 1 48 ? 10.859  -1.146  -3.438  1.00 36.16 ? 47   LYS A O   1 
ATOM   382 C CB  . LYS A 1 48 ? 13.008  -1.679  -1.079  1.00 35.50 ? 47   LYS A CB  1 
ATOM   383 C CG  . LYS A 1 48 ? 12.021  -2.834  -1.002  1.00 33.84 ? 47   LYS A CG  1 
ATOM   384 C CD  . LYS A 1 48 ? 12.459  -4.027  -1.847  1.00 35.26 ? 47   LYS A CD  1 
ATOM   385 C CE  . LYS A 1 48 ? 11.489  -5.208  -1.742  1.00 34.32 ? 47   LYS A CE  1 
ATOM   386 N NZ  . LYS A 1 48 ? 12.033  -6.397  -2.519  1.00 34.90 ? 47   LYS A NZ  1 
ATOM   387 N N   . TYR A 1 49 ? 11.081  0.707   -2.130  1.00 35.46 ? 48   TYR A N   1 
ATOM   388 C CA  . TYR A 1 49 ? 9.676   1.177   -2.270  1.00 35.64 ? 48   TYR A CA  1 
ATOM   389 C C   . TYR A 1 49 ? 9.552   2.583   -2.882  1.00 37.27 ? 48   TYR A C   1 
ATOM   390 O O   . TYR A 1 49 ? 10.280  3.496   -2.475  1.00 39.04 ? 48   TYR A O   1 
ATOM   391 C CB  . TYR A 1 49 ? 8.929   1.177   -0.910  1.00 35.17 ? 48   TYR A CB  1 
ATOM   392 C CG  . TYR A 1 49 ? 8.987   -0.136  -0.178  1.00 33.01 ? 48   TYR A CG  1 
ATOM   393 C CD1 . TYR A 1 49 ? 8.284   -1.246  -0.639  1.00 34.38 ? 48   TYR A CD1 1 
ATOM   394 C CD2 . TYR A 1 49 ? 9.745   -0.270  0.990   1.00 35.33 ? 48   TYR A CD2 1 
ATOM   395 C CE1 . TYR A 1 49 ? 8.337   -2.473  0.047   1.00 32.56 ? 48   TYR A CE1 1 
ATOM   396 C CE2 . TYR A 1 49 ? 9.807   -1.495  1.676   1.00 33.81 ? 48   TYR A CE2 1 
ATOM   397 C CZ  . TYR A 1 49 ? 9.118   -2.581  1.191   1.00 32.03 ? 48   TYR A CZ  1 
ATOM   398 O OH  . TYR A 1 49 ? 9.148   -3.786  1.866   1.00 33.14 ? 48   TYR A OH  1 
ATOM   399 N N   . GLU A 1 50 ? 8.615   2.755   -3.827  1.00 35.36 ? 49   GLU A N   1 
ATOM   400 C CA  . GLU A 1 50 ? 8.369   4.059   -4.456  1.00 35.08 ? 49   GLU A CA  1 
ATOM   401 C C   . GLU A 1 50 ? 6.941   4.432   -4.043  1.00 34.35 ? 49   GLU A C   1 
ATOM   402 O O   . GLU A 1 50 ? 5.989   3.771   -4.461  1.00 35.61 ? 49   GLU A O   1 
ATOM   403 C CB  . GLU A 1 50 ? 8.520   4.010   -5.999  1.00 36.15 ? 49   GLU A CB  1 
ATOM   404 C CG  . GLU A 1 50 ? 8.491   5.359   -6.699  1.00 38.74 ? 49   GLU A CG  1 
ATOM   405 C CD  . GLU A 1 50 ? 8.310   5.279   -8.243  1.00 40.89 ? 49   GLU A CD  1 
ATOM   406 O OE1 . GLU A 1 50 ? 8.669   4.263   -8.866  1.00 40.62 ? 49   GLU A OE1 1 
ATOM   407 O OE2 . GLU A 1 50 ? 7.794   6.257   -8.836  1.00 51.12 ? 49   GLU A OE2 1 
ATOM   408 N N   . ILE A 1 51 ? 6.824   5.448   -3.178  1.00 34.53 ? 50   ILE A N   1 
ATOM   409 C CA  . ILE A 1 51 ? 5.552   5.775   -2.523  1.00 35.92 ? 50   ILE A CA  1 
ATOM   410 C C   . ILE A 1 51 ? 5.218   7.219   -2.824  1.00 34.74 ? 50   ILE A C   1 
ATOM   411 O O   . ILE A 1 51 ? 6.043   8.128   -2.627  1.00 32.65 ? 50   ILE A O   1 
ATOM   412 C CB  . ILE A 1 51 ? 5.622   5.582   -0.985  1.00 36.84 ? 50   ILE A CB  1 
ATOM   413 C CG1 . ILE A 1 51 ? 5.972   4.128   -0.627  1.00 40.00 ? 50   ILE A CG1 1 
ATOM   414 C CG2 . ILE A 1 51 ? 4.279   5.955   -0.310  1.00 38.00 ? 50   ILE A CG2 1 
ATOM   415 C CD1 . ILE A 1 51 ? 6.325   3.925   0.866   1.00 39.38 ? 50   ILE A CD1 1 
ATOM   416 N N   . THR A 1 52 ? 3.983   7.423   -3.291  1.00 33.62 ? 51   THR A N   1 
ATOM   417 C CA  . THR A 1 52 ? 3.494   8.775   -3.567  1.00 31.05 ? 51   THR A CA  1 
ATOM   418 C C   . THR A 1 52 ? 2.055   8.956   -3.044  1.00 33.23 ? 51   THR A C   1 
ATOM   419 O O   . THR A 1 52 ? 1.275   8.002   -2.973  1.00 34.13 ? 51   THR A O   1 
ATOM   420 C CB  . THR A 1 52 ? 3.553   9.132   -5.079  1.00 32.09 ? 51   THR A CB  1 
ATOM   421 O OG1 . THR A 1 52 ? 2.832   8.137   -5.821  1.00 33.74 ? 51   THR A OG1 1 
ATOM   422 C CG2 . THR A 1 52 ? 5.024   9.171   -5.597  1.00 31.11 ? 51   THR A CG2 1 
ATOM   423 N N   . TYR A 1 53 ? 1.729   10.187  -2.667  1.00 34.55 ? 52   TYR A N   1 
ATOM   424 C CA  . TYR A 1 53 ? 0.332   10.550  -2.355  1.00 33.51 ? 52   TYR A CA  1 
ATOM   425 C C   . TYR A 1 53 ? 0.035   11.963  -2.819  1.00 34.43 ? 52   TYR A C   1 
ATOM   426 O O   . TYR A 1 53 ? 0.745   12.895  -2.436  1.00 34.08 ? 52   TYR A O   1 
ATOM   427 C CB  . TYR A 1 53 ? -0.024  10.413  -0.861  1.00 34.69 ? 52   TYR A CB  1 
ATOM   428 C CG  . TYR A 1 53 ? -1.388  11.023  -0.594  1.00 34.15 ? 52   TYR A CG  1 
ATOM   429 C CD1 . TYR A 1 53 ? -2.558  10.366  -0.994  1.00 30.58 ? 52   TYR A CD1 1 
ATOM   430 C CD2 . TYR A 1 53 ? -1.503  12.291  -0.018  1.00 34.31 ? 52   TYR A CD2 1 
ATOM   431 C CE1 . TYR A 1 53 ? -3.837  10.966  -0.809  1.00 33.03 ? 52   TYR A CE1 1 
ATOM   432 C CE2 . TYR A 1 53 ? -2.750  12.894  0.162   1.00 34.77 ? 52   TYR A CE2 1 
ATOM   433 C CZ  . TYR A 1 53 ? -3.912  12.226  -0.238  1.00 34.49 ? 52   TYR A CZ  1 
ATOM   434 O OH  . TYR A 1 53 ? -5.139  12.834  -0.038  1.00 36.03 ? 52   TYR A OH  1 
ATOM   435 N N   . GLU A 1 54 ? -1.016  12.123  -3.635  1.00 34.27 ? 53   GLU A N   1 
ATOM   436 C CA  . GLU A 1 54 ? -1.467  13.445  -4.126  1.00 36.78 ? 53   GLU A CA  1 
ATOM   437 C C   . GLU A 1 54 ? -2.943  13.365  -4.486  1.00 33.93 ? 53   GLU A C   1 
ATOM   438 O O   . GLU A 1 54 ? -3.355  12.380  -5.123  1.00 34.51 ? 53   GLU A O   1 
ATOM   439 C CB  . GLU A 1 54 ? -0.701  13.883  -5.387  1.00 38.34 ? 53   GLU A CB  1 
ATOM   440 C CG  . GLU A 1 54 ? 0.773   13.500  -5.399  1.00 42.52 ? 53   GLU A CG  1 
ATOM   441 C CD  . GLU A 1 54 ? 1.567   14.120  -6.517  1.00 44.95 ? 53   GLU A CD  1 
ATOM   442 O OE1 . GLU A 1 54 ? 1.081   15.103  -7.127  1.00 48.22 ? 53   GLU A OE1 1 
ATOM   443 O OE2 . GLU A 1 54 ? 2.706   13.646  -6.765  1.00 48.04 ? 53   GLU A OE2 1 
ATOM   444 N N   . ASP A 1 55 ? -3.731  14.378  -4.082  1.00 32.57 ? 54   ASP A N   1 
ATOM   445 C CA  . ASP A 1 55 ? -5.080  14.578  -4.598  1.00 30.20 ? 54   ASP A CA  1 
ATOM   446 C C   . ASP A 1 55 ? -5.949  13.310  -4.465  1.00 29.30 ? 54   ASP A C   1 
ATOM   447 O O   . ASP A 1 55 ? -6.646  12.919  -5.411  1.00 30.77 ? 54   ASP A O   1 
ATOM   448 C CB  . ASP A 1 55 ? -4.984  15.061  -6.053  1.00 28.87 ? 54   ASP A CB  1 
ATOM   449 C CG  . ASP A 1 55 ? -6.298  15.577  -6.613  1.00 31.91 ? 54   ASP A CG  1 
ATOM   450 O OD1 . ASP A 1 55 ? -7.111  16.197  -5.890  1.00 30.47 ? 54   ASP A OD1 1 
ATOM   451 O OD2 . ASP A 1 55 ? -6.513  15.402  -7.822  1.00 35.66 ? 54   ASP A OD2 1 
ATOM   452 N N   . GLY A 1 56 ? -5.890  12.673  -3.292  1.00 29.62 ? 55   GLY A N   1 
ATOM   453 C CA  . GLY A 1 56 ? -6.698  11.476  -2.993  1.00 32.28 ? 55   GLY A CA  1 
ATOM   454 C C   . GLY A 1 56 ? -6.295  10.152  -3.594  1.00 35.94 ? 55   GLY A C   1 
ATOM   455 O O   . GLY A 1 56 ? -7.023  9.146   -3.497  1.00 37.29 ? 55   GLY A O   1 
ATOM   456 N N   . VAL A 1 57 ? -5.154  10.140  -4.267  1.00 31.42 ? 56   VAL A N   1 
ATOM   457 C CA  . VAL A 1 57 ? -4.611  8.876   -4.803  1.00 35.64 ? 56   VAL A CA  1 
ATOM   458 C C   . VAL A 1 57 ? -3.279  8.483   -4.154  1.00 34.61 ? 56   VAL A C   1 
ATOM   459 O O   . VAL A 1 57 ? -2.244  9.175   -4.326  1.00 34.47 ? 56   VAL A O   1 
ATOM   460 C CB  . VAL A 1 57 ? -4.501  8.931   -6.346  1.00 33.07 ? 56   VAL A CB  1 
ATOM   461 C CG1 . VAL A 1 57 ? -4.092  7.554   -6.935  1.00 35.66 ? 56   VAL A CG1 1 
ATOM   462 C CG2 . VAL A 1 57 ? -5.833  9.405   -6.964  1.00 34.57 ? 56   VAL A CG2 1 
ATOM   463 N N   . ALA A 1 58 ? -3.308  7.373   -3.408  1.00 34.13 ? 57   ALA A N   1 
ATOM   464 C CA  . ALA A 1 58 ? -2.093  6.752   -2.834  1.00 34.10 ? 57   ALA A CA  1 
ATOM   465 C C   . ALA A 1 58 ? -1.570  5.594   -3.691  1.00 35.59 ? 57   ALA A C   1 
ATOM   466 O O   . ALA A 1 58 ? -2.314  4.668   -4.054  1.00 34.29 ? 57   ALA A O   1 
ATOM   467 C CB  . ALA A 1 58 ? -2.364  6.269   -1.397  1.00 33.38 ? 57   ALA A CB  1 
ATOM   468 N N   . ILE A 1 59 ? -0.270  5.612   -3.985  1.00 34.22 ? 58   ILE A N   1 
ATOM   469 C CA  . ILE A 1 59 ? 0.352   4.581   -4.819  1.00 36.46 ? 58   ILE A CA  1 
ATOM   470 C C   . ILE A 1 59 ? 1.633   4.033   -4.173  1.00 35.94 ? 58   ILE A C   1 
ATOM   471 O O   . ILE A 1 59 ? 2.540   4.797   -3.799  1.00 36.34 ? 58   ILE A O   1 
ATOM   472 C CB  . ILE A 1 59 ? 0.650   5.094   -6.276  1.00 37.82 ? 58   ILE A CB  1 
ATOM   473 C CG1 . ILE A 1 59 ? -0.603  5.666   -6.950  1.00 38.41 ? 58   ILE A CG1 1 
ATOM   474 C CG2 . ILE A 1 59 ? 1.340   4.011   -7.106  1.00 38.76 ? 58   ILE A CG2 1 
ATOM   475 C CD1 . ILE A 1 59 ? -0.348  6.239   -8.378  1.00 38.33 ? 58   ILE A CD1 1 
ATOM   476 N N   . LEU A 1 60 ? 1.664   2.719   -3.989  1.00 36.74 ? 59   LEU A N   1 
ATOM   477 C CA  . LEU A 1 60 ? 2.850   1.993   -3.538  1.00 35.69 ? 59   LEU A CA  1 
ATOM   478 C C   . LEU A 1 60 ? 3.390   1.100   -4.652  1.00 35.67 ? 59   LEU A C   1 
ATOM   479 O O   . LEU A 1 60 ? 2.705   0.220   -5.152  1.00 33.98 ? 59   LEU A O   1 
ATOM   480 C CB  . LEU A 1 60 ? 2.559   1.133   -2.276  1.00 33.86 ? 59   LEU A CB  1 
ATOM   481 C CG  . LEU A 1 60 ? 3.679   0.127   -1.916  1.00 34.66 ? 59   LEU A CG  1 
ATOM   482 C CD1 . LEU A 1 60 ? 4.954   0.827   -1.390  1.00 35.78 ? 59   LEU A CD1 1 
ATOM   483 C CD2 . LEU A 1 60 ? 3.162   -0.895  -0.872  1.00 35.85 ? 59   LEU A CD2 1 
ATOM   484 N N   . TYR A 1 61 ? 4.641   1.321   -5.033  1.00 34.24 ? 60   TYR A N   1 
ATOM   485 C CA  . TYR A 1 61 ? 5.337   0.438   -5.969  1.00 37.77 ? 60   TYR A CA  1 
ATOM   486 C C   . TYR A 1 61 ? 6.424   -0.343  -5.242  1.00 37.11 ? 60   TYR A C   1 
ATOM   487 O O   . TYR A 1 61 ? 7.316   0.252   -4.629  1.00 37.47 ? 60   TYR A O   1 
ATOM   488 C CB  . TYR A 1 61 ? 5.948   1.235   -7.108  1.00 39.48 ? 60   TYR A CB  1 
ATOM   489 C CG  . TYR A 1 61 ? 5.065   1.356   -8.320  1.00 45.20 ? 60   TYR A CG  1 
ATOM   490 C CD1 . TYR A 1 61 ? 3.986   2.222   -8.314  1.00 46.64 ? 60   TYR A CD1 1 
ATOM   491 C CD2 . TYR A 1 61 ? 5.305   0.609   -9.465  1.00 43.39 ? 60   TYR A CD2 1 
ATOM   492 C CE1 . TYR A 1 61 ? 3.166   2.354   -9.419  1.00 48.92 ? 60   TYR A CE1 1 
ATOM   493 C CE2 . TYR A 1 61 ? 4.482   0.723   -10.588 1.00 47.86 ? 60   TYR A CE2 1 
ATOM   494 C CZ  . TYR A 1 61 ? 3.405   1.596   -10.548 1.00 46.81 ? 60   TYR A CZ  1 
ATOM   495 O OH  . TYR A 1 61 ? 2.575   1.778   -11.644 1.00 47.47 ? 60   TYR A OH  1 
ATOM   496 N N   . VAL A 1 62 ? 6.340   -1.673  -5.322  1.00 37.38 ? 61   VAL A N   1 
ATOM   497 C CA  . VAL A 1 62 ? 7.365   -2.570  -4.718  1.00 37.43 ? 61   VAL A CA  1 
ATOM   498 C C   . VAL A 1 62 ? 8.324   -3.128  -5.761  1.00 37.92 ? 61   VAL A C   1 
ATOM   499 O O   . VAL A 1 62 ? 7.867   -3.773  -6.701  1.00 38.52 ? 61   VAL A O   1 
ATOM   500 C CB  . VAL A 1 62 ? 6.712   -3.789  -4.010  1.00 36.82 ? 61   VAL A CB  1 
ATOM   501 C CG1 . VAL A 1 62 ? 7.811   -4.640  -3.317  1.00 38.70 ? 61   VAL A CG1 1 
ATOM   502 C CG2 . VAL A 1 62 ? 5.618   -3.347  -3.005  1.00 37.60 ? 61   VAL A CG2 1 
ATOM   503 N N   . LYS A 1 63 ? 9.640   -2.890  -5.584  1.00 36.20 ? 62   LYS A N   1 
ATOM   504 C CA  . LYS A 1 63 ? 10.717  -3.239  -6.537  1.00 35.66 ? 62   LYS A CA  1 
ATOM   505 C C   . LYS A 1 63 ? 11.521  -4.494  -6.166  1.00 33.99 ? 62   LYS A C   1 
ATOM   506 O O   . LYS A 1 63 ? 11.508  -4.914  -5.012  1.00 33.74 ? 62   LYS A O   1 
ATOM   507 C CB  A LYS A 1 63 ? 11.699  -2.068  -6.669  0.50 36.74 ? 62   LYS A CB  1 
ATOM   508 C CB  B LYS A 1 63 ? 11.690  -2.057  -6.673  0.50 36.76 ? 62   LYS A CB  1 
ATOM   509 C CG  A LYS A 1 63 ? 11.184  -0.889  -7.479  0.50 35.13 ? 62   LYS A CG  1 
ATOM   510 C CG  B LYS A 1 63 ? 11.204  -0.879  -7.529  0.50 36.59 ? 62   LYS A CG  1 
ATOM   511 C CD  A LYS A 1 63 ? 9.784   -0.470  -7.046  0.50 31.99 ? 62   LYS A CD  1 
ATOM   512 C CD  B LYS A 1 63 ? 10.007  -0.111  -6.932  0.50 35.32 ? 62   LYS A CD  1 
ATOM   513 C CE  A LYS A 1 63 ? 8.935   -0.258  -8.267  0.50 30.46 ? 62   LYS A CE  1 
ATOM   514 C CE  B LYS A 1 63 ? 9.465   0.873   -7.968  0.50 33.14 ? 62   LYS A CE  1 
ATOM   515 N NZ  A LYS A 1 63 ? 7.756   0.576   -7.946  0.50 32.93 ? 62   LYS A NZ  1 
ATOM   516 N NZ  B LYS A 1 63 ? 8.955   0.168   -9.204  0.50 33.59 ? 62   LYS A NZ  1 
ATOM   517 N N   . ASP A 1 64 ? 12.278  -5.025  -7.136  1.00 32.18 ? 63   ASP A N   1 
ATOM   518 C CA  . ASP A 1 64 ? 13.195  -6.160  -6.937  1.00 34.82 ? 63   ASP A CA  1 
ATOM   519 C C   . ASP A 1 64 ? 12.562  -7.270  -6.105  1.00 30.66 ? 63   ASP A C   1 
ATOM   520 O O   . ASP A 1 64 ? 13.040  -7.609  -5.032  1.00 31.44 ? 63   ASP A O   1 
ATOM   521 C CB  . ASP A 1 64 ? 14.517  -5.702  -6.282  1.00 34.23 ? 63   ASP A CB  1 
ATOM   522 C CG  . ASP A 1 64 ? 15.297  -4.738  -7.135  1.00 39.86 ? 63   ASP A CG  1 
ATOM   523 O OD1 . ASP A 1 64 ? 15.807  -5.162  -8.193  1.00 41.35 ? 63   ASP A OD1 1 
ATOM   524 O OD2 . ASP A 1 64 ? 15.442  -3.562  -6.726  1.00 44.58 ? 63   ASP A OD2 1 
ATOM   525 N N   . ILE A 1 65 ? 11.452  -7.822  -6.579  1.00 32.86 ? 64   ILE A N   1 
ATOM   526 C CA  . ILE A 1 65 ? 10.663  -8.770  -5.762  1.00 33.59 ? 64   ILE A CA  1 
ATOM   527 C C   . ILE A 1 65 ? 11.466  -10.015 -5.343  1.00 31.50 ? 64   ILE A C   1 
ATOM   528 O O   . ILE A 1 65 ? 12.310  -10.549 -6.128  1.00 30.78 ? 64   ILE A O   1 
ATOM   529 C CB  . ILE A 1 65 ? 9.302   -9.137  -6.478  1.00 32.06 ? 64   ILE A CB  1 
ATOM   530 C CG1 . ILE A 1 65 ? 8.334   -7.927  -6.448  1.00 32.86 ? 64   ILE A CG1 1 
ATOM   531 C CG2 . ILE A 1 65 ? 8.722   -10.492 -5.941  1.00 31.14 ? 64   ILE A CG2 1 
ATOM   532 C CD1 . ILE A 1 65 ? 7.709   -7.641  -5.117  1.00 37.51 ? 64   ILE A CD1 1 
ATOM   533 N N   . THR A 1 66 ? 11.291  -10.446 -4.088  1.00 30.91 ? 65   THR A N   1 
ATOM   534 C CA  . THR A 1 66 ? 11.840  -11.749 -3.619  1.00 33.35 ? 65   THR A CA  1 
ATOM   535 C C   . THR A 1 66 ? 10.721  -12.530 -2.912  1.00 32.11 ? 65   THR A C   1 
ATOM   536 O O   . THR A 1 66 ? 9.639   -11.989 -2.648  1.00 33.03 ? 65   THR A O   1 
ATOM   537 C CB  . THR A 1 66 ? 13.047  -11.627 -2.600  1.00 33.72 ? 65   THR A CB  1 
ATOM   538 O OG1 . THR A 1 66 ? 12.562  -11.149 -1.321  1.00 34.25 ? 65   THR A OG1 1 
ATOM   539 C CG2 . THR A 1 66 ? 14.153  -10.714 -3.133  1.00 34.18 ? 65   THR A CG2 1 
ATOM   540 N N   . LYS A 1 67 ? 10.977  -13.793 -2.583  1.00 32.71 ? 66   LYS A N   1 
ATOM   541 C CA  . LYS A 1 67 ? 10.033  -14.577 -1.765  1.00 34.37 ? 66   LYS A CA  1 
ATOM   542 C C   . LYS A 1 67 ? 9.656   -13.889 -0.436  1.00 32.63 ? 66   LYS A C   1 
ATOM   543 O O   . LYS A 1 67 ? 8.536   -14.069 0.059   1.00 36.17 ? 66   LYS A O   1 
ATOM   544 C CB  . LYS A 1 67 ? 10.572  -15.999 -1.522  1.00 33.65 ? 66   LYS A CB  1 
ATOM   545 C CG  . LYS A 1 67 ? 10.483  -16.899 -2.773  1.00 32.80 ? 66   LYS A CG  1 
ATOM   546 C CD  . LYS A 1 67 ? 10.850  -18.340 -2.435  1.00 34.02 ? 66   LYS A CD  1 
ATOM   547 C CE  . LYS A 1 67 ? 10.789  -19.235 -3.643  1.00 36.18 ? 66   LYS A CE  1 
ATOM   548 N NZ  . LYS A 1 67 ? 12.023  -19.075 -4.447  1.00 34.04 ? 66   LYS A NZ  1 
ATOM   549 N N   . LEU A 1 68 ? 10.575  -13.100 0.141   1.00 33.35 ? 67   LEU A N   1 
ATOM   550 C CA  . LEU A 1 68 ? 10.297  -12.363 1.402   1.00 33.31 ? 67   LEU A CA  1 
ATOM   551 C C   . LEU A 1 68 ? 9.101   -11.423 1.317   1.00 33.47 ? 67   LEU A C   1 
ATOM   552 O O   . LEU A 1 68 ? 8.497   -11.101 2.334   1.00 36.17 ? 67   LEU A O   1 
ATOM   553 C CB  . LEU A 1 68 ? 11.490  -11.534 1.857   1.00 32.25 ? 67   LEU A CB  1 
ATOM   554 C CG  . LEU A 1 68 ? 12.730  -12.293 2.333   1.00 30.94 ? 67   LEU A CG  1 
ATOM   555 C CD1 . LEU A 1 68 ? 13.826  -11.280 2.625   1.00 35.98 ? 67   LEU A CD1 1 
ATOM   556 C CD2 . LEU A 1 68 ? 12.473  -13.148 3.582   1.00 35.25 ? 67   LEU A CD2 1 
ATOM   557 N N   . ASP A 1 69 ? 8.788   -10.976 0.098   1.00 34.41 ? 68   ASP A N   1 
ATOM   558 C CA  . ASP A 1 69 ? 7.769   -9.948  -0.131  1.00 31.53 ? 68   ASP A CA  1 
ATOM   559 C C   . ASP A 1 69 ? 6.326   -10.462 -0.113  1.00 35.26 ? 68   ASP A C   1 
ATOM   560 O O   . ASP A 1 69 ? 5.405   -9.649  -0.127  1.00 34.67 ? 68   ASP A O   1 
ATOM   561 C CB  . ASP A 1 69 ? 8.083   -9.144  -1.440  1.00 31.62 ? 68   ASP A CB  1 
ATOM   562 C CG  . ASP A 1 69 ? 9.430   -8.414  -1.359  1.00 33.16 ? 68   ASP A CG  1 
ATOM   563 O OD1 . ASP A 1 69 ? 9.733   -7.791  -0.298  1.00 34.45 ? 68   ASP A OD1 1 
ATOM   564 O OD2 . ASP A 1 69 ? 10.216  -8.495  -2.338  1.00 35.17 ? 68   ASP A OD2 1 
ATOM   565 N N   . ASP A 1 70 ? 6.147   -11.788 -0.081  1.00 32.67 ? 69   ASP A N   1 
ATOM   566 C CA  . ASP A 1 70 ? 4.820   -12.421 -0.026  1.00 34.61 ? 69   ASP A CA  1 
ATOM   567 C C   . ASP A 1 70 ? 4.167   -12.129 1.343   1.00 36.85 ? 69   ASP A C   1 
ATOM   568 O O   . ASP A 1 70 ? 4.743   -12.443 2.396   1.00 37.83 ? 69   ASP A O   1 
ATOM   569 C CB  . ASP A 1 70 ? 4.939   -13.932 -0.339  1.00 36.38 ? 69   ASP A CB  1 
ATOM   570 C CG  . ASP A 1 70 ? 3.579   -14.643 -0.459  1.00 34.85 ? 69   ASP A CG  1 
ATOM   571 O OD1 . ASP A 1 70 ? 2.779   -14.548 0.503   1.00 37.44 ? 69   ASP A OD1 1 
ATOM   572 O OD2 . ASP A 1 70 ? 3.330   -15.318 -1.498  1.00 35.05 ? 69   ASP A OD2 1 
ATOM   573 N N   . GLY A 1 71 ? 2.977   -11.521 1.314   1.00 36.45 ? 70   GLY A N   1 
ATOM   574 C CA  . GLY A 1 71 ? 2.172   -11.238 2.532   1.00 36.15 ? 70   GLY A CA  1 
ATOM   575 C C   . GLY A 1 71 ? 1.081   -10.189 2.359   1.00 39.54 ? 70   GLY A C   1 
ATOM   576 O O   . GLY A 1 71 ? 0.502   -10.019 1.259   1.00 38.37 ? 70   GLY A O   1 
ATOM   577 N N   . THR A 1 72 ? 0.815   -9.469  3.450   1.00 37.13 ? 71   THR A N   1 
ATOM   578 C CA  . THR A 1 72 ? -0.271  -8.491  3.504   1.00 37.14 ? 71   THR A CA  1 
ATOM   579 C C   . THR A 1 72 ? 0.245   -7.051  3.556   1.00 39.64 ? 71   THR A C   1 
ATOM   580 O O   . THR A 1 72 ? 1.120   -6.748  4.382   1.00 39.20 ? 71   THR A O   1 
ATOM   581 C CB  . THR A 1 72 ? -1.172  -8.756  4.723   1.00 40.32 ? 71   THR A CB  1 
ATOM   582 O OG1 . THR A 1 72 ? -1.664  -10.106 4.683   1.00 38.08 ? 71   THR A OG1 1 
ATOM   583 C CG2 . THR A 1 72 ? -2.342  -7.797  4.721   1.00 37.95 ? 71   THR A CG2 1 
ATOM   584 N N   . TYR A 1 73 ? -0.315  -6.182  2.696   1.00 36.53 ? 72   TYR A N   1 
ATOM   585 C CA  . TYR A 1 73 ? 0.069   -4.753  2.621   1.00 36.82 ? 72   TYR A CA  1 
ATOM   586 C C   . TYR A 1 73 ? -1.129  -3.904  3.080   1.00 37.24 ? 72   TYR A C   1 
ATOM   587 O O   . TYR A 1 73 ? -2.269  -4.215  2.716   1.00 40.93 ? 72   TYR A O   1 
ATOM   588 C CB  . TYR A 1 73 ? 0.521   -4.386  1.185   1.00 35.81 ? 72   TYR A CB  1 
ATOM   589 C CG  . TYR A 1 73 ? 1.856   -5.018  0.832   1.00 38.56 ? 72   TYR A CG  1 
ATOM   590 C CD1 . TYR A 1 73 ? 3.023   -4.267  0.853   1.00 38.36 ? 72   TYR A CD1 1 
ATOM   591 C CD2 . TYR A 1 73 ? 1.945   -6.388  0.555   1.00 39.46 ? 72   TYR A CD2 1 
ATOM   592 C CE1 . TYR A 1 73 ? 4.281   -4.870  0.596   1.00 34.90 ? 72   TYR A CE1 1 
ATOM   593 C CE2 . TYR A 1 73 ? 3.190   -6.997  0.282   1.00 37.13 ? 72   TYR A CE2 1 
ATOM   594 C CZ  . TYR A 1 73 ? 4.340   -6.235  0.311   1.00 35.80 ? 72   TYR A CZ  1 
ATOM   595 O OH  . TYR A 1 73 ? 5.553   -6.872  0.027   1.00 35.56 ? 72   TYR A OH  1 
ATOM   596 N N   . ARG A 1 74 ? -0.883  -2.885  3.913   1.00 36.69 ? 73   ARG A N   1 
ATOM   597 C CA  . ARG A 1 74 ? -1.938  -2.000  4.464   1.00 35.82 ? 73   ARG A CA  1 
ATOM   598 C C   . ARG A 1 74 ? -1.660  -0.565  4.044   1.00 37.47 ? 73   ARG A C   1 
ATOM   599 O O   . ARG A 1 74 ? -0.526  -0.101  4.122   1.00 35.33 ? 73   ARG A O   1 
ATOM   600 C CB  . ARG A 1 74 ? -1.964  -2.069  5.999   1.00 33.15 ? 73   ARG A CB  1 
ATOM   601 C CG  . ARG A 1 74 ? -2.887  -1.065  6.746   1.00 35.28 ? 73   ARG A CG  1 
ATOM   602 C CD  . ARG A 1 74 ? -2.705  -1.240  8.272   1.00 36.15 ? 73   ARG A CD  1 
ATOM   603 N NE  . ARG A 1 74 ? -3.616  -0.445  9.092   1.00 39.28 ? 73   ARG A NE  1 
ATOM   604 C CZ  . ARG A 1 74 ? -3.783  -0.610  10.406  1.00 39.25 ? 73   ARG A CZ  1 
ATOM   605 N NH1 . ARG A 1 74 ? -3.116  -1.557  11.063  1.00 42.87 ? 73   ARG A NH1 1 
ATOM   606 N NH2 . ARG A 1 74 ? -4.637  0.146   11.074  1.00 39.62 ? 73   ARG A NH2 1 
ATOM   607 N N   . CYS A 1 75 ? -2.698  0.132   3.585   1.00 33.87 ? 74   CYS A N   1 
ATOM   608 C CA  . CYS A 1 75 ? -2.639  1.596   3.378   1.00 32.14 ? 74   CYS A CA  1 
ATOM   609 C C   . CYS A 1 75 ? -3.433  2.225   4.511   1.00 33.68 ? 74   CYS A C   1 
ATOM   610 O O   . CYS A 1 75 ? -4.666  2.023   4.613   1.00 35.24 ? 74   CYS A O   1 
ATOM   611 C CB  . CYS A 1 75 ? -3.274  1.985   2.037   1.00 33.00 ? 74   CYS A CB  1 
ATOM   612 S SG  . CYS A 1 75 ? -3.267  3.779   1.681   1.00 36.58 ? 74   CYS A SG  1 
ATOM   613 N N   . LYS A 1 76 ? -2.730  2.942   5.389   1.00 32.41 ? 75   LYS A N   1 
ATOM   614 C CA  . LYS A 1 76 ? -3.367  3.644   6.526   1.00 33.19 ? 75   LYS A CA  1 
ATOM   615 C C   . LYS A 1 76 ? -3.524  5.154   6.288   1.00 34.11 ? 75   LYS A C   1 
ATOM   616 O O   . LYS A 1 76 ? -2.555  5.882   6.045   1.00 33.12 ? 75   LYS A O   1 
ATOM   617 C CB  . LYS A 1 76 ? -2.619  3.368   7.868   1.00 33.03 ? 75   LYS A CB  1 
ATOM   618 C CG  . LYS A 1 76 ? -3.291  4.021   9.088   1.00 35.37 ? 75   LYS A CG  1 
ATOM   619 C CD  . LYS A 1 76 ? -2.492  3.720   10.357  1.00 38.49 ? 75   LYS A CD  1 
ATOM   620 C CE  . LYS A 1 76 ? -3.042  4.479   11.550  1.00 40.81 ? 75   LYS A CE  1 
ATOM   621 N NZ  . LYS A 1 76 ? -2.850  3.748   12.847  1.00 44.16 ? 75   LYS A NZ  1 
ATOM   622 N N   . VAL A 1 77 ? -4.763  5.636   6.409   1.00 33.77 ? 76   VAL A N   1 
ATOM   623 C CA  . VAL A 1 77 ? -5.082  7.039   6.130   1.00 36.11 ? 76   VAL A CA  1 
ATOM   624 C C   . VAL A 1 77 ? -5.583  7.748   7.378   1.00 34.89 ? 76   VAL A C   1 
ATOM   625 O O   . VAL A 1 77 ? -6.467  7.247   8.059   1.00 36.06 ? 76   VAL A O   1 
ATOM   626 C CB  . VAL A 1 77 ? -6.076  7.173   4.947   1.00 31.73 ? 76   VAL A CB  1 
ATOM   627 C CG1 . VAL A 1 77 ? -5.951  8.512   4.374   1.00 32.44 ? 76   VAL A CG1 1 
ATOM   628 C CG2 . VAL A 1 77 ? -5.674  6.162   3.820   1.00 37.00 ? 76   VAL A CG2 1 
ATOM   629 N N   . VAL A 1 78 ? -4.970  8.884   7.703   1.00 35.63 ? 77   VAL A N   1 
ATOM   630 C CA  . VAL A 1 78 ? -5.287  9.622   8.937   1.00 35.10 ? 77   VAL A CA  1 
ATOM   631 C C   . VAL A 1 78 ? -5.462  11.096  8.625   1.00 36.78 ? 77   VAL A C   1 
ATOM   632 O O   . VAL A 1 78 ? -4.640  11.683  7.916   1.00 32.35 ? 77   VAL A O   1 
ATOM   633 C CB  . VAL A 1 78 ? -4.163  9.468   10.014  1.00 34.55 ? 77   VAL A CB  1 
ATOM   634 C CG1 . VAL A 1 78 ? -4.481  10.250  11.275  1.00 37.54 ? 77   VAL A CG1 1 
ATOM   635 C CG2 . VAL A 1 78 ? -3.947  8.014   10.357  1.00 35.83 ? 77   VAL A CG2 1 
ATOM   636 N N   . ASN A 1 79 ? -6.549  11.674  9.139   1.00 36.65 ? 78   ASN A N   1 
ATOM   637 C CA  . ASN A 1 79 ? -6.700  13.134  9.223   1.00 39.43 ? 78   ASN A CA  1 
ATOM   638 C C   . ASN A 1 79 ? -7.174  13.646  10.570  1.00 38.83 ? 78   ASN A C   1 
ATOM   639 O O   . ASN A 1 79 ? -7.133  12.922  11.564  1.00 38.55 ? 78   ASN A O   1 
ATOM   640 C CB  . ASN A 1 79 ? -7.518  13.728  8.062   1.00 40.15 ? 78   ASN A CB  1 
ATOM   641 C CG  . ASN A 1 79 ? -8.991  13.377  8.107   1.00 43.26 ? 78   ASN A CG  1 
ATOM   642 O OD1 . ASN A 1 79 ? -9.454  12.584  8.932   1.00 46.23 ? 78   ASN A OD1 1 
ATOM   643 N ND2 . ASN A 1 79 ? -9.743  13.975  7.189   1.00 42.72 ? 78   ASN A ND2 1 
ATOM   644 N N   . ASP A 1 80 ? -7.625  14.902  10.573  1.00 38.62 ? 79   ASP A N   1 
ATOM   645 C CA  . ASP A 1 80 ? -8.054  15.634  11.772  1.00 39.31 ? 79   ASP A CA  1 
ATOM   646 C C   . ASP A 1 80 ? -9.377  15.143  12.347  1.00 39.73 ? 79   ASP A C   1 
ATOM   647 O O   . ASP A 1 80 ? -9.822  15.619  13.410  1.00 40.87 ? 79   ASP A O   1 
ATOM   648 C CB  . ASP A 1 80 ? -8.173  17.122  11.432  1.00 38.14 ? 79   ASP A CB  1 
ATOM   649 C CG  . ASP A 1 80 ? -6.831  17.847  11.430  1.00 36.71 ? 79   ASP A CG  1 
ATOM   650 O OD1 . ASP A 1 80 ? -5.795  17.250  11.794  1.00 36.94 ? 79   ASP A OD1 1 
ATOM   651 O OD2 . ASP A 1 80 ? -6.821  19.046  11.087  1.00 39.79 ? 79   ASP A OD2 1 
ATOM   652 N N   . TYR A 1 81 ? -10.024 14.223  11.642  1.00 40.94 ? 80   TYR A N   1 
ATOM   653 C CA  . TYR A 1 81 ? -11.357 13.745  12.018  1.00 45.86 ? 80   TYR A CA  1 
ATOM   654 C C   . TYR A 1 81 ? -11.381 12.271  12.404  1.00 44.67 ? 80   TYR A C   1 
ATOM   655 O O   . TYR A 1 81 ? -12.207 11.859  13.220  1.00 46.22 ? 80   TYR A O   1 
ATOM   656 C CB  . TYR A 1 81 ? -12.363 14.026  10.900  1.00 48.34 ? 80   TYR A CB  1 
ATOM   657 C CG  . TYR A 1 81 ? -12.589 15.503  10.656  1.00 51.30 ? 80   TYR A CG  1 
ATOM   658 C CD1 . TYR A 1 81 ? -13.191 16.304  11.626  1.00 51.10 ? 80   TYR A CD1 1 
ATOM   659 C CD2 . TYR A 1 81 ? -12.192 16.102  9.461   1.00 52.23 ? 80   TYR A CD2 1 
ATOM   660 C CE1 . TYR A 1 81 ? -13.397 17.665  11.413  1.00 52.67 ? 80   TYR A CE1 1 
ATOM   661 C CE2 . TYR A 1 81 ? -12.397 17.465  9.236   1.00 51.93 ? 80   TYR A CE2 1 
ATOM   662 C CZ  . TYR A 1 81 ? -12.996 18.236  10.215  1.00 51.88 ? 80   TYR A CZ  1 
ATOM   663 O OH  . TYR A 1 81 ? -13.202 19.583  10.003  1.00 52.71 ? 80   TYR A OH  1 
ATOM   664 N N   . GLY A 1 82 ? -10.480 11.491  11.821  1.00 43.55 ? 81   GLY A N   1 
ATOM   665 C CA  . GLY A 1 82 ? -10.360 10.079  12.156  1.00 39.75 ? 81   GLY A CA  1 
ATOM   666 C C   . GLY A 1 82 ? -9.372  9.362   11.260  1.00 38.89 ? 81   GLY A C   1 
ATOM   667 O O   . GLY A 1 82 ? -8.404  9.956   10.787  1.00 36.70 ? 81   GLY A O   1 
ATOM   668 N N   . GLU A 1 83 ? -9.617  8.073   11.041  1.00 37.67 ? 82   GLU A N   1 
ATOM   669 C CA  . GLU A 1 83 ? -8.734  7.244   10.220  1.00 37.53 ? 82   GLU A CA  1 
ATOM   670 C C   . GLU A 1 83 ? -9.504  6.096   9.557   1.00 35.87 ? 82   GLU A C   1 
ATOM   671 O O   . GLU A 1 83 ? -10.663 5.828   9.933   1.00 36.65 ? 82   GLU A O   1 
ATOM   672 C CB  . GLU A 1 83 ? -7.562  6.734   11.064  1.00 39.77 ? 82   GLU A CB  1 
ATOM   673 C CG  . GLU A 1 83 ? -7.855  5.601   12.039  1.00 42.32 ? 82   GLU A CG  1 
ATOM   674 C CD  . GLU A 1 83 ? -6.579  5.076   12.696  1.00 43.55 ? 82   GLU A CD  1 
ATOM   675 O OE1 . GLU A 1 83 ? -5.952  5.826   13.483  1.00 45.24 ? 82   GLU A OE1 1 
ATOM   676 O OE2 . GLU A 1 83 ? -6.204  3.918   12.420  1.00 47.29 ? 82   GLU A OE2 1 
ATOM   677 N N   . ASP A 1 84 ? -8.891  5.492   8.535   1.00 35.12 ? 83   ASP A N   1 
ATOM   678 C CA  . ASP A 1 84 ? -9.374  4.278   7.854   1.00 34.76 ? 83   ASP A CA  1 
ATOM   679 C C   . ASP A 1 84 ? -8.162  3.545   7.250   1.00 34.91 ? 83   ASP A C   1 
ATOM   680 O O   . ASP A 1 84 ? -7.101  4.155   7.015   1.00 36.41 ? 83   ASP A O   1 
ATOM   681 C CB  . ASP A 1 84 ? -10.380 4.654   6.745   1.00 35.22 ? 83   ASP A CB  1 
ATOM   682 C CG  . ASP A 1 84 ? -11.244 3.455   6.243   1.00 38.67 ? 83   ASP A CG  1 
ATOM   683 O OD1 . ASP A 1 84 ? -11.233 2.344   6.820   1.00 36.83 ? 83   ASP A OD1 1 
ATOM   684 O OD2 . ASP A 1 84 ? -12.000 3.660   5.271   1.00 36.02 ? 83   ASP A OD2 1 
ATOM   685 N N   . SER A 1 85 ? -8.314  2.244   6.999   1.00 31.57 ? 84   SER A N   1 
ATOM   686 C CA  . SER A 1 85 ? -7.247  1.456   6.335   1.00 31.50 ? 84   SER A CA  1 
ATOM   687 C C   . SER A 1 85 ? -7.863  0.489   5.317   1.00 30.46 ? 84   SER A C   1 
ATOM   688 O O   . SER A 1 85 ? -9.022  0.036   5.496   1.00 33.74 ? 84   SER A O   1 
ATOM   689 C CB  . SER A 1 85 ? -6.484  0.619   7.378   1.00 33.53 ? 84   SER A CB  1 
ATOM   690 O OG  . SER A 1 85 ? -5.782  1.410   8.329   1.00 36.67 ? 84   SER A OG  1 
ATOM   691 N N   . SER A 1 86 ? -7.046  0.103   4.322   1.00 32.72 ? 85   SER A N   1 
ATOM   692 C CA  . SER A 1 86 ? -7.434  -0.855  3.287   1.00 29.20 ? 85   SER A CA  1 
ATOM   693 C C   . SER A 1 86 ? -6.251  -1.821  3.120   1.00 32.96 ? 85   SER A C   1 
ATOM   694 O O   . SER A 1 86 ? -5.125  -1.428  3.404   1.00 33.50 ? 85   SER A O   1 
ATOM   695 C CB  . SER A 1 86 ? -7.811  -0.097  1.996   1.00 28.72 ? 85   SER A CB  1 
ATOM   696 O OG  . SER A 1 86 ? -9.065  0.592   2.170   1.00 34.99 ? 85   SER A OG  1 
ATOM   697 N N   . TYR A 1 87 ? -6.540  -3.069  2.729   1.00 32.26 ? 86   TYR A N   1 
ATOM   698 C CA  . TYR A 1 87 ? -5.547  -4.168  2.742   1.00 35.76 ? 86   TYR A CA  1 
ATOM   699 C C   . TYR A 1 87 ? -5.528  -4.930  1.407   1.00 35.63 ? 86   TYR A C   1 
ATOM   700 O O   . TYR A 1 87 ? -6.552  -5.001  0.728   1.00 37.65 ? 86   TYR A O   1 
ATOM   701 C CB  . TYR A 1 87 ? -5.894  -5.135  3.889   1.00 34.66 ? 86   TYR A CB  1 
ATOM   702 C CG  . TYR A 1 87 ? -5.831  -4.530  5.278   1.00 35.65 ? 86   TYR A CG  1 
ATOM   703 C CD1 . TYR A 1 87 ? -4.679  -4.608  6.042   1.00 37.26 ? 86   TYR A CD1 1 
ATOM   704 C CD2 . TYR A 1 87 ? -6.946  -3.895  5.839   1.00 34.51 ? 86   TYR A CD2 1 
ATOM   705 C CE1 . TYR A 1 87 ? -4.618  -4.058  7.329   1.00 36.60 ? 86   TYR A CE1 1 
ATOM   706 C CE2 . TYR A 1 87 ? -6.897  -3.342  7.138   1.00 37.24 ? 86   TYR A CE2 1 
ATOM   707 C CZ  . TYR A 1 87 ? -5.718  -3.430  7.869   1.00 36.32 ? 86   TYR A CZ  1 
ATOM   708 O OH  . TYR A 1 87 ? -5.610  -2.915  9.144   1.00 38.75 ? 86   TYR A OH  1 
ATOM   709 N N   . ALA A 1 88 ? -4.368  -5.501  1.028   1.00 36.89 ? 87   ALA A N   1 
ATOM   710 C CA  . ALA A 1 88 ? -4.309  -6.429  -0.110  1.00 36.44 ? 87   ALA A CA  1 
ATOM   711 C C   . ALA A 1 88 ? -3.084  -7.346  0.000   1.00 37.32 ? 87   ALA A C   1 
ATOM   712 O O   . ALA A 1 88 ? -2.178  -7.057  0.779   1.00 35.95 ? 87   ALA A O   1 
ATOM   713 C CB  . ALA A 1 88 ? -4.297  -5.642  -1.436  1.00 39.81 ? 87   ALA A CB  1 
ATOM   714 N N   . GLU A 1 89 ? -3.081  -8.446  -0.763  1.00 35.76 ? 88   GLU A N   1 
ATOM   715 C CA  . GLU A 1 89 ? -2.044  -9.466  -0.679  1.00 35.39 ? 88   GLU A CA  1 
ATOM   716 C C   . GLU A 1 89 ? -1.063  -9.331  -1.844  1.00 33.84 ? 88   GLU A C   1 
ATOM   717 O O   . GLU A 1 89 ? -1.441  -8.840  -2.942  1.00 34.65 ? 88   GLU A O   1 
ATOM   718 C CB  . GLU A 1 89 ? -2.689  -10.852 -0.739  1.00 35.30 ? 88   GLU A CB  1 
ATOM   719 C CG  . GLU A 1 89 ? -3.719  -11.073 0.373   1.00 35.74 ? 88   GLU A CG  1 
ATOM   720 C CD  . GLU A 1 89 ? -3.036  -11.144 1.725   1.00 39.61 ? 88   GLU A CD  1 
ATOM   721 O OE1 . GLU A 1 89 ? -2.235  -12.068 1.952   1.00 39.23 ? 88   GLU A OE1 1 
ATOM   722 O OE2 . GLU A 1 89 ? -3.274  -10.250 2.558   1.00 40.49 ? 88   GLU A OE2 1 
ATOM   723 N N   . LEU A 1 90 ? 0.161   -9.813  -1.628  1.00 34.24 ? 89   LEU A N   1 
ATOM   724 C CA  . LEU A 1 90 ? 1.155   -10.020 -2.686  1.00 35.34 ? 89   LEU A CA  1 
ATOM   725 C C   . LEU A 1 90 ? 1.480   -11.518 -2.633  1.00 32.52 ? 89   LEU A C   1 
ATOM   726 O O   . LEU A 1 90 ? 1.849   -12.035 -1.561  1.00 34.95 ? 89   LEU A O   1 
ATOM   727 C CB  . LEU A 1 90 ? 2.433   -9.192  -2.422  1.00 38.15 ? 89   LEU A CB  1 
ATOM   728 C CG  . LEU A 1 90 ? 3.452   -9.029  -3.558  1.00 37.33 ? 89   LEU A CG  1 
ATOM   729 C CD1 . LEU A 1 90 ? 4.432   -7.863  -3.255  1.00 39.01 ? 89   LEU A CD1 1 
ATOM   730 C CD2 . LEU A 1 90 ? 4.205   -10.311 -3.814  1.00 41.94 ? 89   LEU A CD2 1 
ATOM   731 N N   . PHE A 1 91 ? 1.256   -12.220 -3.741  1.00 31.94 ? 90   PHE A N   1 
ATOM   732 C CA  . PHE A 1 91 ? 1.593   -13.651 -3.869  1.00 33.73 ? 90   PHE A CA  1 
ATOM   733 C C   . PHE A 1 91 ? 2.853   -13.820 -4.743  1.00 35.29 ? 90   PHE A C   1 
ATOM   734 O O   . PHE A 1 91 ? 2.883   -13.337 -5.867  1.00 34.73 ? 90   PHE A O   1 
ATOM   735 C CB  . PHE A 1 91 ? 0.437   -14.459 -4.493  1.00 34.81 ? 90   PHE A CB  1 
ATOM   736 C CG  . PHE A 1 91 ? -0.943  -14.084 -3.979  1.00 35.66 ? 90   PHE A CG  1 
ATOM   737 C CD1 . PHE A 1 91 ? -1.375  -14.484 -2.707  1.00 34.65 ? 90   PHE A CD1 1 
ATOM   738 C CD2 . PHE A 1 91 ? -1.822  -13.381 -4.794  1.00 34.55 ? 90   PHE A CD2 1 
ATOM   739 C CE1 . PHE A 1 91 ? -2.654  -14.129 -2.246  1.00 36.51 ? 90   PHE A CE1 1 
ATOM   740 C CE2 . PHE A 1 91 ? -3.104  -13.028 -4.343  1.00 36.48 ? 90   PHE A CE2 1 
ATOM   741 C CZ  . PHE A 1 91 ? -3.518  -13.411 -3.075  1.00 36.44 ? 90   PHE A CZ  1 
ATOM   742 N N   . VAL A 1 92 ? 3.861   -14.514 -4.204  1.00 34.79 ? 91   VAL A N   1 
ATOM   743 C CA  . VAL A 1 92 ? 5.059   -14.985 -4.947  1.00 35.76 ? 91   VAL A CA  1 
ATOM   744 C C   . VAL A 1 92 ? 5.086   -16.524 -5.100  1.00 36.47 ? 91   VAL A C   1 
ATOM   745 O O   . VAL A 1 92 ? 4.873   -17.256 -4.126  1.00 39.03 ? 91   VAL A O   1 
ATOM   746 C CB  . VAL A 1 92 ? 6.374   -14.497 -4.247  1.00 34.13 ? 91   VAL A CB  1 
ATOM   747 C CG1 . VAL A 1 92 ? 7.645   -14.921 -5.047  1.00 35.26 ? 91   VAL A CG1 1 
ATOM   748 C CG2 . VAL A 1 92 ? 6.359   -12.989 -4.022  1.00 37.89 ? 91   VAL A CG2 1 
ATOM   749 N N   . LYS A 1 93 ? 5.372   -17.013 -6.307  1.00 36.56 ? 92   LYS A N   1 
ATOM   750 C CA  . LYS A 1 93 ? 5.483   -18.466 -6.580  1.00 37.44 ? 92   LYS A CA  1 
ATOM   751 C C   . LYS A 1 93 ? 6.509   -19.153 -5.665  1.00 35.26 ? 92   LYS A C   1 
ATOM   752 O O   . LYS A 1 93 ? 7.601   -18.639 -5.488  1.00 36.47 ? 92   LYS A O   1 
ATOM   753 C CB  . LYS A 1 93 ? 5.832   -18.713 -8.054  1.00 38.77 ? 92   LYS A CB  1 
ATOM   754 C CG  . LYS A 1 93 ? 5.823   -20.178 -8.449  1.00 40.78 ? 92   LYS A CG  1 
ATOM   755 C CD  . LYS A 1 93 ? 5.507   -20.340 -9.932  1.00 42.70 ? 92   LYS A CD  1 
ATOM   756 C CE  . LYS A 1 93 ? 5.150   -21.788 -10.290 1.00 41.74 ? 92   LYS A CE  1 
ATOM   757 N NZ  . LYS A 1 93 ? 6.355   -22.672 -10.429 1.00 45.50 ? 92   LYS A NZ  1 
ATOM   758 N N   . GLY A 1 94 ? 6.120   -20.266 -5.032  1.00 36.42 ? 93   GLY A N   1 
ATOM   759 C CA  . GLY A 1 94 ? 7.018   -21.020 -4.124  1.00 36.36 ? 93   GLY A CA  1 
ATOM   760 C C   . GLY A 1 94 ? 6.824   -20.784 -2.623  1.00 38.09 ? 93   GLY A C   1 
ATOM   761 O O   . GLY A 1 94 ? 7.433   -21.491 -1.805  1.00 36.29 ? 93   GLY A O   1 
ATOM   762 N N   . VAL A 1 95 ? 5.991   -19.799 -2.263  1.00 36.66 ? 94   VAL A N   1 
ATOM   763 C CA  . VAL A 1 95 ? 5.751   -19.419 -0.850  1.00 39.87 ? 94   VAL A CA  1 
ATOM   764 C C   . VAL A 1 95 ? 4.537   -20.115 -0.214  1.00 41.99 ? 94   VAL A C   1 
ATOM   765 O O   . VAL A 1 95 ? 4.697   -20.962 0.678   1.00 44.16 ? 94   VAL A O   1 
ATOM   766 C CB  . VAL A 1 95 ? 5.593   -17.872 -0.657  1.00 37.95 ? 94   VAL A CB  1 
ATOM   767 C CG1 . VAL A 1 95 ? 5.431   -17.518 0.858   1.00 35.29 ? 94   VAL A CG1 1 
ATOM   768 C CG2 . VAL A 1 95 ? 6.769   -17.117 -1.256  1.00 38.02 ? 94   VAL A CG2 1 
ATOM   769 N N   . ARG A 1 96 ? 3.340   -19.734 -0.659  1.00 41.30 ? 95   ARG A N   1 
ATOM   770 C CA  . ARG A 1 96 ? 2.083   -20.340 -0.189  1.00 41.79 ? 95   ARG A CA  1 
ATOM   771 C C   . ARG A 1 96 ? 1.762   -21.615 -0.966  1.00 42.57 ? 95   ARG A C   1 
ATOM   772 O O   . ARG A 1 96 ? 2.120   -21.740 -2.144  1.00 41.06 ? 95   ARG A O   1 
ATOM   773 C CB  . ARG A 1 96 ? 0.905   -19.358 -0.342  1.00 42.48 ? 95   ARG A CB  1 
ATOM   774 C CG  . ARG A 1 96 ? 1.118   -17.969 0.294   1.00 39.49 ? 95   ARG A CG  1 
ATOM   775 C CD  . ARG A 1 96 ? -0.130  -17.105 0.294   1.00 40.50 ? 95   ARG A CD  1 
ATOM   776 N NE  . ARG A 1 96 ? 0.222   -15.675 0.361   1.00 38.70 ? 95   ARG A NE  1 
ATOM   777 C CZ  . ARG A 1 96 ? -0.576  -14.700 0.796   1.00 33.57 ? 95   ARG A CZ  1 
ATOM   778 N NH1 . ARG A 1 96 ? -1.817  -14.954 1.216   1.00 35.38 ? 95   ARG A NH1 1 
ATOM   779 N NH2 . ARG A 1 96 ? -0.129  -13.454 0.788   1.00 33.79 ? 95   ARG A NH2 1 
ATOM   780 N N   . GLU A 1 97 ? 1.043   -22.534 -0.322  1.00 42.20 ? 96   GLU A N   1 
ATOM   781 C CA  . GLU A 1 97 ? 0.561   -23.754 -0.983  1.00 43.36 ? 96   GLU A CA  1 
ATOM   782 C C   . GLU A 1 97 ? -0.464  -23.393 -2.065  1.00 44.61 ? 96   GLU A C   1 
ATOM   783 O O   . GLU A 1 97 ? -1.208  -22.413 -1.941  1.00 43.88 ? 96   GLU A O   1 
ATOM   784 C CB  . GLU A 1 97 ? -0.038  -24.728 0.043   1.00 42.20 ? 96   GLU A CB  1 
ATOM   785 C CG  . GLU A 1 97 ? -0.458  -26.084 -0.521  1.00 45.58 ? 96   GLU A CG  1 
ATOM   786 C CD  . GLU A 1 97 ? -0.751  -27.130 0.568   1.00 44.62 ? 96   GLU A CD  1 
ATOM   787 O OE1 . GLU A 1 97 ? -1.443  -26.807 1.557   1.00 46.02 ? 96   GLU A OE1 1 
ATOM   788 O OE2 . GLU A 1 97 ? -0.301  -28.280 0.430   1.00 42.82 ? 96   GLU A OE2 1 
ATOM   789 O OXT . GLU A 1 97 ? -0.563  -24.062 -3.096  1.00 45.69 ? 96   GLU A OXT 1 
HETATM 790 O O   . HOH B 2 .  ? -12.468 8.000   8.535   1.00 41.59 ? 2001 HOH A O   1 
HETATM 791 O O   . HOH B 2 .  ? -18.372 -3.306  -1.260  1.00 45.67 ? 2002 HOH A O   1 
HETATM 792 O O   . HOH B 2 .  ? 3.301   -9.637  -14.206 1.00 51.07 ? 2003 HOH A O   1 
HETATM 793 O O   . HOH B 2 .  ? 2.420   -7.478  -13.234 1.00 41.49 ? 2004 HOH A O   1 
HETATM 794 O O   . HOH B 2 .  ? 4.499   -15.937 -11.116 1.00 36.96 ? 2005 HOH A O   1 
HETATM 795 O O   . HOH B 2 .  ? -9.281  2.371   -4.397  1.00 29.27 ? 2006 HOH A O   1 
HETATM 796 O O   . HOH B 2 .  ? -13.350 1.059   -3.529  1.00 36.41 ? 2007 HOH A O   1 
HETATM 797 O O   . HOH B 2 .  ? -17.547 -3.230  -4.151  1.00 43.67 ? 2008 HOH A O   1 
HETATM 798 O O   . HOH B 2 .  ? 10.361  -5.558  -14.167 1.00 51.16 ? 2009 HOH A O   1 
HETATM 799 O O   . HOH B 2 .  ? 11.735  -1.022  -11.352 1.00 51.33 ? 2010 HOH A O   1 
HETATM 800 O O   . HOH B 2 .  ? 7.027   -8.825  -13.385 1.00 44.71 ? 2011 HOH A O   1 
HETATM 801 O O   . HOH B 2 .  ? -9.945  -5.831  -2.451  1.00 45.59 ? 2012 HOH A O   1 
HETATM 802 O O   . HOH B 2 .  ? -2.762  -4.106  -7.031  1.00 28.12 ? 2013 HOH A O   1 
HETATM 803 O O   . HOH B 2 .  ? -5.148  -1.770  -6.172  1.00 38.44 ? 2014 HOH A O   1 
HETATM 804 O O   . HOH B 2 .  ? -2.997  -5.909  -9.428  1.00 40.57 ? 2015 HOH A O   1 
HETATM 805 O O   . HOH B 2 .  ? -14.360 4.427   -1.056  1.00 43.94 ? 2016 HOH A O   1 
HETATM 806 O O   . HOH B 2 .  ? -17.255 7.788   0.313   1.00 50.49 ? 2017 HOH A O   1 
HETATM 807 O O   . HOH B 2 .  ? -0.872  -9.268  -10.566 1.00 28.35 ? 2018 HOH A O   1 
HETATM 808 O O   . HOH B 2 .  ? 3.009   -10.940 -12.227 1.00 48.11 ? 2019 HOH A O   1 
HETATM 809 O O   . HOH B 2 .  ? 1.647   -7.867  -10.823 1.00 35.81 ? 2020 HOH A O   1 
HETATM 810 O O   . HOH B 2 .  ? 5.802   -15.458 -8.654  1.00 28.14 ? 2021 HOH A O   1 
HETATM 811 O O   . HOH B 2 .  ? 4.830   7.384   3.078   1.00 34.73 ? 2022 HOH A O   1 
HETATM 812 O O   . HOH B 2 .  ? 6.237   -27.803 -3.391  1.00 52.31 ? 2023 HOH A O   1 
HETATM 813 O O   . HOH B 2 .  ? 11.595  -14.279 -12.229 1.00 45.76 ? 2024 HOH A O   1 
HETATM 814 O O   . HOH B 2 .  ? 11.563  -10.475 -13.377 1.00 64.41 ? 2025 HOH A O   1 
HETATM 815 O O   . HOH B 2 .  ? 15.223  -12.352 -9.976  1.00 50.55 ? 2026 HOH A O   1 
HETATM 816 O O   . HOH B 2 .  ? 8.556   -15.715 -9.154  1.00 38.20 ? 2027 HOH A O   1 
HETATM 817 O O   . HOH B 2 .  ? 13.783  -5.290  6.492   1.00 48.40 ? 2028 HOH A O   1 
HETATM 818 O O   . HOH B 2 .  ? 12.680  -5.350  2.075   1.00 42.15 ? 2029 HOH A O   1 
HETATM 819 O O   . HOH B 2 .  ? 9.616   2.384   11.776  1.00 35.95 ? 2030 HOH A O   1 
HETATM 820 O O   . HOH B 2 .  ? 8.774   8.385   5.476   1.00 61.69 ? 2031 HOH A O   1 
HETATM 821 O O   . HOH B 2 .  ? 7.518   -6.610  -13.068 1.00 41.79 ? 2032 HOH A O   1 
HETATM 822 O O   . HOH B 2 .  ? 4.095   -5.475  -12.921 1.00 40.77 ? 2033 HOH A O   1 
HETATM 823 O O   . HOH B 2 .  ? 5.999   -8.899  -10.959 1.00 29.55 ? 2034 HOH A O   1 
HETATM 824 O O   . HOH B 2 .  ? 10.468  -3.625  -12.326 1.00 43.42 ? 2035 HOH A O   1 
HETATM 825 O O   . HOH B 2 .  ? 15.673  -4.900  0.373   1.00 52.52 ? 2036 HOH A O   1 
HETATM 826 O O   . HOH B 2 .  ? 1.137   -4.963  -10.109 1.00 32.30 ? 2037 HOH A O   1 
HETATM 827 O O   . HOH B 2 .  ? -0.436  10.709  -8.127  1.00 36.62 ? 2038 HOH A O   1 
HETATM 828 O O   . HOH B 2 .  ? -7.050  -0.368  -6.281  1.00 39.29 ? 2039 HOH A O   1 
HETATM 829 O O   . HOH B 2 .  ? -12.441 5.202   -3.040  1.00 38.38 ? 2040 HOH A O   1 
HETATM 830 O O   . HOH B 2 .  ? -11.921 10.257  -9.752  1.00 35.64 ? 2041 HOH A O   1 
HETATM 831 O O   . HOH B 2 .  ? 17.695  -10.518 -2.170  1.00 49.88 ? 2042 HOH A O   1 
HETATM 832 O O   . HOH B 2 .  ? -13.028 10.650  -5.581  1.00 52.39 ? 2043 HOH A O   1 
HETATM 833 O O   . HOH B 2 .  ? -14.138 7.264   -6.433  1.00 41.41 ? 2044 HOH A O   1 
HETATM 834 O O   . HOH B 2 .  ? 16.041  -18.145 -1.253  1.00 55.83 ? 2045 HOH A O   1 
HETATM 835 O O   . HOH B 2 .  ? 15.400  -13.726 -5.095  1.00 43.51 ? 2046 HOH A O   1 
HETATM 836 O O   . HOH B 2 .  ? 2.815   -18.295 3.809   1.00 43.01 ? 2047 HOH A O   1 
HETATM 837 O O   . HOH B 2 .  ? -18.190 8.696   3.159   1.00 41.90 ? 2048 HOH A O   1 
HETATM 838 O O   . HOH B 2 .  ? -12.032 15.573  -0.891  1.00 42.33 ? 2049 HOH A O   1 
HETATM 839 O O   . HOH B 2 .  ? -1.074  17.581  5.524   1.00 58.28 ? 2050 HOH A O   1 
HETATM 840 O O   . HOH B 2 .  ? -8.203  21.307  2.607   1.00 44.29 ? 2051 HOH A O   1 
HETATM 841 O O   . HOH B 2 .  ? -3.240  13.795  10.023  1.00 51.27 ? 2052 HOH A O   1 
HETATM 842 O O   . HOH B 2 .  ? -11.680 -2.166  1.252   1.00 51.66 ? 2053 HOH A O   1 
HETATM 843 O O   . HOH B 2 .  ? -8.814  -5.825  9.005   1.00 62.32 ? 2054 HOH A O   1 
HETATM 844 O O   . HOH B 2 .  ? -2.373  16.229  2.657   1.00 36.16 ? 2055 HOH A O   1 
HETATM 845 O O   . HOH B 2 .  ? 7.704   -25.253 -1.040  1.00 53.75 ? 2056 HOH A O   1 
HETATM 846 O O   . HOH B 2 .  ? 2.387   8.407   1.513   1.00 34.98 ? 2057 HOH A O   1 
HETATM 847 O O   . HOH B 2 .  ? 1.077   11.442  3.257   1.00 37.86 ? 2058 HOH A O   1 
HETATM 848 O O   . HOH B 2 .  ? -0.790  7.638   8.164   1.00 42.97 ? 2059 HOH A O   1 
HETATM 849 O O   . HOH B 2 .  ? 2.942   3.089   13.072  1.00 36.88 ? 2060 HOH A O   1 
HETATM 850 O O   . HOH B 2 .  ? 6.313   -0.884  12.612  1.00 38.38 ? 2061 HOH A O   1 
HETATM 851 O O   . HOH B 2 .  ? 11.466  -8.589  4.045   1.00 42.89 ? 2062 HOH A O   1 
HETATM 852 O O   . HOH B 2 .  ? 10.882  -6.075  4.932   1.00 44.13 ? 2063 HOH A O   1 
HETATM 853 O O   . HOH B 2 .  ? 10.319  -10.388 5.765   1.00 31.19 ? 2064 HOH A O   1 
HETATM 854 O O   . HOH B 2 .  ? 5.194   1.860   13.064  1.00 40.62 ? 2065 HOH A O   1 
HETATM 855 O O   . HOH B 2 .  ? 9.978   2.712   8.955   1.00 43.16 ? 2066 HOH A O   1 
HETATM 856 O O   . HOH B 2 .  ? 8.315   -0.268  11.434  1.00 36.67 ? 2067 HOH A O   1 
HETATM 857 O O   . HOH B 2 .  ? 10.645  -1.580  5.779   1.00 38.81 ? 2068 HOH A O   1 
HETATM 858 O O   . HOH B 2 .  ? 7.169   6.025   6.734   1.00 34.23 ? 2069 HOH A O   1 
HETATM 859 O O   . HOH B 2 .  ? 4.588   4.757   3.759   1.00 32.10 ? 2070 HOH A O   1 
HETATM 860 O O   . HOH B 2 .  ? 10.886  0.939   4.244   1.00 31.95 ? 2071 HOH A O   1 
HETATM 861 O O   . HOH B 2 .  ? 9.994   5.273   8.661   1.00 52.38 ? 2072 HOH A O   1 
HETATM 862 O O   . HOH B 2 .  ? 13.076  2.093   6.424   1.00 54.41 ? 2073 HOH A O   1 
HETATM 863 O O   . HOH B 2 .  ? 8.454   8.903   -4.495  1.00 35.76 ? 2074 HOH A O   1 
HETATM 864 O O   . HOH B 2 .  ? 12.755  7.982   3.140   1.00 56.24 ? 2075 HOH A O   1 
HETATM 865 O O   . HOH B 2 .  ? 8.825   8.597   3.055   1.00 49.14 ? 2076 HOH A O   1 
HETATM 866 O O   . HOH B 2 .  ? 12.933  0.552   2.820   1.00 38.92 ? 2077 HOH A O   1 
HETATM 867 O O   . HOH B 2 .  ? 14.636  -6.947  -1.936  1.00 35.46 ? 2078 HOH A O   1 
HETATM 868 O O   . HOH B 2 .  ? 9.656   -4.001  4.693   1.00 31.20 ? 2079 HOH A O   1 
HETATM 869 O O   . HOH B 2 .  ? 8.126   -5.788  0.570   1.00 25.57 ? 2080 HOH A O   1 
HETATM 870 O O   . HOH B 2 .  ? 8.245   7.250   -11.418 1.00 35.48 ? 2081 HOH A O   1 
HETATM 871 O O   . HOH B 2 .  ? 4.497   5.649   -6.226  1.00 27.90 ? 2082 HOH A O   1 
HETATM 872 O O   . HOH B 2 .  ? 8.172   8.710   -7.296  1.00 38.44 ? 2083 HOH A O   1 
HETATM 873 O O   . HOH B 2 .  ? 0.871   6.993   -0.360  1.00 28.30 ? 2084 HOH A O   1 
HETATM 874 O O   . HOH B 2 .  ? 0.219   9.145   -5.899  1.00 30.58 ? 2085 HOH A O   1 
HETATM 875 O O   . HOH B 2 .  ? 3.898   12.165  -3.148  1.00 34.35 ? 2086 HOH A O   1 
HETATM 876 O O   . HOH B 2 .  ? -5.025  15.440  0.636   1.00 33.12 ? 2087 HOH A O   1 
HETATM 877 O O   . HOH B 2 .  ? 1.696   15.735  -3.272  1.00 44.59 ? 2088 HOH A O   1 
HETATM 878 O O   . HOH B 2 .  ? 2.615   13.307  -0.357  1.00 38.21 ? 2089 HOH A O   1 
HETATM 879 O O   . HOH B 2 .  ? -2.795  11.735  -8.078  1.00 36.72 ? 2090 HOH A O   1 
HETATM 880 O O   . HOH B 2 .  ? 3.428   14.387  -4.247  1.00 45.75 ? 2091 HOH A O   1 
HETATM 881 O O   . HOH B 2 .  ? 3.623   11.527  -7.943  1.00 43.68 ? 2092 HOH A O   1 
HETATM 882 O O   . HOH B 2 .  ? -6.065  18.444  -4.335  1.00 42.18 ? 2093 HOH A O   1 
HETATM 883 O O   . HOH B 2 .  ? -7.106  15.864  -10.453 1.00 33.21 ? 2094 HOH A O   1 
HETATM 884 O O   . HOH B 2 .  ? -4.464  13.415  -9.437  1.00 40.77 ? 2095 HOH A O   1 
HETATM 885 O O   . HOH B 2 .  ? 12.133  -4.227  -9.947  1.00 35.01 ? 2096 HOH A O   1 
HETATM 886 O O   . HOH B 2 .  ? 16.120  -8.294  -4.213  1.00 54.27 ? 2097 HOH A O   1 
HETATM 887 O O   . HOH B 2 .  ? 15.448  -2.838  -4.285  1.00 57.65 ? 2098 HOH A O   1 
HETATM 888 O O   . HOH B 2 .  ? 14.288  -1.799  -9.444  1.00 48.92 ? 2099 HOH A O   1 
HETATM 889 O O   . HOH B 2 .  ? 15.223  -9.678  -6.663  1.00 40.35 ? 2100 HOH A O   1 
HETATM 890 O O   . HOH B 2 .  ? 13.770  -9.034  -0.200  1.00 35.02 ? 2101 HOH A O   1 
HETATM 891 O O   . HOH B 2 .  ? 15.824  -13.312 -0.689  1.00 51.24 ? 2102 HOH A O   1 
HETATM 892 O O   . HOH B 2 .  ? 13.350  -15.001 -3.649  1.00 43.57 ? 2103 HOH A O   1 
HETATM 893 O O   . HOH B 2 .  ? 14.179  -19.855 -2.219  1.00 38.40 ? 2104 HOH A O   1 
HETATM 894 O O   . HOH B 2 .  ? 7.874   -11.369 5.084   1.00 29.66 ? 2105 HOH A O   1 
HETATM 895 O O   . HOH B 2 .  ? 11.831  -7.817  1.380   1.00 31.28 ? 2106 HOH A O   1 
HETATM 896 O O   . HOH B 2 .  ? 2.820   -15.346 3.200   1.00 31.07 ? 2107 HOH A O   1 
HETATM 897 O O   . HOH B 2 .  ? 4.970   -11.513 5.050   1.00 30.08 ? 2108 HOH A O   1 
HETATM 898 O O   . HOH B 2 .  ? 0.049   -5.052  6.793   1.00 51.17 ? 2109 HOH A O   1 
HETATM 899 O O   . HOH B 2 .  ? -0.885  -12.894 4.437   1.00 51.15 ? 2110 HOH A O   1 
HETATM 900 O O   . HOH B 2 .  ? 1.763   -10.972 5.999   1.00 46.11 ? 2111 HOH A O   1 
HETATM 901 O O   . HOH B 2 .  ? -0.382  -2.889  10.509  1.00 39.69 ? 2112 HOH A O   1 
HETATM 902 O O   . HOH B 2 .  ? -4.349  -0.961  14.590  1.00 52.58 ? 2113 HOH A O   1 
HETATM 903 O O   . HOH B 2 .  ? -1.448  1.602   12.993  1.00 62.02 ? 2114 HOH A O   1 
HETATM 904 O O   . HOH B 2 .  ? -11.424 6.966   12.913  1.00 43.92 ? 2115 HOH A O   1 
HETATM 905 O O   . HOH B 2 .  ? -7.134  8.529   13.970  1.00 56.04 ? 2116 HOH A O   1 
HETATM 906 O O   . HOH B 2 .  ? -3.855  5.285   14.854  1.00 54.50 ? 2117 HOH A O   1 
HETATM 907 O O   . HOH B 2 .  ? -6.951  2.296   10.356  1.00 39.96 ? 2118 HOH A O   1 
HETATM 908 O O   . HOH B 2 .  ? -11.422 0.898   4.137   1.00 41.17 ? 2119 HOH A O   1 
HETATM 909 O O   . HOH B 2 .  ? -8.954  -3.352  0.089   1.00 32.44 ? 2120 HOH A O   1 
HETATM 910 O O   . HOH B 2 .  ? -8.182  -1.915  9.938   1.00 47.63 ? 2121 HOH A O   1 
HETATM 911 O O   . HOH B 2 .  ? -4.914  -4.360  11.385  1.00 57.59 ? 2122 HOH A O   1 
HETATM 912 O O   . HOH B 2 .  ? -8.163  -7.531  0.783   1.00 47.26 ? 2123 HOH A O   1 
HETATM 913 O O   . HOH B 2 .  ? -9.422  -3.829  2.935   1.00 32.50 ? 2124 HOH A O   1 
HETATM 914 O O   . HOH B 2 .  ? -5.659  -8.490  2.487   1.00 45.63 ? 2125 HOH A O   1 
HETATM 915 O O   . HOH B 2 .  ? 2.774   -17.722 -2.643  1.00 37.09 ? 2126 HOH A O   1 
HETATM 916 O O   . HOH B 2 .  ? 9.366   -17.661 -7.178  1.00 35.02 ? 2127 HOH A O   1 
HETATM 917 O O   . HOH B 2 .  ? 5.088   -23.554 -2.372  1.00 50.39 ? 2128 HOH A O   1 
HETATM 918 O O   . HOH B 2 .  ? 2.960   -20.891 -4.483  1.00 47.53 ? 2129 HOH A O   1 
# 
